data_3MDJ
#
_entry.id   3MDJ
#
_cell.length_a   71.029
_cell.length_b   234.635
_cell.length_c   95.860
_cell.angle_alpha   90.00
_cell.angle_beta   103.59
_cell.angle_gamma   90.00
#
_symmetry.space_group_name_H-M   'P 1 21 1'
#
loop_
_entity.id
_entity.type
_entity.pdbx_description
1 polymer 'Endoplasmic reticulum aminopeptidase 1'
2 branched alpha-D-mannopyranose-(1-3)-[alpha-D-mannopyranose-(1-6)]beta-D-mannopyranose-(1-4)-2-acetamido-2-deoxy-beta-D-glucopyranose-(1-4)-2-acetamido-2-deoxy-beta-D-glucopyranose
3 branched 2-acetamido-2-deoxy-beta-D-glucopyranose-(1-4)-2-acetamido-2-deoxy-beta-D-glucopyranose
4 non-polymer 'ZINC ION'
5 non-polymer '2-(3-AMINO-2-HYDROXY-4-PHENYL-BUTYRYLAMINO)-4-METHYL-PENTANOIC ACID'
6 non-polymer 2-acetamido-2-deoxy-beta-D-glucopyranose
#
_entity_poly.entity_id   1
_entity_poly.type   'polypeptide(L)'
_entity_poly.pdbx_seq_one_letter_code
;ASPKRSDGTPFPWNKIRLPEYVIPVHYDLLIHANLTTLTFWGTTKVEITASQPTSTIILHSHHLQISRATLRKGAGERLS
EEPLQVLEHPRQEQIALLAPEPLLVGLPYTVVIHYAGNLSETFHGFYKSTYRTKEGELRILASTQFEPTAARMAFPCFDE
PAFKASFSIKIRREPRHLAISNMPLVKSVTVAEGLIEDHFDVTVKMSTYLVAFIISDFESVSKITKSGVKVSVYAVPDKI
NQADYALDAAVTLLEFYEDYFSIPYPLPKQDLAAIPDFQSGAMENWGLTTYRESALLFDAEKSSASSKLDITMTVAHELA
HQWFGNLVTMEWWNDLWLNEGFAKFMEFVSVSVTHPELKVGDYFFGKCFDAMEVDALNSSHPVSTPVENPAQIREMFDDV
SYDKGACILNMLREYLSADAFKSGIVQYLQKHSYKNTKNEDLWDSMASICPTDGVKGMDGFCSRSQHSSSSSHWHQERVD
VKTMMNTWTLQRGFPLITITVRGRNVHMKQEHYMKGSDGAPDTGYLWHVPLTFITSKSDMVHRFLLKTKTDVLILPEEVE
WIKFNVGMNGYYIVHYEDDGWDSLTGLLKGTHTAVSSNDRASLINNAFQLVSIGKLSIEKALDLSLYLKHETEIMPVFQG
LNELIPMYKLMEKRDMNEVETQFKAFLIRLLRDLIDKQTWTDEGSVSERMLRSELLLLACVHNYQPCVQRAEGYFRKWKE
SNGNLSLPVDVTLAVFAVGAQSTEGWDFLYSKYQFSLSSTEKSQIEFALCRTQNKEKLQWLLDESFKGDKIKTQEFPQIL
TLIGRNPVGYPLAWQFLRKNWNKLVQKFELGSSSIAHMVMGTTNQFSTRTRLEEVKGFFSSLKENGSQLRCVQQTIETIE
ENIGWMDKNFDKIRVWLQSEKLEHDPEADATGLERMLESRG
;
_entity_poly.pdbx_strand_id   A,B,C
#
loop_
_chem_comp.id
_chem_comp.type
_chem_comp.name
_chem_comp.formula
BES non-polymer '2-(3-AMINO-2-HYDROXY-4-PHENYL-BUTYRYLAMINO)-4-METHYL-PENTANOIC ACID' 'C16 H24 N2 O4'
BMA D-saccharide, beta linking beta-D-mannopyranose 'C6 H12 O6'
MAN D-saccharide, alpha linking alpha-D-mannopyranose 'C6 H12 O6'
NAG D-saccharide, beta linking 2-acetamido-2-deoxy-beta-D-glucopyranose 'C8 H15 N O6'
ZN non-polymer 'ZINC ION' 'Zn 2'
#
# COMPACT_ATOMS: atom_id res chain seq x y z
N PRO A 10 19.38 -21.47 -47.07
CA PRO A 10 18.07 -20.97 -46.63
C PRO A 10 18.11 -20.62 -45.14
N PHE A 11 18.57 -19.42 -44.81
CA PHE A 11 18.79 -19.04 -43.41
C PHE A 11 17.53 -19.15 -42.57
N PRO A 12 17.63 -19.86 -41.43
CA PRO A 12 16.54 -20.20 -40.52
C PRO A 12 16.22 -19.10 -39.50
N TRP A 13 16.43 -17.84 -39.88
CA TRP A 13 16.14 -16.74 -38.97
C TRP A 13 16.11 -15.40 -39.69
N ASN A 14 15.02 -14.65 -39.53
CA ASN A 14 14.88 -13.39 -40.25
C ASN A 14 14.68 -12.17 -39.36
N LYS A 15 15.31 -12.16 -38.20
CA LYS A 15 15.21 -11.00 -37.30
C LYS A 15 16.58 -10.54 -36.81
N ILE A 16 16.74 -9.22 -36.70
CA ILE A 16 17.98 -8.65 -36.19
C ILE A 16 18.22 -9.10 -34.76
N ARG A 17 17.14 -9.23 -33.99
CA ARG A 17 17.22 -9.70 -32.62
C ARG A 17 17.32 -11.23 -32.58
N LEU A 18 18.11 -11.75 -31.66
CA LEU A 18 18.33 -13.19 -31.54
C LEU A 18 17.11 -13.89 -30.95
N PRO A 19 16.92 -15.16 -31.32
CA PRO A 19 15.86 -15.98 -30.71
C PRO A 19 16.01 -15.93 -29.20
N GLU A 20 14.90 -15.92 -28.48
CA GLU A 20 14.94 -15.75 -27.04
C GLU A 20 14.84 -17.08 -26.29
N TYR A 21 14.77 -18.18 -27.03
CA TYR A 21 14.54 -19.48 -26.41
C TYR A 21 15.80 -20.35 -26.26
N VAL A 22 16.94 -19.84 -26.70
CA VAL A 22 18.22 -20.48 -26.45
C VAL A 22 19.13 -19.52 -25.70
N ILE A 23 19.55 -19.94 -24.51
CA ILE A 23 20.17 -19.02 -23.55
C ILE A 23 21.58 -19.45 -23.10
N PRO A 24 22.55 -18.55 -23.22
CA PRO A 24 23.94 -18.76 -22.80
C PRO A 24 24.07 -18.68 -21.30
N VAL A 25 25.04 -19.40 -20.75
CA VAL A 25 25.23 -19.47 -19.32
C VAL A 25 26.67 -19.15 -18.98
N HIS A 26 27.58 -19.67 -19.80
CA HIS A 26 29.00 -19.48 -19.58
C HIS A 26 29.84 -19.65 -20.84
N TYR A 27 30.69 -18.66 -21.10
CA TYR A 27 31.63 -18.72 -22.21
C TYR A 27 33.02 -19.11 -21.73
N ASP A 28 33.67 -20.00 -22.48
CA ASP A 28 35.08 -20.30 -22.25
C ASP A 28 35.86 -19.86 -23.47
N LEU A 29 36.53 -18.72 -23.37
CA LEU A 29 37.22 -18.13 -24.53
C LEU A 29 38.70 -18.41 -24.54
N LEU A 30 39.18 -19.00 -25.62
CA LEU A 30 40.61 -19.09 -25.89
C LEU A 30 40.95 -18.29 -27.14
N ILE A 31 41.68 -17.19 -26.97
CA ILE A 31 42.13 -16.42 -28.12
C ILE A 31 43.64 -16.40 -28.23
N HIS A 32 44.13 -16.73 -29.41
CA HIS A 32 45.54 -16.74 -29.71
C HIS A 32 45.81 -15.74 -30.83
N ALA A 33 46.36 -14.57 -30.47
CA ALA A 33 46.61 -13.51 -31.44
C ALA A 33 48.10 -13.32 -31.74
N ASN A 34 48.41 -13.13 -33.02
CA ASN A 34 49.77 -12.88 -33.45
C ASN A 34 49.97 -11.40 -33.80
N LEU A 35 50.75 -10.70 -32.99
CA LEU A 35 50.96 -9.27 -33.19
C LEU A 35 52.08 -9.02 -34.19
N THR A 36 52.37 -10.03 -34.99
CA THR A 36 53.36 -9.90 -36.06
C THR A 36 52.66 -10.11 -37.39
N THR A 37 51.95 -11.23 -37.51
CA THR A 37 51.21 -11.56 -38.71
C THR A 37 49.80 -10.95 -38.65
N LEU A 38 49.45 -10.42 -37.49
CA LEU A 38 48.20 -9.69 -37.33
C LEU A 38 46.97 -10.55 -37.61
N THR A 39 46.99 -11.79 -37.10
CA THR A 39 45.86 -12.69 -37.24
C THR A 39 45.65 -13.41 -35.92
N PHE A 40 44.45 -13.94 -35.71
CA PHE A 40 44.15 -14.62 -34.47
C PHE A 40 43.19 -15.80 -34.62
N TRP A 41 43.48 -16.86 -33.88
CA TRP A 41 42.67 -18.06 -33.88
C TRP A 41 41.96 -18.16 -32.54
N GLY A 42 40.77 -18.76 -32.54
CA GLY A 42 40.04 -18.89 -31.29
C GLY A 42 39.27 -20.19 -31.14
N THR A 43 39.17 -20.64 -29.91
CA THR A 43 38.29 -21.75 -29.59
C THR A 43 37.41 -21.32 -28.44
N THR A 44 36.17 -20.94 -28.75
CA THR A 44 35.24 -20.55 -27.70
C THR A 44 34.18 -21.62 -27.49
N LYS A 45 33.92 -21.93 -26.23
CA LYS A 45 32.91 -22.89 -25.85
C LYS A 45 31.83 -22.19 -25.04
N VAL A 46 30.57 -22.37 -25.45
CA VAL A 46 29.46 -21.75 -24.73
C VAL A 46 28.51 -22.80 -24.17
N GLU A 47 28.28 -22.75 -22.87
CA GLU A 47 27.26 -23.58 -22.23
C GLU A 47 25.89 -22.93 -22.41
N ILE A 48 24.97 -23.65 -23.04
CA ILE A 48 23.65 -23.09 -23.34
C ILE A 48 22.51 -23.96 -22.81
N THR A 49 21.34 -23.35 -22.70
CA THR A 49 20.13 -24.06 -22.33
C THR A 49 18.98 -23.66 -23.27
N ALA A 50 18.18 -24.62 -23.68
CA ALA A 50 17.03 -24.35 -24.54
C ALA A 50 15.73 -24.40 -23.73
N SER A 51 14.89 -23.39 -23.90
CA SER A 51 13.61 -23.36 -23.20
C SER A 51 12.54 -23.98 -24.07
N GLN A 52 12.80 -24.04 -25.37
CA GLN A 52 11.92 -24.69 -26.32
C GLN A 52 12.73 -25.68 -27.14
N PRO A 53 12.09 -26.79 -27.55
CA PRO A 53 12.81 -27.77 -28.37
C PRO A 53 13.22 -27.10 -29.69
N THR A 54 14.40 -27.41 -30.19
CA THR A 54 14.91 -26.78 -31.41
C THR A 54 16.22 -27.41 -31.87
N SER A 55 16.43 -27.42 -33.18
CA SER A 55 17.64 -27.98 -33.75
C SER A 55 18.49 -26.93 -34.46
N THR A 56 18.17 -25.66 -34.24
CA THR A 56 18.97 -24.57 -34.79
C THR A 56 19.39 -23.61 -33.70
N ILE A 57 20.64 -23.16 -33.76
CA ILE A 57 21.15 -22.19 -32.80
C ILE A 57 21.64 -20.96 -33.54
N ILE A 58 20.89 -19.87 -33.45
CA ILE A 58 21.30 -18.60 -34.05
C ILE A 58 22.08 -17.75 -33.06
N LEU A 59 23.25 -17.28 -33.49
CA LEU A 59 24.05 -16.35 -32.70
C LEU A 59 24.85 -15.40 -33.58
N HIS A 60 25.67 -14.57 -32.95
CA HIS A 60 26.37 -13.48 -33.65
C HIS A 60 27.79 -13.83 -34.05
N SER A 61 28.15 -13.49 -35.29
CA SER A 61 29.53 -13.55 -35.75
C SER A 61 29.76 -12.54 -36.86
N HIS A 62 30.95 -11.95 -36.88
CA HIS A 62 31.24 -10.92 -37.87
C HIS A 62 32.72 -10.92 -38.26
N HIS A 63 32.99 -11.26 -39.52
CA HIS A 63 34.35 -11.34 -40.03
C HIS A 63 35.16 -12.42 -39.34
N LEU A 64 34.52 -13.55 -39.06
CA LEU A 64 35.20 -14.69 -38.47
C LEU A 64 35.04 -15.92 -39.36
N GLN A 65 36.15 -16.58 -39.63
CA GLN A 65 36.14 -17.78 -40.46
C GLN A 65 36.00 -19.02 -39.58
N ILE A 66 34.78 -19.56 -39.52
CA ILE A 66 34.49 -20.71 -38.66
C ILE A 66 35.10 -21.98 -39.23
N SER A 67 36.19 -22.44 -38.62
CA SER A 67 36.82 -23.69 -39.02
C SER A 67 35.91 -24.86 -38.70
N ARG A 68 35.32 -24.84 -37.51
CA ARG A 68 34.70 -26.03 -36.97
C ARG A 68 33.74 -25.73 -35.83
N ALA A 69 32.58 -26.38 -35.84
CA ALA A 69 31.61 -26.23 -34.75
C ALA A 69 30.95 -27.57 -34.44
N THR A 70 30.81 -27.85 -33.15
CA THR A 70 30.26 -29.12 -32.70
C THR A 70 29.41 -28.92 -31.45
N LEU A 71 28.59 -29.93 -31.13
CA LEU A 71 27.70 -29.87 -29.98
C LEU A 71 28.01 -30.98 -28.99
N ARG A 72 28.29 -30.62 -27.74
CA ARG A 72 28.64 -31.58 -26.70
C ARG A 72 27.57 -31.68 -25.62
N LYS A 73 27.39 -32.88 -25.07
CA LYS A 73 26.46 -33.10 -23.96
C LYS A 73 26.93 -34.22 -23.04
N GLY A 74 27.23 -33.87 -21.80
CA GLY A 74 27.71 -34.83 -20.82
C GLY A 74 28.94 -34.34 -20.07
N ARG A 78 29.80 -41.00 -21.19
CA ARG A 78 29.03 -39.92 -20.61
C ARG A 78 29.23 -38.66 -21.39
N LEU A 79 29.94 -38.82 -22.49
CA LEU A 79 30.23 -37.68 -23.30
C LEU A 79 29.85 -38.03 -24.72
N SER A 80 29.34 -37.04 -25.42
CA SER A 80 28.90 -37.24 -26.77
C SER A 80 29.07 -35.94 -27.52
N GLU A 81 29.53 -36.03 -28.75
CA GLU A 81 29.72 -34.84 -29.57
C GLU A 81 29.21 -35.11 -30.97
N GLU A 82 28.83 -34.06 -31.68
CA GLU A 82 28.27 -34.19 -33.00
C GLU A 82 28.48 -32.89 -33.77
N PRO A 83 28.78 -33.00 -35.07
CA PRO A 83 29.08 -31.83 -35.89
C PRO A 83 27.85 -30.97 -36.07
N LEU A 84 28.05 -29.66 -36.22
CA LEU A 84 26.95 -28.76 -36.51
C LEU A 84 27.15 -28.14 -37.89
N GLN A 85 26.12 -28.22 -38.73
CA GLN A 85 26.12 -27.51 -40.01
C GLN A 85 26.23 -26.02 -39.69
N VAL A 86 26.99 -25.29 -40.50
CA VAL A 86 27.20 -23.87 -40.23
C VAL A 86 26.76 -22.97 -41.39
N LEU A 87 25.78 -22.11 -41.12
CA LEU A 87 25.28 -21.18 -42.12
C LEU A 87 25.53 -19.74 -41.69
N GLU A 88 25.99 -18.90 -42.61
CA GLU A 88 26.22 -17.49 -42.28
C GLU A 88 25.20 -16.56 -42.94
N HIS A 89 24.83 -15.52 -42.21
CA HIS A 89 24.02 -14.43 -42.75
C HIS A 89 24.70 -13.11 -42.41
N PRO A 90 25.71 -12.75 -43.21
CA PRO A 90 26.58 -11.59 -42.99
C PRO A 90 25.80 -10.29 -42.80
N ARG A 91 24.73 -10.12 -43.57
CA ARG A 91 23.89 -8.94 -43.42
C ARG A 91 23.50 -8.72 -41.97
N GLN A 92 22.96 -9.77 -41.37
CA GLN A 92 22.47 -9.70 -40.00
C GLN A 92 23.59 -9.90 -39.00
N GLU A 93 24.78 -10.20 -39.51
CA GLU A 93 25.93 -10.51 -38.67
C GLU A 93 25.60 -11.69 -37.77
N GLN A 94 24.99 -12.71 -38.34
CA GLN A 94 24.53 -13.88 -37.59
C GLN A 94 25.04 -15.21 -38.18
N ILE A 95 25.09 -16.24 -37.35
CA ILE A 95 25.34 -17.60 -37.82
C ILE A 95 24.17 -18.47 -37.39
N ALA A 96 24.03 -19.61 -38.05
CA ALA A 96 23.11 -20.67 -37.63
C ALA A 96 23.88 -21.96 -37.50
N LEU A 97 23.69 -22.65 -36.37
CA LEU A 97 24.31 -23.94 -36.14
C LEU A 97 23.24 -25.01 -36.18
N LEU A 98 23.30 -25.86 -37.20
CA LEU A 98 22.29 -26.89 -37.37
C LEU A 98 22.70 -28.21 -36.71
N ALA A 99 21.83 -28.72 -35.85
CA ALA A 99 22.09 -29.97 -35.14
C ALA A 99 21.32 -31.09 -35.83
N PRO A 100 21.84 -32.32 -35.71
CA PRO A 100 21.16 -33.52 -36.21
C PRO A 100 19.79 -33.68 -35.54
N GLU A 101 19.78 -33.73 -34.22
CA GLU A 101 18.57 -33.91 -33.45
C GLU A 101 18.23 -32.62 -32.70
N PRO A 102 16.96 -32.45 -32.31
CA PRO A 102 16.53 -31.31 -31.50
C PRO A 102 17.17 -31.31 -30.12
N LEU A 103 17.20 -30.14 -29.47
CA LEU A 103 17.80 -30.05 -28.14
C LEU A 103 16.76 -30.36 -27.08
N LEU A 104 17.17 -31.08 -26.04
CA LEU A 104 16.28 -31.39 -24.94
C LEU A 104 16.14 -30.22 -23.98
N VAL A 105 14.91 -29.76 -23.81
CA VAL A 105 14.61 -28.62 -22.95
C VAL A 105 15.15 -28.80 -21.54
N GLY A 106 15.86 -27.78 -21.04
CA GLY A 106 16.35 -27.79 -19.68
C GLY A 106 17.70 -28.44 -19.52
N LEU A 107 18.05 -29.29 -20.49
CA LEU A 107 19.32 -29.99 -20.47
C LEU A 107 20.47 -29.07 -20.91
N PRO A 108 21.56 -29.07 -20.14
CA PRO A 108 22.73 -28.25 -20.48
C PRO A 108 23.57 -28.86 -21.60
N TYR A 109 23.74 -28.11 -22.69
CA TYR A 109 24.65 -28.49 -23.76
C TYR A 109 25.86 -27.56 -23.74
N THR A 110 26.78 -27.82 -24.66
CA THR A 110 27.91 -26.93 -24.89
C THR A 110 28.21 -26.87 -26.39
N VAL A 111 28.34 -25.66 -26.91
CA VAL A 111 28.73 -25.46 -28.30
C VAL A 111 30.21 -25.13 -28.33
N VAL A 112 30.97 -25.85 -29.14
CA VAL A 112 32.39 -25.56 -29.29
C VAL A 112 32.66 -25.08 -30.70
N ILE A 113 33.21 -23.88 -30.81
CA ILE A 113 33.46 -23.29 -32.12
C ILE A 113 34.91 -22.91 -32.31
N HIS A 114 35.48 -23.35 -33.42
CA HIS A 114 36.82 -22.96 -33.82
C HIS A 114 36.72 -21.96 -34.96
N TYR A 115 37.46 -20.87 -34.86
CA TYR A 115 37.38 -19.81 -35.85
C TYR A 115 38.72 -19.10 -35.99
N ALA A 116 38.85 -18.28 -37.02
CA ALA A 116 40.06 -17.51 -37.25
C ALA A 116 39.71 -16.17 -37.87
N GLY A 117 40.59 -15.19 -37.68
CA GLY A 117 40.33 -13.86 -38.20
C GLY A 117 41.55 -12.94 -38.17
N ASN A 118 41.40 -11.78 -38.80
CA ASN A 118 42.47 -10.80 -38.88
C ASN A 118 42.18 -9.63 -37.93
N LEU A 119 43.15 -9.28 -37.08
CA LEU A 119 42.98 -8.15 -36.16
C LEU A 119 42.40 -6.97 -36.93
N SER A 120 41.38 -6.35 -36.35
CA SER A 120 40.76 -5.18 -36.95
C SER A 120 41.79 -4.08 -37.21
N GLU A 121 41.67 -3.42 -38.35
CA GLU A 121 42.50 -2.25 -38.63
C GLU A 121 41.62 -1.02 -38.60
N THR A 122 40.48 -1.15 -37.92
CA THR A 122 39.46 -0.11 -37.92
C THR A 122 39.12 0.40 -36.52
N PHE A 123 39.94 0.06 -35.54
CA PHE A 123 39.78 0.58 -34.17
C PHE A 123 38.45 0.21 -33.52
N HIS A 124 37.96 -0.98 -33.87
CA HIS A 124 36.75 -1.52 -33.27
C HIS A 124 36.89 -3.03 -33.31
N GLY A 125 36.31 -3.71 -32.33
CA GLY A 125 36.43 -5.15 -32.23
C GLY A 125 37.76 -5.53 -31.59
N PHE A 126 38.41 -6.55 -32.13
CA PHE A 126 39.75 -6.94 -31.68
C PHE A 126 40.75 -6.29 -32.64
N TYR A 127 41.22 -5.10 -32.27
CA TYR A 127 41.93 -4.27 -33.23
C TYR A 127 43.41 -4.02 -32.95
N LYS A 128 44.17 -3.88 -34.03
CA LYS A 128 45.59 -3.51 -33.95
C LYS A 128 45.75 -2.01 -33.71
N SER A 129 46.74 -1.67 -32.88
CA SER A 129 47.08 -0.28 -32.62
C SER A 129 48.59 -0.18 -32.45
N THR A 130 49.18 0.96 -32.79
CA THR A 130 50.64 1.09 -32.76
C THR A 130 51.13 2.29 -31.95
N TYR A 131 52.44 2.30 -31.68
CA TYR A 131 53.09 3.46 -31.08
C TYR A 131 54.59 3.42 -31.33
N ARG A 132 55.26 4.55 -31.16
CA ARG A 132 56.71 4.59 -31.31
C ARG A 132 57.43 5.04 -30.03
N THR A 133 58.46 4.28 -29.64
CA THR A 133 59.27 4.60 -28.48
C THR A 133 60.09 5.86 -28.75
N LYS A 134 60.65 6.44 -27.69
CA LYS A 134 61.51 7.62 -27.86
C LYS A 134 62.69 7.28 -28.77
N GLU A 135 63.12 6.02 -28.73
CA GLU A 135 64.15 5.53 -29.64
C GLU A 135 63.64 5.52 -31.08
N GLY A 136 62.32 5.73 -31.22
CA GLY A 136 61.71 5.84 -32.54
C GLY A 136 61.25 4.55 -33.15
N GLU A 137 61.32 3.44 -32.40
CA GLU A 137 60.90 2.15 -32.92
C GLU A 137 59.39 1.94 -32.79
N LEU A 138 58.81 1.21 -33.74
CA LEU A 138 57.37 1.04 -33.83
C LEU A 138 56.89 -0.25 -33.19
N ARG A 139 55.97 -0.13 -32.23
CA ARG A 139 55.46 -1.28 -31.49
C ARG A 139 53.99 -1.52 -31.80
N ILE A 140 53.57 -2.77 -31.69
CA ILE A 140 52.18 -3.15 -31.93
C ILE A 140 51.50 -3.64 -30.65
N LEU A 141 50.24 -3.24 -30.47
CA LEU A 141 49.40 -3.84 -29.43
C LEU A 141 48.06 -4.30 -30.00
N ALA A 142 47.43 -5.23 -29.31
CA ALA A 142 46.07 -5.67 -29.64
C ALA A 142 45.13 -5.28 -28.50
N SER A 143 43.96 -4.77 -28.85
CA SER A 143 43.03 -4.26 -27.85
C SER A 143 41.58 -4.53 -28.23
N THR A 144 40.66 -4.27 -27.31
CA THR A 144 39.24 -4.51 -27.56
C THR A 144 38.39 -3.25 -27.48
N GLN A 145 37.34 -3.23 -28.29
CA GLN A 145 36.32 -2.21 -28.21
C GLN A 145 35.05 -2.84 -28.76
N PHE A 146 34.15 -3.24 -27.86
CA PHE A 146 32.98 -4.03 -28.25
C PHE A 146 31.68 -3.24 -28.30
N GLU A 147 31.53 -2.24 -27.45
CA GLU A 147 30.30 -1.46 -27.46
C GLU A 147 30.12 -0.84 -28.83
N PRO A 148 28.96 -1.05 -29.45
CA PRO A 148 27.82 -1.79 -28.89
C PRO A 148 27.75 -3.24 -29.36
N THR A 149 28.37 -3.52 -30.51
CA THR A 149 28.06 -4.71 -31.28
C THR A 149 29.32 -5.35 -31.90
N ALA A 150 30.44 -5.25 -31.20
CA ALA A 150 31.71 -5.70 -31.77
C ALA A 150 32.29 -6.99 -31.18
N ALA A 151 31.69 -7.48 -30.09
CA ALA A 151 32.17 -8.72 -29.49
C ALA A 151 32.14 -9.86 -30.50
N ARG A 152 31.15 -9.80 -31.38
CA ARG A 152 30.95 -10.83 -32.39
C ARG A 152 32.10 -10.84 -33.39
N MET A 153 32.95 -9.81 -33.31
CA MET A 153 34.11 -9.70 -34.18
C MET A 153 35.32 -10.43 -33.59
N ALA A 154 35.35 -10.56 -32.26
CA ALA A 154 36.45 -11.21 -31.58
C ALA A 154 36.15 -12.69 -31.31
N PHE A 155 34.88 -13.00 -31.07
CA PHE A 155 34.45 -14.38 -30.86
C PHE A 155 32.96 -14.49 -31.03
N PRO A 156 32.50 -15.64 -31.55
CA PRO A 156 31.06 -15.89 -31.71
C PRO A 156 30.36 -15.80 -30.37
N CYS A 157 29.16 -15.23 -30.35
CA CYS A 157 28.42 -15.11 -29.11
C CYS A 157 26.99 -14.64 -29.34
N PHE A 158 26.19 -14.66 -28.28
CA PHE A 158 24.87 -14.07 -28.30
C PHE A 158 25.06 -12.62 -27.90
N ASP A 159 25.32 -11.78 -28.90
CA ASP A 159 25.82 -10.43 -28.67
C ASP A 159 24.71 -9.41 -28.43
N GLU A 160 23.87 -9.70 -27.43
CA GLU A 160 22.90 -8.72 -26.96
C GLU A 160 23.11 -8.51 -25.46
N PRO A 161 22.85 -7.29 -24.97
CA PRO A 161 23.24 -6.96 -23.59
C PRO A 161 22.41 -7.72 -22.55
N ALA A 162 21.28 -8.29 -22.98
CA ALA A 162 20.40 -9.01 -22.06
C ALA A 162 20.88 -10.44 -21.79
N PHE A 163 21.67 -10.97 -22.73
CA PHE A 163 22.21 -12.31 -22.60
C PHE A 163 23.49 -12.31 -21.77
N LYS A 164 23.35 -12.15 -20.46
CA LYS A 164 24.53 -12.10 -19.60
C LYS A 164 25.06 -13.49 -19.29
N ALA A 165 26.35 -13.57 -18.97
CA ALA A 165 26.98 -14.83 -18.66
C ALA A 165 28.33 -14.65 -17.97
N SER A 166 28.96 -15.77 -17.63
CA SER A 166 30.27 -15.76 -17.03
C SER A 166 31.29 -16.07 -18.12
N PHE A 167 32.52 -15.56 -17.96
CA PHE A 167 33.55 -15.72 -18.98
C PHE A 167 34.87 -16.21 -18.40
N SER A 168 35.32 -17.38 -18.86
CA SER A 168 36.68 -17.83 -18.60
C SER A 168 37.57 -17.52 -19.81
N ILE A 169 38.37 -16.47 -19.70
CA ILE A 169 39.18 -16.00 -20.82
C ILE A 169 40.65 -16.41 -20.73
N LYS A 170 41.13 -17.03 -21.80
CA LYS A 170 42.52 -17.46 -21.91
C LYS A 170 43.21 -16.81 -23.10
N ILE A 171 44.29 -16.08 -22.82
CA ILE A 171 45.04 -15.42 -23.88
C ILE A 171 46.42 -16.05 -24.07
N ARG A 172 46.69 -16.50 -25.28
CA ARG A 172 48.02 -16.99 -25.60
C ARG A 172 48.86 -15.86 -26.20
N ARG A 173 50.08 -15.71 -25.71
CA ARG A 173 50.91 -14.56 -26.02
C ARG A 173 52.40 -14.90 -26.05
N GLU A 174 53.19 -14.00 -26.62
CA GLU A 174 54.64 -14.11 -26.55
C GLU A 174 55.11 -13.66 -25.18
N PRO A 175 56.33 -14.05 -24.79
CA PRO A 175 56.88 -13.66 -23.49
C PRO A 175 57.21 -12.18 -23.40
N ARG A 176 57.31 -11.51 -24.54
CA ARG A 176 57.66 -10.09 -24.57
C ARG A 176 56.43 -9.21 -24.34
N HIS A 177 55.26 -9.83 -24.30
CA HIS A 177 54.01 -9.10 -24.09
C HIS A 177 53.39 -9.47 -22.75
N LEU A 178 52.31 -8.79 -22.42
CA LEU A 178 51.49 -9.17 -21.28
C LEU A 178 50.03 -8.98 -21.64
N ALA A 179 49.18 -9.91 -21.21
CA ALA A 179 47.76 -9.79 -21.43
C ALA A 179 47.09 -9.31 -20.15
N ILE A 180 46.20 -8.34 -20.26
CA ILE A 180 45.30 -8.01 -19.17
C ILE A 180 43.87 -8.15 -19.65
N SER A 181 42.94 -8.36 -18.73
CA SER A 181 41.54 -8.54 -19.10
C SER A 181 40.62 -8.00 -18.01
N ASN A 182 39.35 -8.41 -18.05
CA ASN A 182 38.38 -8.00 -17.03
C ASN A 182 38.82 -8.44 -15.64
N MET A 183 39.14 -9.72 -15.51
CA MET A 183 39.44 -10.29 -14.20
C MET A 183 40.94 -10.43 -13.99
N PRO A 184 41.36 -10.65 -12.73
CA PRO A 184 42.78 -10.86 -12.39
C PRO A 184 43.36 -12.09 -13.05
N LEU A 185 44.67 -12.08 -13.28
CA LEU A 185 45.36 -13.22 -13.85
C LEU A 185 45.51 -14.32 -12.79
N VAL A 186 45.11 -15.52 -13.14
CA VAL A 186 45.15 -16.64 -12.20
C VAL A 186 46.46 -17.38 -12.33
N LYS A 187 46.80 -17.79 -13.54
CA LYS A 187 48.06 -18.46 -13.80
C LYS A 187 48.54 -18.22 -15.22
N SER A 188 49.86 -18.17 -15.37
CA SER A 188 50.49 -18.16 -16.69
C SER A 188 51.12 -19.53 -16.90
N VAL A 189 50.87 -20.12 -18.07
CA VAL A 189 51.40 -21.43 -18.37
C VAL A 189 52.15 -21.45 -19.68
N THR A 190 53.46 -21.69 -19.62
CA THR A 190 54.24 -21.92 -20.82
C THR A 190 53.60 -23.09 -21.57
N VAL A 191 53.15 -22.83 -22.79
CA VAL A 191 52.34 -23.80 -23.53
C VAL A 191 53.13 -24.44 -24.65
N ALA A 192 54.11 -23.69 -25.15
CA ALA A 192 55.00 -24.18 -26.18
C ALA A 192 56.23 -23.32 -26.11
N GLU A 193 57.08 -23.39 -27.13
CA GLU A 193 58.33 -22.65 -27.13
C GLU A 193 58.16 -21.17 -26.78
N GLY A 194 57.71 -20.38 -27.75
CA GLY A 194 57.54 -18.96 -27.50
C GLY A 194 56.12 -18.59 -27.11
N LEU A 195 55.40 -19.52 -26.50
CA LEU A 195 53.99 -19.32 -26.18
C LEU A 195 53.65 -19.49 -24.71
N ILE A 196 52.93 -18.51 -24.17
CA ILE A 196 52.40 -18.58 -22.81
C ILE A 196 50.89 -18.43 -22.83
N GLU A 197 50.19 -19.25 -22.05
CA GLU A 197 48.75 -19.16 -21.96
C GLU A 197 48.36 -18.52 -20.65
N ASP A 198 47.82 -17.31 -20.73
CA ASP A 198 47.34 -16.60 -19.56
C ASP A 198 45.91 -16.99 -19.23
N HIS A 199 45.69 -17.40 -17.98
CA HIS A 199 44.36 -17.73 -17.49
C HIS A 199 43.89 -16.64 -16.54
N PHE A 200 42.79 -15.99 -16.88
CA PHE A 200 42.20 -15.01 -15.99
C PHE A 200 41.00 -15.64 -15.30
N ASP A 201 40.67 -15.14 -14.12
CA ASP A 201 39.57 -15.70 -13.36
C ASP A 201 38.24 -15.58 -14.12
N VAL A 202 37.29 -16.43 -13.75
CA VAL A 202 35.93 -16.38 -14.28
C VAL A 202 35.28 -15.07 -13.88
N THR A 203 34.59 -14.45 -14.82
CA THR A 203 33.91 -13.18 -14.55
C THR A 203 32.64 -13.47 -13.79
N VAL A 204 31.99 -12.41 -13.33
CA VAL A 204 30.63 -12.51 -12.83
C VAL A 204 29.71 -12.38 -14.04
N LYS A 205 28.40 -12.50 -13.82
CA LYS A 205 27.44 -12.35 -14.90
C LYS A 205 27.53 -10.94 -15.52
N MET A 206 27.81 -10.90 -16.83
CA MET A 206 27.96 -9.65 -17.54
C MET A 206 27.63 -9.80 -19.02
N SER A 207 27.42 -8.66 -19.67
CA SER A 207 27.12 -8.64 -21.10
C SER A 207 28.38 -8.72 -21.96
N THR A 208 28.23 -9.21 -23.18
CA THR A 208 29.37 -9.39 -24.07
C THR A 208 30.16 -8.11 -24.35
N TYR A 209 29.47 -7.01 -24.57
CA TYR A 209 30.14 -5.78 -24.96
C TYR A 209 31.08 -5.24 -23.88
N LEU A 210 30.94 -5.75 -22.67
CA LEU A 210 31.76 -5.27 -21.55
C LEU A 210 33.01 -6.12 -21.36
N VAL A 211 33.09 -7.25 -22.07
CA VAL A 211 34.26 -8.11 -22.04
C VAL A 211 35.44 -7.44 -22.75
N ALA A 212 36.65 -7.64 -22.23
CA ALA A 212 37.80 -6.93 -22.76
C ALA A 212 39.12 -7.62 -22.44
N PHE A 213 40.08 -7.47 -23.33
CA PHE A 213 41.43 -7.98 -23.12
C PHE A 213 42.43 -7.19 -23.95
N ILE A 214 43.61 -6.99 -23.39
CA ILE A 214 44.66 -6.22 -24.03
C ILE A 214 45.94 -7.02 -24.08
N ILE A 215 46.58 -7.03 -25.25
CA ILE A 215 47.89 -7.65 -25.37
C ILE A 215 48.90 -6.58 -25.80
N SER A 216 49.90 -6.37 -24.97
CA SER A 216 50.87 -5.30 -25.22
C SER A 216 52.12 -5.44 -24.37
N ASP A 217 52.84 -4.34 -24.21
CA ASP A 217 54.05 -4.32 -23.40
C ASP A 217 54.03 -3.16 -22.41
N PHE A 218 52.83 -2.82 -21.94
CA PHE A 218 52.64 -1.67 -21.06
C PHE A 218 53.27 -1.82 -19.69
N GLU A 219 53.61 -0.68 -19.09
CA GLU A 219 53.96 -0.62 -17.69
C GLU A 219 52.70 -0.31 -16.91
N SER A 220 52.78 -0.40 -15.59
CA SER A 220 51.66 -0.06 -14.74
C SER A 220 52.12 0.57 -13.44
N VAL A 221 51.29 1.42 -12.88
CA VAL A 221 51.48 1.89 -11.52
C VAL A 221 50.20 1.52 -10.75
N SER A 222 50.37 1.03 -9.52
CA SER A 222 49.23 0.48 -8.79
C SER A 222 49.08 1.05 -7.40
N LYS A 223 47.84 1.34 -7.03
CA LYS A 223 47.54 1.70 -5.64
C LYS A 223 46.39 0.82 -5.13
N ILE A 224 46.33 0.65 -3.81
CA ILE A 224 45.27 -0.15 -3.20
C ILE A 224 44.29 0.75 -2.45
N THR A 225 43.02 0.64 -2.77
CA THR A 225 41.97 1.43 -2.13
C THR A 225 41.83 1.04 -0.66
N LYS A 226 41.02 1.79 0.09
CA LYS A 226 40.79 1.50 1.50
C LYS A 226 40.10 0.13 1.70
N SER A 227 39.25 -0.25 0.75
CA SER A 227 38.55 -1.52 0.82
C SER A 227 39.32 -2.67 0.17
N GLY A 228 40.59 -2.44 -0.13
CA GLY A 228 41.46 -3.49 -0.63
C GLY A 228 41.35 -3.79 -2.12
N VAL A 229 40.62 -2.95 -2.84
CA VAL A 229 40.52 -3.09 -4.28
C VAL A 229 41.77 -2.53 -4.92
N LYS A 230 42.47 -3.36 -5.69
CA LYS A 230 43.69 -2.90 -6.35
C LYS A 230 43.38 -2.13 -7.63
N VAL A 231 43.87 -0.88 -7.68
CA VAL A 231 43.69 -0.02 -8.83
C VAL A 231 45.03 0.19 -9.54
N SER A 232 45.05 -0.03 -10.85
CA SER A 232 46.27 0.08 -11.61
C SER A 232 46.06 0.90 -12.87
N VAL A 233 47.09 1.63 -13.27
CA VAL A 233 47.06 2.32 -14.55
C VAL A 233 48.14 1.75 -15.45
N TYR A 234 47.73 1.26 -16.62
CA TYR A 234 48.66 0.77 -17.62
C TYR A 234 48.86 1.82 -18.71
N ALA A 235 50.10 1.98 -19.15
CA ALA A 235 50.41 2.91 -20.22
C ALA A 235 51.68 2.49 -20.94
N VAL A 236 51.93 3.10 -22.10
CA VAL A 236 53.17 2.87 -22.81
C VAL A 236 54.36 3.13 -21.88
N PRO A 237 55.39 2.28 -21.97
CA PRO A 237 56.48 2.30 -20.97
C PRO A 237 57.13 3.68 -20.79
N ASP A 238 57.18 4.46 -21.86
CA ASP A 238 57.82 5.78 -21.82
C ASP A 238 56.96 6.84 -21.13
N LYS A 239 55.67 6.55 -21.01
CA LYS A 239 54.74 7.54 -20.48
C LYS A 239 54.15 7.15 -19.13
N ILE A 240 54.47 5.94 -18.67
CA ILE A 240 53.90 5.43 -17.43
C ILE A 240 54.05 6.39 -16.25
N ASN A 241 55.08 7.25 -16.30
CA ASN A 241 55.31 8.21 -15.23
C ASN A 241 54.30 9.37 -15.23
N GLN A 242 53.38 9.35 -16.19
CA GLN A 242 52.35 10.38 -16.29
C GLN A 242 51.00 9.89 -15.78
N ALA A 243 51.00 8.70 -15.19
CA ALA A 243 49.74 8.11 -14.73
C ALA A 243 49.44 8.45 -13.29
N ASP A 244 50.43 8.97 -12.57
CA ASP A 244 50.31 9.27 -11.15
C ASP A 244 49.02 10.01 -10.78
N TYR A 245 48.62 10.98 -11.59
CA TYR A 245 47.42 11.73 -11.31
C TYR A 245 46.16 10.90 -11.49
N ALA A 246 45.99 10.32 -12.68
CA ALA A 246 44.82 9.50 -12.96
C ALA A 246 44.65 8.42 -11.89
N LEU A 247 45.75 7.77 -11.52
CA LEU A 247 45.70 6.71 -10.52
C LEU A 247 45.12 7.20 -9.20
N ASP A 248 45.61 8.34 -8.73
CA ASP A 248 45.11 8.91 -7.49
C ASP A 248 43.64 9.30 -7.64
N ALA A 249 43.30 9.87 -8.77
CA ALA A 249 41.92 10.26 -9.04
C ALA A 249 41.03 9.01 -9.04
N ALA A 250 41.54 7.94 -9.63
CA ALA A 250 40.79 6.69 -9.71
C ALA A 250 40.52 6.14 -8.32
N VAL A 251 41.55 6.09 -7.49
CA VAL A 251 41.43 5.54 -6.15
C VAL A 251 40.38 6.26 -5.30
N THR A 252 40.46 7.58 -5.26
CA THR A 252 39.55 8.36 -4.43
C THR A 252 38.12 8.31 -4.96
N LEU A 253 37.97 8.25 -6.28
CA LEU A 253 36.65 8.19 -6.91
C LEU A 253 36.00 6.82 -6.72
N LEU A 254 36.81 5.79 -6.75
CA LEU A 254 36.30 4.44 -6.52
C LEU A 254 35.75 4.37 -5.11
N GLU A 255 36.54 4.84 -4.16
CA GLU A 255 36.11 4.94 -2.77
C GLU A 255 34.82 5.76 -2.62
N PHE A 256 34.70 6.82 -3.40
CA PHE A 256 33.50 7.65 -3.33
C PHE A 256 32.28 6.85 -3.76
N TYR A 257 32.36 6.25 -4.93
CA TYR A 257 31.25 5.50 -5.47
C TYR A 257 30.82 4.36 -4.56
N GLU A 258 31.80 3.68 -3.95
CA GLU A 258 31.49 2.56 -3.05
C GLU A 258 30.62 3.02 -1.90
N ASP A 259 30.88 4.22 -1.41
CA ASP A 259 30.10 4.81 -0.33
C ASP A 259 28.72 5.23 -0.85
N TYR A 260 28.73 6.03 -1.91
CA TYR A 260 27.50 6.53 -2.51
C TYR A 260 26.49 5.42 -2.82
N PHE A 261 26.91 4.47 -3.65
CA PHE A 261 26.05 3.35 -4.02
C PHE A 261 25.85 2.34 -2.89
N SER A 262 26.62 2.50 -1.81
CA SER A 262 26.54 1.59 -0.68
C SER A 262 26.65 0.12 -1.13
N ILE A 263 27.43 -0.09 -2.18
CA ILE A 263 27.69 -1.41 -2.70
C ILE A 263 29.16 -1.46 -3.05
N PRO A 264 29.89 -2.42 -2.47
CA PRO A 264 31.33 -2.57 -2.71
C PRO A 264 31.63 -2.77 -4.18
N TYR A 265 32.75 -2.24 -4.65
CA TYR A 265 33.16 -2.45 -6.02
C TYR A 265 33.06 -3.93 -6.34
N PRO A 266 32.27 -4.28 -7.36
CA PRO A 266 31.91 -5.67 -7.67
C PRO A 266 33.09 -6.59 -7.97
N LEU A 267 34.19 -6.03 -8.45
CA LEU A 267 35.31 -6.84 -8.93
C LEU A 267 36.54 -6.79 -8.03
N PRO A 268 37.47 -7.73 -8.20
CA PRO A 268 38.70 -7.78 -7.39
C PRO A 268 39.62 -6.60 -7.64
N LYS A 269 39.73 -6.18 -8.89
CA LYS A 269 40.64 -5.08 -9.24
C LYS A 269 40.02 -4.13 -10.27
N GLN A 270 40.67 -2.99 -10.47
CA GLN A 270 40.26 -2.03 -11.48
C GLN A 270 41.50 -1.56 -12.24
N ASP A 271 41.55 -1.81 -13.55
CA ASP A 271 42.69 -1.45 -14.38
C ASP A 271 42.31 -0.37 -15.38
N LEU A 272 42.93 0.80 -15.27
CA LEU A 272 42.77 1.84 -16.29
C LEU A 272 43.94 1.80 -17.26
N ALA A 273 43.65 1.62 -18.54
CA ALA A 273 44.68 1.51 -19.57
C ALA A 273 44.62 2.66 -20.58
N ALA A 274 45.74 3.36 -20.73
CA ALA A 274 45.86 4.40 -21.74
C ALA A 274 46.24 3.81 -23.09
N ILE A 275 45.34 3.90 -24.06
CA ILE A 275 45.51 3.24 -25.34
C ILE A 275 45.89 4.19 -26.48
N PRO A 276 47.00 3.89 -27.16
CA PRO A 276 47.42 4.61 -28.36
C PRO A 276 46.35 4.51 -29.45
N ASP A 277 46.08 5.62 -30.12
CA ASP A 277 45.13 5.64 -31.24
C ASP A 277 43.72 5.20 -30.85
N PHE A 278 43.39 5.31 -29.57
CA PHE A 278 42.04 4.98 -29.12
C PHE A 278 41.06 6.01 -29.71
N GLN A 279 39.88 5.54 -30.10
CA GLN A 279 38.95 6.36 -30.86
C GLN A 279 37.54 6.46 -30.26
N SER A 280 37.41 6.19 -28.97
CA SER A 280 36.09 6.13 -28.35
C SER A 280 35.55 7.44 -27.76
N GLY A 281 36.31 8.09 -26.88
CA GLY A 281 37.65 7.69 -26.49
C GLY A 281 37.76 7.12 -25.09
N ALA A 282 36.64 6.79 -24.47
CA ALA A 282 36.67 6.04 -23.20
C ALA A 282 35.63 4.91 -23.19
N MET A 283 35.94 3.82 -22.49
CA MET A 283 35.05 2.67 -22.45
C MET A 283 34.92 2.07 -21.06
N GLU A 284 33.74 1.56 -20.76
CA GLU A 284 33.37 1.18 -19.40
C GLU A 284 33.66 -0.27 -19.07
N ASN A 285 34.51 -0.91 -19.88
CA ASN A 285 34.83 -2.32 -19.70
C ASN A 285 34.98 -2.71 -18.24
N TRP A 286 34.22 -3.72 -17.83
CA TRP A 286 34.17 -4.12 -16.43
C TRP A 286 35.55 -4.56 -15.91
N GLY A 287 36.08 -3.82 -14.94
CA GLY A 287 37.37 -4.13 -14.34
C GLY A 287 38.57 -3.73 -15.18
N LEU A 288 38.33 -3.27 -16.39
CA LEU A 288 39.40 -2.87 -17.30
C LEU A 288 38.94 -1.78 -18.26
N THR A 289 38.76 -0.56 -17.73
CA THR A 289 38.35 0.57 -18.54
C THR A 289 39.47 1.06 -19.46
N THR A 290 39.10 1.55 -20.64
CA THR A 290 40.08 2.03 -21.60
C THR A 290 39.85 3.49 -21.96
N TYR A 291 40.94 4.18 -22.30
CA TYR A 291 40.89 5.61 -22.57
C TYR A 291 41.82 6.00 -23.71
N ARG A 292 41.56 7.15 -24.32
CA ARG A 292 42.50 7.81 -25.20
C ARG A 292 43.60 8.38 -24.31
N GLU A 293 44.85 8.32 -24.78
CA GLU A 293 45.98 8.68 -23.91
C GLU A 293 45.87 10.06 -23.27
N SER A 294 45.23 10.99 -23.96
CA SER A 294 45.07 12.36 -23.45
C SER A 294 44.03 12.45 -22.32
N ALA A 295 43.22 11.41 -22.17
CA ALA A 295 42.17 11.39 -21.16
C ALA A 295 42.62 10.72 -19.86
N LEU A 296 43.91 10.38 -19.78
CA LEU A 296 44.40 9.59 -18.66
C LEU A 296 45.80 10.04 -18.25
N LEU A 297 46.66 10.28 -19.24
CA LEU A 297 48.02 10.69 -18.98
C LEU A 297 48.15 12.21 -18.87
N PHE A 298 49.04 12.65 -17.99
CA PHE A 298 49.23 14.08 -17.72
C PHE A 298 50.70 14.45 -17.63
N ASP A 299 51.10 15.46 -18.40
CA ASP A 299 52.47 15.94 -18.39
C ASP A 299 52.55 17.32 -17.75
N ALA A 300 53.69 17.63 -17.12
CA ALA A 300 53.90 18.96 -16.55
C ALA A 300 53.96 19.97 -17.70
N GLU A 301 53.87 19.45 -18.91
CA GLU A 301 53.72 20.25 -20.11
C GLU A 301 52.33 19.96 -20.66
N LYS A 302 51.34 20.12 -19.80
CA LYS A 302 49.96 19.70 -20.08
C LYS A 302 49.39 20.34 -21.34
N SER A 303 48.49 19.61 -22.00
CA SER A 303 47.78 20.14 -23.16
C SER A 303 47.06 21.42 -22.77
N SER A 304 46.71 21.50 -21.48
CA SER A 304 46.00 22.66 -20.95
C SER A 304 45.67 22.42 -19.49
N ALA A 305 45.13 23.43 -18.83
CA ALA A 305 44.64 23.26 -17.47
C ALA A 305 43.43 22.34 -17.53
N SER A 306 42.75 22.38 -18.67
CA SER A 306 41.53 21.61 -18.87
C SER A 306 41.77 20.11 -18.86
N SER A 307 43.00 19.69 -19.14
CA SER A 307 43.31 18.26 -19.21
C SER A 307 43.14 17.58 -17.86
N LYS A 308 43.74 18.15 -16.82
CA LYS A 308 43.56 17.63 -15.47
C LYS A 308 42.07 17.47 -15.19
N LEU A 309 41.32 18.54 -15.42
CA LEU A 309 39.86 18.51 -15.31
C LEU A 309 39.25 17.49 -16.26
N ASP A 310 39.78 17.44 -17.47
CA ASP A 310 39.28 16.54 -18.51
C ASP A 310 39.35 15.09 -18.04
N ILE A 311 40.51 14.71 -17.53
CA ILE A 311 40.75 13.31 -17.20
C ILE A 311 40.14 12.93 -15.85
N THR A 312 39.91 13.92 -14.99
CA THR A 312 39.28 13.65 -13.71
C THR A 312 37.80 13.35 -13.87
N MET A 313 37.24 13.79 -14.99
CA MET A 313 35.83 13.56 -15.24
C MET A 313 35.59 12.38 -16.17
N THR A 314 36.49 12.17 -17.12
CA THR A 314 36.40 10.99 -17.98
C THR A 314 36.53 9.72 -17.15
N VAL A 315 37.47 9.74 -16.22
CA VAL A 315 37.59 8.65 -15.24
C VAL A 315 36.28 8.48 -14.47
N ALA A 316 35.91 9.49 -13.70
CA ALA A 316 34.68 9.43 -12.90
C ALA A 316 33.49 8.89 -13.69
N HIS A 317 33.42 9.25 -14.97
CA HIS A 317 32.34 8.76 -15.82
C HIS A 317 32.44 7.25 -15.99
N GLU A 318 33.63 6.76 -16.34
CA GLU A 318 33.81 5.35 -16.61
C GLU A 318 33.73 4.49 -15.35
N LEU A 319 34.20 5.03 -14.24
CA LEU A 319 34.13 4.34 -12.97
C LEU A 319 32.69 4.21 -12.45
N ALA A 320 31.85 5.19 -12.75
CA ALA A 320 30.46 5.14 -12.33
C ALA A 320 29.73 3.99 -13.02
N HIS A 321 30.17 3.64 -14.22
CA HIS A 321 29.56 2.55 -14.98
C HIS A 321 29.84 1.19 -14.36
N GLN A 322 30.88 1.11 -13.53
CA GLN A 322 31.21 -0.14 -12.88
C GLN A 322 30.00 -0.64 -12.10
N TRP A 323 29.27 0.29 -11.49
CA TRP A 323 28.00 -0.02 -10.85
C TRP A 323 26.83 0.16 -11.81
N PHE A 324 26.53 1.42 -12.15
CA PHE A 324 25.39 1.74 -13.01
C PHE A 324 25.69 1.50 -14.49
N GLY A 325 25.29 0.34 -14.99
CA GLY A 325 25.49 0.02 -16.39
C GLY A 325 26.16 -1.32 -16.60
N ASN A 326 26.99 -1.72 -15.64
CA ASN A 326 27.67 -3.00 -15.71
C ASN A 326 27.06 -3.98 -14.74
N LEU A 327 26.92 -3.55 -13.49
CA LEU A 327 26.26 -4.36 -12.47
C LEU A 327 24.77 -4.46 -12.77
N VAL A 328 24.19 -3.35 -13.21
CA VAL A 328 22.83 -3.35 -13.73
C VAL A 328 22.83 -2.67 -15.10
N THR A 329 22.86 -3.50 -16.14
CA THR A 329 22.92 -3.00 -17.51
C THR A 329 21.54 -3.00 -18.17
N MET A 330 21.37 -2.16 -19.18
CA MET A 330 20.10 -2.05 -19.87
C MET A 330 19.68 -3.38 -20.47
N GLU A 331 18.41 -3.47 -20.87
CA GLU A 331 17.91 -4.64 -21.55
C GLU A 331 18.19 -4.50 -23.02
N TRP A 332 18.24 -3.26 -23.48
CA TRP A 332 18.44 -2.98 -24.90
C TRP A 332 18.94 -1.56 -25.12
N TRP A 333 19.39 -1.28 -26.34
CA TRP A 333 20.08 -0.05 -26.66
C TRP A 333 19.20 1.20 -26.61
N ASN A 334 17.89 1.00 -26.55
CA ASN A 334 16.96 2.12 -26.44
C ASN A 334 17.10 2.87 -25.11
N ASP A 335 17.71 2.22 -24.12
CA ASP A 335 17.89 2.82 -22.80
C ASP A 335 19.32 3.30 -22.60
N LEU A 336 20.13 3.21 -23.64
CA LEU A 336 21.53 3.62 -23.57
C LEU A 336 21.67 5.06 -23.09
N TRP A 337 20.67 5.90 -23.41
CA TRP A 337 20.69 7.29 -22.99
C TRP A 337 20.67 7.43 -21.48
N LEU A 338 20.04 6.48 -20.80
CA LEU A 338 19.95 6.53 -19.35
C LEU A 338 21.27 6.09 -18.75
N ASN A 339 21.87 5.06 -19.37
CA ASN A 339 23.17 4.57 -18.95
C ASN A 339 24.16 5.73 -19.00
N GLU A 340 24.22 6.39 -20.15
CA GLU A 340 25.13 7.49 -20.40
C GLU A 340 24.72 8.77 -19.68
N GLY A 341 23.42 9.03 -19.61
CA GLY A 341 22.91 10.17 -18.88
C GLY A 341 23.35 10.14 -17.44
N PHE A 342 23.19 8.98 -16.82
CA PHE A 342 23.49 8.84 -15.40
C PHE A 342 24.99 8.99 -15.14
N ALA A 343 25.81 8.42 -16.02
CA ALA A 343 27.26 8.49 -15.86
C ALA A 343 27.73 9.93 -15.97
N LYS A 344 27.15 10.68 -16.90
CA LYS A 344 27.43 12.11 -17.04
C LYS A 344 27.06 12.83 -15.75
N PHE A 345 25.82 12.66 -15.32
CA PHE A 345 25.32 13.29 -14.11
C PHE A 345 26.21 12.92 -12.92
N MET A 346 26.67 11.69 -12.91
CA MET A 346 27.47 11.19 -11.82
C MET A 346 28.90 11.75 -11.87
N GLU A 347 29.31 12.19 -13.06
CA GLU A 347 30.61 12.85 -13.21
C GLU A 347 30.70 13.99 -12.22
N PHE A 348 29.57 14.66 -12.01
CA PHE A 348 29.55 15.87 -11.21
C PHE A 348 29.34 15.57 -9.74
N VAL A 349 28.28 14.86 -9.43
CA VAL A 349 28.01 14.48 -8.05
C VAL A 349 29.29 13.97 -7.39
N SER A 350 30.02 13.11 -8.08
CA SER A 350 31.28 12.56 -7.56
C SER A 350 32.38 13.61 -7.43
N VAL A 351 32.75 14.22 -8.55
CA VAL A 351 33.88 15.15 -8.57
C VAL A 351 33.68 16.37 -7.67
N SER A 352 32.49 16.96 -7.71
CA SER A 352 32.19 18.11 -6.86
C SER A 352 32.66 17.87 -5.43
N VAL A 353 32.60 16.62 -5.01
CA VAL A 353 33.03 16.20 -3.68
C VAL A 353 34.52 15.90 -3.71
N THR A 354 34.91 15.06 -4.66
CA THR A 354 36.25 14.50 -4.74
C THR A 354 37.34 15.51 -5.08
N HIS A 355 37.12 16.29 -6.13
CA HIS A 355 38.06 17.34 -6.54
C HIS A 355 37.36 18.69 -6.66
N PRO A 356 37.09 19.34 -5.52
CA PRO A 356 36.32 20.59 -5.52
C PRO A 356 37.08 21.71 -6.23
N GLU A 357 38.40 21.68 -6.11
CA GLU A 357 39.27 22.69 -6.69
C GLU A 357 39.04 22.86 -8.19
N LEU A 358 38.59 21.80 -8.85
CA LEU A 358 38.40 21.83 -10.31
C LEU A 358 37.21 22.69 -10.73
N LYS A 359 36.24 22.87 -9.83
CA LYS A 359 35.05 23.65 -10.12
C LYS A 359 34.23 23.08 -11.27
N VAL A 360 33.95 21.79 -11.22
CA VAL A 360 33.19 21.12 -12.27
C VAL A 360 31.80 21.72 -12.48
N GLY A 361 31.23 22.24 -11.39
CA GLY A 361 29.88 22.79 -11.40
C GLY A 361 29.54 23.63 -12.61
N ASP A 362 30.41 24.59 -12.93
CA ASP A 362 30.21 25.51 -14.04
C ASP A 362 29.91 24.81 -15.37
N TYR A 363 30.70 23.80 -15.68
CA TYR A 363 30.62 23.13 -16.97
C TYR A 363 29.35 22.30 -17.13
N PHE A 364 28.74 21.93 -16.01
CA PHE A 364 27.51 21.16 -16.04
C PHE A 364 26.39 21.96 -16.71
N PHE A 365 26.03 23.07 -16.08
CA PHE A 365 24.89 23.86 -16.52
C PHE A 365 25.12 24.40 -17.92
N GLY A 366 26.38 24.61 -18.28
CA GLY A 366 26.72 24.99 -19.63
C GLY A 366 26.14 23.99 -20.61
N LYS A 367 26.34 22.69 -20.33
CA LYS A 367 25.82 21.64 -21.21
C LYS A 367 24.31 21.55 -21.16
N CYS A 368 23.74 21.92 -20.02
CA CYS A 368 22.28 21.97 -19.88
C CYS A 368 21.68 23.05 -20.77
N PHE A 369 22.27 24.24 -20.73
CA PHE A 369 21.91 25.32 -21.63
C PHE A 369 22.09 24.90 -23.08
N ASP A 370 23.17 24.16 -23.34
CA ASP A 370 23.50 23.69 -24.67
C ASP A 370 22.43 22.72 -25.16
N ALA A 371 22.08 21.76 -24.31
CA ALA A 371 21.03 20.83 -24.62
C ALA A 371 19.75 21.58 -24.94
N MET A 372 19.28 22.40 -24.01
CA MET A 372 18.05 23.16 -24.19
C MET A 372 17.98 23.89 -25.53
N GLU A 373 19.07 24.55 -25.90
CA GLU A 373 19.09 25.32 -27.13
C GLU A 373 18.78 24.44 -28.34
N VAL A 374 19.15 23.18 -28.24
CA VAL A 374 18.98 22.24 -29.34
C VAL A 374 17.61 21.58 -29.31
N ASP A 375 17.07 21.43 -28.11
CA ASP A 375 15.75 20.85 -27.94
C ASP A 375 14.72 21.86 -28.41
N ALA A 376 15.09 23.14 -28.31
CA ALA A 376 14.20 24.24 -28.66
C ALA A 376 13.99 24.35 -30.16
N LEU A 377 14.53 23.40 -30.91
CA LEU A 377 14.41 23.41 -32.37
C LEU A 377 13.29 22.49 -32.83
N ASN A 378 12.90 22.61 -34.09
CA ASN A 378 11.90 21.73 -34.67
C ASN A 378 12.36 20.28 -34.62
N SER A 379 13.67 20.10 -34.68
CA SER A 379 14.27 18.77 -34.77
C SER A 379 14.76 18.23 -33.44
N SER A 380 14.08 17.22 -32.92
CA SER A 380 14.46 16.55 -31.67
C SER A 380 13.42 15.50 -31.29
N ASP A 398 23.74 12.95 -30.23
CA ASP A 398 23.39 12.07 -29.12
C ASP A 398 24.03 12.50 -27.79
N ASP A 399 25.33 12.79 -27.81
CA ASP A 399 26.02 13.26 -26.62
C ASP A 399 25.20 14.36 -25.91
N VAL A 400 24.46 15.15 -26.70
CA VAL A 400 23.59 16.18 -26.16
C VAL A 400 22.33 15.58 -25.56
N SER A 401 21.81 14.54 -26.20
CA SER A 401 20.68 13.82 -25.65
C SER A 401 21.08 13.15 -24.33
N TYR A 402 22.35 12.78 -24.23
CA TYR A 402 22.86 12.22 -22.99
C TYR A 402 23.06 13.33 -21.97
N ASP A 403 23.23 14.55 -22.47
CA ASP A 403 23.32 15.72 -21.59
C ASP A 403 21.95 16.05 -21.00
N LYS A 404 20.90 15.90 -21.81
CA LYS A 404 19.55 16.12 -21.32
C LYS A 404 19.25 15.13 -20.22
N GLY A 405 19.64 13.88 -20.42
CA GLY A 405 19.43 12.84 -19.43
C GLY A 405 19.97 13.24 -18.07
N ALA A 406 21.21 13.73 -18.07
CA ALA A 406 21.84 14.22 -16.85
C ALA A 406 21.07 15.38 -16.26
N CYS A 407 20.65 16.32 -17.11
CA CYS A 407 19.91 17.50 -16.67
C CYS A 407 18.59 17.09 -16.01
N ILE A 408 17.85 16.22 -16.70
CA ILE A 408 16.63 15.63 -16.17
C ILE A 408 16.87 15.01 -14.78
N LEU A 409 17.85 14.13 -14.70
CA LEU A 409 18.22 13.49 -13.43
C LEU A 409 18.50 14.51 -12.34
N ASN A 410 19.26 15.55 -12.68
CA ASN A 410 19.55 16.59 -11.71
C ASN A 410 18.26 17.22 -11.20
N MET A 411 17.38 17.56 -12.13
CA MET A 411 16.07 18.11 -11.79
C MET A 411 15.36 17.23 -10.78
N LEU A 412 15.26 15.95 -11.09
CA LEU A 412 14.60 14.96 -10.23
C LEU A 412 15.28 14.84 -8.88
N ARG A 413 16.61 14.83 -8.89
CA ARG A 413 17.38 14.71 -7.67
C ARG A 413 17.16 15.89 -6.74
N GLU A 414 16.89 17.07 -7.29
CA GLU A 414 16.72 18.27 -6.49
C GLU A 414 15.29 18.41 -6.00
N TYR A 415 14.35 17.81 -6.73
CA TYR A 415 12.96 17.76 -6.30
C TYR A 415 12.86 16.86 -5.07
N LEU A 416 13.03 15.55 -5.26
CA LEU A 416 13.25 14.65 -4.14
C LEU A 416 14.56 15.09 -3.49
N SER A 417 14.72 14.85 -2.19
CA SER A 417 15.98 15.23 -1.55
C SER A 417 17.15 14.52 -2.23
N ALA A 418 18.36 14.97 -1.96
CA ALA A 418 19.54 14.28 -2.49
C ALA A 418 19.61 12.87 -1.94
N ASP A 419 19.12 12.70 -0.71
CA ASP A 419 19.16 11.41 -0.03
C ASP A 419 18.08 10.46 -0.55
N ALA A 420 16.86 10.98 -0.69
CA ALA A 420 15.78 10.21 -1.32
C ALA A 420 16.26 9.65 -2.65
N PHE A 421 17.00 10.47 -3.39
CA PHE A 421 17.56 10.09 -4.68
C PHE A 421 18.62 9.01 -4.50
N LYS A 422 19.57 9.26 -3.61
CA LYS A 422 20.63 8.32 -3.28
C LYS A 422 20.05 6.93 -2.99
N SER A 423 19.16 6.85 -2.00
CA SER A 423 18.60 5.57 -1.56
C SER A 423 17.83 4.87 -2.67
N GLY A 424 17.01 5.62 -3.40
CA GLY A 424 16.28 5.08 -4.53
C GLY A 424 17.21 4.39 -5.53
N ILE A 425 18.40 4.94 -5.70
CA ILE A 425 19.37 4.37 -6.62
C ILE A 425 20.01 3.11 -6.04
N VAL A 426 20.46 3.21 -4.79
CA VAL A 426 20.94 2.04 -4.07
C VAL A 426 19.99 0.86 -4.23
N GLN A 427 18.70 1.10 -3.97
CA GLN A 427 17.67 0.08 -4.08
C GLN A 427 17.62 -0.50 -5.49
N TYR A 428 17.77 0.36 -6.48
CA TYR A 428 17.76 -0.05 -7.88
C TYR A 428 18.91 -1.00 -8.18
N LEU A 429 20.10 -0.64 -7.71
CA LEU A 429 21.28 -1.46 -7.94
C LEU A 429 21.17 -2.80 -7.22
N GLN A 430 20.80 -2.74 -5.95
CA GLN A 430 20.71 -3.96 -5.15
C GLN A 430 19.67 -4.95 -5.68
N LYS A 431 18.53 -4.43 -6.11
CA LYS A 431 17.43 -5.27 -6.59
C LYS A 431 17.71 -5.90 -7.95
N HIS A 432 18.50 -5.22 -8.77
CA HIS A 432 18.73 -5.69 -10.14
C HIS A 432 20.17 -6.11 -10.44
N SER A 433 21.00 -6.18 -9.40
CA SER A 433 22.40 -6.59 -9.55
C SER A 433 22.56 -7.82 -10.44
N TYR A 434 23.46 -7.71 -11.41
CA TYR A 434 23.77 -8.79 -12.33
C TYR A 434 22.61 -9.14 -13.28
N LYS A 435 21.66 -8.22 -13.41
CA LYS A 435 20.55 -8.38 -14.34
C LYS A 435 20.39 -7.16 -15.27
N ASN A 436 19.30 -7.15 -16.04
CA ASN A 436 19.05 -6.07 -16.99
C ASN A 436 17.79 -5.29 -16.63
N THR A 437 17.56 -4.17 -17.32
CA THR A 437 16.59 -3.19 -16.85
C THR A 437 15.96 -2.35 -17.97
N LYS A 438 14.81 -1.75 -17.67
CA LYS A 438 14.17 -0.76 -18.52
C LYS A 438 14.03 0.55 -17.76
N ASN A 439 13.85 1.66 -18.48
CA ASN A 439 13.66 2.98 -17.85
C ASN A 439 12.79 2.91 -16.61
N GLU A 440 11.59 2.34 -16.78
CA GLU A 440 10.59 2.27 -15.71
C GLU A 440 11.13 1.69 -14.42
N ASP A 441 12.11 0.79 -14.54
CA ASP A 441 12.70 0.13 -13.38
C ASP A 441 13.42 1.10 -12.47
N LEU A 442 14.11 2.08 -13.06
CA LEU A 442 14.75 3.10 -12.26
C LEU A 442 13.70 3.94 -11.56
N TRP A 443 12.69 4.38 -12.31
CA TRP A 443 11.61 5.19 -11.76
C TRP A 443 10.86 4.44 -10.65
N ASP A 444 10.48 3.20 -10.93
CA ASP A 444 9.82 2.35 -9.94
C ASP A 444 10.61 2.25 -8.64
N SER A 445 11.91 2.03 -8.77
CA SER A 445 12.80 1.88 -7.63
C SER A 445 12.86 3.15 -6.77
N MET A 446 12.85 4.31 -7.43
CA MET A 446 12.94 5.59 -6.72
C MET A 446 11.59 6.05 -6.19
N ALA A 447 10.53 5.74 -6.94
CA ALA A 447 9.19 6.12 -6.53
C ALA A 447 8.74 5.37 -5.27
N SER A 448 9.54 4.40 -4.83
CA SER A 448 9.19 3.58 -3.68
C SER A 448 10.04 3.91 -2.45
N ILE A 449 10.47 5.16 -2.33
CA ILE A 449 11.20 5.62 -1.17
C ILE A 449 10.37 6.56 -0.30
N VAL A 479 4.76 10.53 -4.89
CA VAL A 479 5.09 11.20 -6.14
C VAL A 479 5.20 10.18 -7.27
N ASP A 480 4.38 10.32 -8.31
CA ASP A 480 4.40 9.35 -9.40
C ASP A 480 5.54 9.60 -10.37
N VAL A 481 6.76 9.30 -9.93
CA VAL A 481 7.96 9.52 -10.72
C VAL A 481 7.81 8.98 -12.14
N LYS A 482 7.31 7.77 -12.30
CA LYS A 482 7.23 7.14 -13.61
C LYS A 482 6.46 7.99 -14.63
N THR A 483 5.23 8.35 -14.30
CA THR A 483 4.40 9.10 -15.24
C THR A 483 5.04 10.46 -15.52
N MET A 484 5.61 11.07 -14.48
CA MET A 484 6.29 12.34 -14.63
C MET A 484 7.47 12.23 -15.60
N MET A 485 8.41 11.35 -15.26
CA MET A 485 9.63 11.20 -16.04
C MET A 485 9.39 10.88 -17.52
N ASN A 486 8.29 10.19 -17.81
CA ASN A 486 7.99 9.82 -19.19
C ASN A 486 7.61 11.03 -20.05
N THR A 487 7.05 12.05 -19.42
CA THR A 487 6.74 13.29 -20.14
C THR A 487 8.04 13.91 -20.65
N TRP A 488 9.12 13.70 -19.91
CA TRP A 488 10.43 14.24 -20.25
C TRP A 488 11.23 13.30 -21.14
N THR A 489 10.88 12.02 -21.11
CA THR A 489 11.62 11.00 -21.83
C THR A 489 10.98 10.67 -23.18
N LEU A 490 9.64 10.64 -23.21
CA LEU A 490 8.92 10.26 -24.42
C LEU A 490 8.55 11.49 -25.25
N GLN A 491 8.88 12.67 -24.74
CA GLN A 491 8.60 13.92 -25.45
C GLN A 491 9.85 14.74 -25.73
N ARG A 492 10.01 15.16 -26.98
CA ARG A 492 11.08 16.08 -27.33
C ARG A 492 10.76 17.46 -26.77
N GLY A 493 11.79 18.27 -26.58
CA GLY A 493 11.58 19.63 -26.11
C GLY A 493 11.37 19.74 -24.61
N PHE A 494 11.21 20.98 -24.17
CA PHE A 494 10.93 21.31 -22.79
C PHE A 494 9.96 22.48 -22.77
N PRO A 495 9.32 22.74 -21.62
CA PRO A 495 8.31 23.81 -21.54
C PRO A 495 8.83 25.18 -21.14
N LEU A 496 8.25 26.22 -21.75
CA LEU A 496 8.37 27.57 -21.20
C LEU A 496 7.33 27.71 -20.10
N ILE A 497 7.74 28.27 -18.97
CA ILE A 497 6.85 28.41 -17.83
C ILE A 497 6.61 29.87 -17.47
N THR A 498 5.39 30.31 -17.64
CA THR A 498 5.04 31.70 -17.41
C THR A 498 4.40 31.91 -16.04
N ILE A 499 4.90 32.89 -15.29
CA ILE A 499 4.41 33.15 -13.94
C ILE A 499 3.61 34.45 -13.85
N THR A 500 2.32 34.32 -13.57
CA THR A 500 1.46 35.47 -13.39
C THR A 500 1.02 35.57 -11.94
N VAL A 501 1.28 36.72 -11.32
CA VAL A 501 0.86 36.95 -9.95
C VAL A 501 -0.29 37.96 -9.82
N ARG A 502 -1.27 37.62 -9.00
CA ARG A 502 -2.42 38.48 -8.76
C ARG A 502 -2.76 38.48 -7.27
N GLY A 503 -2.08 39.31 -6.50
CA GLY A 503 -2.21 39.28 -5.05
C GLY A 503 -1.41 38.14 -4.45
N ARG A 504 -2.08 37.31 -3.65
CA ARG A 504 -1.45 36.10 -3.12
C ARG A 504 -1.58 34.97 -4.13
N ASN A 505 -2.32 35.24 -5.20
CA ASN A 505 -2.56 34.24 -6.22
C ASN A 505 -1.44 34.17 -7.24
N VAL A 506 -0.66 33.10 -7.18
CA VAL A 506 0.42 32.89 -8.13
C VAL A 506 -0.05 31.91 -9.19
N HIS A 507 0.03 32.33 -10.45
CA HIS A 507 -0.42 31.50 -11.55
C HIS A 507 0.77 30.94 -12.31
N MET A 508 0.73 29.63 -12.54
CA MET A 508 1.73 29.01 -13.39
C MET A 508 1.06 28.52 -14.66
N LYS A 509 1.82 28.51 -15.75
CA LYS A 509 1.35 28.01 -17.03
C LYS A 509 2.54 27.43 -17.80
N GLN A 510 2.29 26.38 -18.58
CA GLN A 510 3.35 25.80 -19.38
C GLN A 510 2.98 25.74 -20.85
N GLU A 511 3.99 25.67 -21.71
CA GLU A 511 3.77 25.53 -23.14
C GLU A 511 5.07 25.11 -23.79
N HIS A 512 4.98 24.20 -24.76
CA HIS A 512 6.17 23.73 -25.46
C HIS A 512 6.94 24.91 -26.07
N TYR A 513 8.15 25.11 -25.56
CA TYR A 513 9.01 26.19 -26.01
C TYR A 513 9.76 25.78 -27.27
N MET A 514 9.56 26.54 -28.33
CA MET A 514 10.23 26.27 -29.60
C MET A 514 10.35 27.55 -30.41
N LYS A 515 11.44 27.66 -31.17
CA LYS A 515 11.73 28.85 -31.95
C LYS A 515 10.50 29.37 -32.68
N ALA A 520 2.62 29.28 -37.23
CA ALA A 520 3.49 28.11 -37.23
C ALA A 520 3.56 27.41 -35.88
N PRO A 521 3.77 28.18 -34.79
CA PRO A 521 3.88 27.58 -33.45
C PRO A 521 2.57 26.95 -32.99
N ASP A 522 2.50 25.62 -32.92
CA ASP A 522 1.28 24.92 -32.55
C ASP A 522 1.53 23.48 -32.10
N THR A 523 1.85 23.29 -30.82
CA THR A 523 2.05 21.94 -30.27
C THR A 523 1.23 21.72 -29.00
N GLY A 524 0.79 20.48 -28.79
CA GLY A 524 0.00 20.15 -27.62
C GLY A 524 0.79 19.49 -26.51
N TYR A 525 2.12 19.63 -26.55
CA TYR A 525 2.99 18.98 -25.58
C TYR A 525 2.69 19.40 -24.14
N LEU A 526 2.81 18.46 -23.22
CA LEU A 526 2.41 18.67 -21.84
C LEU A 526 3.28 17.85 -20.90
N TRP A 527 3.82 18.51 -19.87
CA TRP A 527 4.76 17.86 -18.95
C TRP A 527 4.29 17.83 -17.50
N HIS A 528 4.84 16.89 -16.73
CA HIS A 528 4.76 16.92 -15.28
C HIS A 528 6.04 17.62 -14.82
N VAL A 529 5.96 18.92 -14.55
CA VAL A 529 7.16 19.66 -14.22
C VAL A 529 7.28 20.00 -12.73
N PRO A 530 8.39 19.58 -12.11
CA PRO A 530 8.74 19.77 -10.70
C PRO A 530 9.19 21.19 -10.41
N LEU A 531 8.23 22.12 -10.33
CA LEU A 531 8.57 23.52 -10.09
C LEU A 531 9.16 23.73 -8.71
N THR A 532 10.07 24.70 -8.62
CA THR A 532 10.61 25.10 -7.33
C THR A 532 10.62 26.62 -7.33
N PHE A 533 10.53 27.22 -6.15
CA PHE A 533 10.55 28.68 -6.08
C PHE A 533 10.89 29.22 -4.71
N ILE A 534 11.53 30.39 -4.72
CA ILE A 534 11.81 31.11 -3.48
C ILE A 534 11.11 32.45 -3.53
N THR A 535 11.08 33.13 -2.39
CA THR A 535 10.26 34.32 -2.23
C THR A 535 10.99 35.35 -1.38
N SER A 536 10.69 36.62 -1.62
CA SER A 536 11.27 37.68 -0.82
C SER A 536 11.00 37.47 0.66
N LYS A 537 9.95 36.71 0.96
CA LYS A 537 9.57 36.42 2.34
C LYS A 537 10.14 35.07 2.79
N SER A 538 9.82 34.01 2.05
CA SER A 538 10.34 32.70 2.38
C SER A 538 11.85 32.76 2.59
N ASP A 539 12.38 31.77 3.28
CA ASP A 539 13.82 31.61 3.41
C ASP A 539 14.17 30.21 2.89
N MET A 540 13.13 29.42 2.67
CA MET A 540 13.29 28.05 2.20
C MET A 540 12.70 27.87 0.81
N VAL A 541 13.18 26.85 0.11
CA VAL A 541 12.77 26.57 -1.26
C VAL A 541 11.45 25.78 -1.32
N HIS A 542 10.49 26.28 -2.10
CA HIS A 542 9.18 25.66 -2.22
C HIS A 542 9.04 24.75 -3.44
N ARG A 543 8.19 23.73 -3.33
CA ARG A 543 7.92 22.84 -4.44
C ARG A 543 6.46 22.93 -4.91
N PHE A 544 6.25 22.57 -6.17
CA PHE A 544 4.91 22.47 -6.74
C PHE A 544 4.96 21.63 -8.02
N LEU A 545 4.13 20.60 -8.07
CA LEU A 545 4.14 19.72 -9.24
C LEU A 545 3.08 20.15 -10.25
N LEU A 546 3.54 20.66 -11.38
CA LEU A 546 2.66 21.16 -12.42
C LEU A 546 2.27 20.03 -13.38
N LYS A 547 1.07 19.49 -13.21
CA LYS A 547 0.61 18.37 -14.02
C LYS A 547 -0.29 18.80 -15.18
N THR A 548 -0.73 20.05 -15.17
CA THR A 548 -1.72 20.52 -16.13
C THR A 548 -1.22 21.71 -16.94
N LYS A 549 -2.07 22.24 -17.82
CA LYS A 549 -1.69 23.39 -18.64
C LYS A 549 -1.52 24.65 -17.79
N THR A 550 -2.43 24.84 -16.84
CA THR A 550 -2.35 25.94 -15.88
C THR A 550 -2.61 25.42 -14.47
N ASP A 551 -2.17 26.17 -13.47
CA ASP A 551 -2.49 25.89 -12.08
C ASP A 551 -2.32 27.15 -11.23
N VAL A 552 -2.99 27.19 -10.07
CA VAL A 552 -2.81 28.31 -9.15
C VAL A 552 -2.10 27.86 -7.88
N LEU A 553 -1.71 28.83 -7.08
CA LEU A 553 -0.95 28.62 -5.87
C LEU A 553 -1.14 29.85 -5.04
N ILE A 554 -1.47 29.68 -3.77
CA ILE A 554 -1.81 30.82 -2.93
C ILE A 554 -0.77 31.06 -1.86
N LEU A 555 -0.18 32.24 -1.88
CA LEU A 555 0.80 32.62 -0.88
C LEU A 555 0.08 33.13 0.35
N PRO A 556 0.72 33.02 1.52
CA PRO A 556 0.17 33.46 2.80
C PRO A 556 0.07 34.98 2.85
N GLU A 557 0.86 35.64 2.00
CA GLU A 557 0.92 37.09 1.97
C GLU A 557 1.57 37.55 0.69
N GLU A 558 1.34 38.81 0.33
CA GLU A 558 1.91 39.37 -0.90
C GLU A 558 3.43 39.49 -0.80
N VAL A 559 4.11 39.20 -1.89
CA VAL A 559 5.57 39.19 -1.90
C VAL A 559 6.14 40.30 -2.78
N GLU A 560 7.37 40.71 -2.49
CA GLU A 560 8.02 41.77 -3.28
C GLU A 560 8.66 41.20 -4.55
N TRP A 561 9.03 39.93 -4.52
CA TRP A 561 9.50 39.24 -5.72
C TRP A 561 9.43 37.73 -5.54
N ILE A 562 9.14 37.01 -6.63
CA ILE A 562 9.18 35.55 -6.61
C ILE A 562 10.00 35.00 -7.78
N LYS A 563 10.83 33.99 -7.50
CA LYS A 563 11.69 33.40 -8.51
C LYS A 563 11.55 31.89 -8.58
N PHE A 564 11.25 31.38 -9.77
CA PHE A 564 11.11 29.95 -9.97
C PHE A 564 12.38 29.30 -10.51
N ASN A 565 12.40 27.98 -10.54
CA ASN A 565 13.54 27.23 -11.03
C ASN A 565 14.80 27.52 -10.21
N VAL A 566 14.67 27.43 -8.89
CA VAL A 566 15.76 27.75 -7.98
C VAL A 566 16.99 26.86 -8.21
N GLY A 567 18.17 27.48 -8.18
CA GLY A 567 19.41 26.78 -8.42
C GLY A 567 19.64 26.51 -9.89
N MET A 568 18.62 26.77 -10.70
CA MET A 568 18.67 26.50 -12.12
C MET A 568 18.71 24.99 -12.38
N ASN A 569 18.23 24.23 -11.40
CA ASN A 569 18.28 22.77 -11.45
C ASN A 569 17.25 22.13 -12.36
N GLY A 570 16.24 22.90 -12.76
CA GLY A 570 15.17 22.37 -13.59
C GLY A 570 15.36 22.61 -15.09
N TYR A 571 14.92 21.64 -15.89
CA TYR A 571 15.12 21.68 -17.33
C TYR A 571 14.03 22.46 -18.04
N TYR A 572 13.89 23.72 -17.66
CA TYR A 572 12.89 24.59 -18.25
C TYR A 572 13.27 26.05 -18.09
N ILE A 573 12.76 26.91 -18.96
CA ILE A 573 12.92 28.34 -18.78
C ILE A 573 11.62 28.97 -18.28
N VAL A 574 11.74 29.91 -17.37
CA VAL A 574 10.57 30.58 -16.80
C VAL A 574 10.48 32.05 -17.25
N HIS A 575 9.25 32.50 -17.52
CA HIS A 575 9.01 33.88 -17.90
C HIS A 575 8.04 34.53 -16.93
N TYR A 576 8.33 35.76 -16.52
CA TYR A 576 7.46 36.44 -15.56
C TYR A 576 6.51 37.43 -16.23
N GLU A 577 5.22 37.16 -16.07
CA GLU A 577 4.15 38.02 -16.57
C GLU A 577 4.21 39.38 -15.88
N ASP A 578 3.37 40.31 -16.34
CA ASP A 578 3.33 41.64 -15.74
C ASP A 578 4.75 42.19 -15.70
N ASP A 579 5.22 42.51 -14.51
CA ASP A 579 6.61 42.94 -14.36
C ASP A 579 7.27 42.33 -13.13
N GLY A 580 7.40 41.00 -13.16
CA GLY A 580 8.18 40.31 -12.15
C GLY A 580 9.65 40.52 -12.44
N TRP A 581 9.98 40.67 -13.71
CA TRP A 581 11.34 40.98 -14.12
C TRP A 581 11.80 42.27 -13.48
N ASP A 582 10.94 43.28 -13.50
CA ASP A 582 11.24 44.56 -12.88
C ASP A 582 11.73 44.40 -11.45
N SER A 583 10.99 43.63 -10.66
CA SER A 583 11.36 43.39 -9.27
C SER A 583 12.63 42.55 -9.15
N LEU A 584 12.79 41.59 -10.05
CA LEU A 584 13.99 40.75 -10.04
C LEU A 584 15.23 41.56 -10.38
N THR A 585 15.15 42.37 -11.44
CA THR A 585 16.28 43.20 -11.83
C THR A 585 16.50 44.30 -10.78
N GLY A 586 15.43 44.59 -10.05
CA GLY A 586 15.52 45.51 -8.94
C GLY A 586 16.21 44.80 -7.78
N LEU A 587 15.93 43.51 -7.66
CA LEU A 587 16.53 42.70 -6.61
C LEU A 587 18.03 42.53 -6.86
N LEU A 588 18.39 42.21 -8.09
CA LEU A 588 19.78 41.97 -8.46
C LEU A 588 20.66 43.22 -8.37
N LYS A 589 20.07 44.37 -8.65
CA LYS A 589 20.81 45.62 -8.62
C LYS A 589 20.98 46.12 -7.18
N GLY A 590 20.06 45.75 -6.31
CA GLY A 590 20.17 46.09 -4.91
C GLY A 590 21.06 45.13 -4.15
N THR A 591 20.64 43.86 -4.09
CA THR A 591 21.38 42.84 -3.36
C THR A 591 21.43 41.56 -4.18
N HIS A 592 22.43 41.44 -5.03
CA HIS A 592 22.49 40.34 -5.98
C HIS A 592 22.81 38.99 -5.32
N THR A 593 23.33 39.02 -4.10
CA THR A 593 23.66 37.78 -3.40
C THR A 593 22.42 37.14 -2.77
N ALA A 594 21.30 37.86 -2.83
CA ALA A 594 20.03 37.37 -2.29
C ALA A 594 19.63 36.04 -2.90
N VAL A 595 20.17 35.76 -4.07
CA VAL A 595 19.96 34.49 -4.74
C VAL A 595 21.33 33.93 -5.13
N SER A 596 21.39 32.65 -5.44
CA SER A 596 22.67 32.01 -5.75
C SER A 596 23.29 32.58 -7.02
N SER A 597 24.55 32.22 -7.27
CA SER A 597 25.22 32.61 -8.50
C SER A 597 24.48 32.06 -9.70
N ASN A 598 24.15 30.78 -9.65
CA ASN A 598 23.46 30.13 -10.75
C ASN A 598 22.03 30.64 -10.94
N ASP A 599 21.41 31.07 -9.85
CA ASP A 599 20.11 31.73 -9.95
C ASP A 599 20.24 32.98 -10.81
N ARG A 600 21.27 33.78 -10.55
CA ARG A 600 21.54 34.96 -11.35
C ARG A 600 21.81 34.62 -12.80
N ALA A 601 22.54 33.52 -13.03
CA ALA A 601 22.84 33.10 -14.38
C ALA A 601 21.59 32.67 -15.15
N SER A 602 20.68 31.99 -14.47
CA SER A 602 19.47 31.49 -15.12
C SER A 602 18.59 32.66 -15.53
N LEU A 603 18.55 33.68 -14.69
CA LEU A 603 17.84 34.92 -15.00
C LEU A 603 18.36 35.58 -16.28
N ILE A 604 19.66 35.88 -16.31
CA ILE A 604 20.29 36.49 -17.49
C ILE A 604 20.02 35.64 -18.73
N ASN A 605 20.12 34.33 -18.57
CA ASN A 605 19.96 33.42 -19.68
C ASN A 605 18.53 33.39 -20.22
N ASN A 606 17.56 33.28 -19.32
CA ASN A 606 16.15 33.23 -19.68
C ASN A 606 15.66 34.54 -20.26
N ALA A 607 16.05 35.65 -19.63
CA ALA A 607 15.66 36.97 -20.11
C ALA A 607 16.01 37.17 -21.58
N PHE A 608 17.27 36.93 -21.93
CA PHE A 608 17.72 37.18 -23.29
C PHE A 608 17.18 36.18 -24.31
N GLN A 609 16.68 35.04 -23.82
CA GLN A 609 16.02 34.07 -24.70
C GLN A 609 14.57 34.49 -24.93
N LEU A 610 13.92 34.92 -23.86
CA LEU A 610 12.58 35.43 -23.95
C LEU A 610 12.55 36.66 -24.85
N VAL A 611 13.63 37.41 -24.82
CA VAL A 611 13.75 38.59 -25.67
C VAL A 611 13.76 38.18 -27.14
N SER A 612 14.43 37.07 -27.45
CA SER A 612 14.60 36.63 -28.82
C SER A 612 13.37 35.92 -29.40
N ILE A 613 12.37 35.68 -28.55
CA ILE A 613 11.13 35.06 -29.02
C ILE A 613 9.96 36.02 -28.87
N GLY A 614 10.27 37.26 -28.48
CA GLY A 614 9.28 38.32 -28.42
C GLY A 614 8.37 38.33 -27.21
N LYS A 615 8.77 37.68 -26.11
CA LYS A 615 7.97 37.69 -24.89
C LYS A 615 8.52 38.67 -23.87
N LEU A 616 9.76 39.10 -24.07
CA LEU A 616 10.37 40.11 -23.22
C LEU A 616 10.96 41.20 -24.11
N SER A 617 10.92 42.44 -23.62
CA SER A 617 11.42 43.57 -24.41
C SER A 617 12.91 43.76 -24.18
N ILE A 618 13.64 43.96 -25.26
CA ILE A 618 15.10 44.04 -25.20
C ILE A 618 15.65 44.90 -24.05
N GLU A 619 14.95 45.97 -23.70
CA GLU A 619 15.42 46.87 -22.65
C GLU A 619 15.26 46.28 -21.26
N LYS A 620 14.26 45.41 -21.09
CA LYS A 620 14.03 44.77 -19.80
C LYS A 620 15.20 43.87 -19.46
N ALA A 621 15.71 43.18 -20.49
CA ALA A 621 16.83 42.26 -20.33
C ALA A 621 18.17 43.00 -20.26
N LEU A 622 18.23 44.19 -20.85
CA LEU A 622 19.41 45.02 -20.77
C LEU A 622 19.50 45.72 -19.42
N ASP A 623 18.36 46.20 -18.92
CA ASP A 623 18.30 46.77 -17.58
C ASP A 623 18.74 45.71 -16.58
N LEU A 624 18.45 44.46 -16.90
CA LEU A 624 18.82 43.33 -16.04
C LEU A 624 20.33 43.21 -15.96
N SER A 625 20.97 43.13 -17.11
CA SER A 625 22.42 43.00 -17.19
C SER A 625 23.15 44.11 -16.42
N LEU A 626 22.50 45.26 -16.24
CA LEU A 626 23.12 46.37 -15.55
C LEU A 626 23.66 45.95 -14.18
N TYR A 627 23.07 44.90 -13.62
CA TYR A 627 23.50 44.39 -12.33
C TYR A 627 24.91 43.82 -12.42
N LEU A 628 25.26 43.34 -13.60
CA LEU A 628 26.54 42.67 -13.82
C LEU A 628 27.76 43.49 -13.42
N LYS A 629 27.61 44.81 -13.33
CA LYS A 629 28.71 45.66 -12.90
C LYS A 629 29.24 45.23 -11.53
N HIS A 630 28.43 44.48 -10.80
CA HIS A 630 28.79 44.07 -9.44
C HIS A 630 29.07 42.58 -9.32
N GLU A 631 28.77 41.83 -10.38
CA GLU A 631 28.99 40.38 -10.37
C GLU A 631 30.47 40.03 -10.21
N THR A 632 30.73 38.89 -9.58
CA THR A 632 32.10 38.40 -9.39
C THR A 632 32.24 36.96 -9.86
N GLU A 633 31.12 36.30 -10.11
CA GLU A 633 31.09 34.87 -10.43
C GLU A 633 31.12 34.62 -11.93
N ILE A 634 31.90 33.62 -12.34
CA ILE A 634 32.11 33.31 -13.75
C ILE A 634 30.80 33.07 -14.51
N MET A 635 29.99 32.14 -14.02
CA MET A 635 28.82 31.65 -14.74
C MET A 635 27.94 32.76 -15.34
N PRO A 636 27.50 33.71 -14.50
CA PRO A 636 26.64 34.80 -14.98
C PRO A 636 27.34 35.66 -16.03
N VAL A 637 28.56 36.10 -15.73
CA VAL A 637 29.32 36.94 -16.64
C VAL A 637 29.41 36.32 -18.04
N PHE A 638 29.63 35.02 -18.10
CA PHE A 638 29.68 34.35 -19.39
C PHE A 638 28.32 34.35 -20.08
N GLN A 639 27.26 34.26 -19.29
CA GLN A 639 25.92 34.38 -19.84
C GLN A 639 25.75 35.77 -20.43
N GLY A 640 26.11 36.78 -19.65
CA GLY A 640 26.06 38.15 -20.12
C GLY A 640 26.79 38.29 -21.44
N LEU A 641 28.06 37.90 -21.44
CA LEU A 641 28.91 38.02 -22.63
C LEU A 641 28.36 37.22 -23.80
N ASN A 642 27.83 36.05 -23.54
CA ASN A 642 27.35 35.18 -24.62
C ASN A 642 26.12 35.75 -25.34
N GLU A 643 25.37 36.59 -24.67
CA GLU A 643 24.14 37.14 -25.23
C GLU A 643 24.31 38.59 -25.68
N LEU A 644 25.34 39.25 -25.16
CA LEU A 644 25.57 40.67 -25.46
C LEU A 644 26.53 40.87 -26.63
N ILE A 645 27.64 40.15 -26.63
CA ILE A 645 28.62 40.28 -27.71
C ILE A 645 28.00 40.17 -29.10
N PRO A 646 27.35 39.03 -29.38
CA PRO A 646 26.77 38.78 -30.71
C PRO A 646 26.00 39.99 -31.23
N MET A 647 25.44 40.77 -30.33
CA MET A 647 24.67 41.95 -30.70
C MET A 647 25.50 42.95 -31.47
N TYR A 648 26.65 43.34 -30.92
CA TYR A 648 27.48 44.33 -31.58
C TYR A 648 28.26 43.76 -32.75
N LYS A 649 28.30 42.43 -32.85
CA LYS A 649 28.91 41.80 -34.01
C LYS A 649 27.99 41.86 -35.23
N LEU A 650 26.74 42.26 -34.99
CA LEU A 650 25.78 42.49 -36.06
C LEU A 650 25.77 43.96 -36.45
N MET A 651 26.13 44.79 -35.48
CA MET A 651 26.26 46.23 -35.70
C MET A 651 27.55 46.51 -36.44
N GLU A 652 28.61 45.79 -36.08
CA GLU A 652 29.91 45.92 -36.75
C GLU A 652 29.79 45.81 -38.25
N LYS A 653 28.89 44.95 -38.71
CA LYS A 653 28.70 44.72 -40.13
C LYS A 653 27.57 45.57 -40.68
N ARG A 654 27.43 46.77 -40.11
CA ARG A 654 26.41 47.71 -40.53
C ARG A 654 26.95 49.13 -40.57
N ASP A 655 26.24 50.01 -41.26
CA ASP A 655 26.67 51.38 -41.42
C ASP A 655 26.79 52.08 -40.07
N MET A 656 25.71 52.07 -39.30
CA MET A 656 25.64 52.83 -38.07
C MET A 656 26.76 52.50 -37.08
N ASN A 657 27.65 53.47 -36.90
CA ASN A 657 28.82 53.31 -36.07
C ASN A 657 28.59 53.89 -34.68
N GLU A 658 27.64 54.81 -34.57
CA GLU A 658 27.40 55.51 -33.33
C GLU A 658 26.80 54.58 -32.27
N VAL A 659 25.81 53.79 -32.67
CA VAL A 659 25.23 52.80 -31.77
C VAL A 659 26.25 51.73 -31.43
N GLU A 660 26.95 51.23 -32.45
CA GLU A 660 28.01 50.25 -32.25
C GLU A 660 28.99 50.70 -31.19
N THR A 661 29.46 51.94 -31.29
CA THR A 661 30.46 52.45 -30.36
C THR A 661 29.89 52.65 -28.96
N GLN A 662 28.69 53.21 -28.86
CA GLN A 662 28.06 53.40 -27.56
C GLN A 662 27.76 52.07 -26.89
N PHE A 663 27.45 51.06 -27.70
CA PHE A 663 27.18 49.75 -27.16
C PHE A 663 28.44 49.15 -26.57
N LYS A 664 29.51 49.12 -27.35
CA LYS A 664 30.79 48.66 -26.87
C LYS A 664 31.25 49.46 -25.65
N ALA A 665 31.02 50.77 -25.70
CA ALA A 665 31.36 51.64 -24.58
C ALA A 665 30.62 51.18 -23.33
N PHE A 666 29.35 50.82 -23.52
CA PHE A 666 28.50 50.35 -22.43
C PHE A 666 28.99 49.04 -21.84
N LEU A 667 29.43 48.15 -22.73
CA LEU A 667 29.89 46.84 -22.31
C LEU A 667 31.15 46.95 -21.47
N ILE A 668 32.08 47.81 -21.88
CA ILE A 668 33.32 48.00 -21.15
C ILE A 668 33.12 48.73 -19.82
N ARG A 669 32.09 49.57 -19.75
CA ARG A 669 31.76 50.24 -18.49
C ARG A 669 31.11 49.26 -17.50
N LEU A 670 30.48 48.23 -18.04
CA LEU A 670 29.86 47.19 -17.23
C LEU A 670 30.93 46.30 -16.58
N LEU A 671 31.89 45.87 -17.40
CA LEU A 671 32.91 44.92 -16.97
C LEU A 671 34.14 45.60 -16.40
N ARG A 672 34.24 46.91 -16.61
CA ARG A 672 35.35 47.72 -16.13
C ARG A 672 35.95 47.17 -14.83
N ASP A 673 35.17 47.20 -13.76
CA ASP A 673 35.64 46.74 -12.45
C ASP A 673 36.20 45.34 -12.51
N LEU A 674 35.47 44.42 -13.12
CA LEU A 674 35.90 43.02 -13.21
C LEU A 674 37.22 42.88 -13.96
N ILE A 675 37.33 43.57 -15.09
CA ILE A 675 38.53 43.53 -15.90
C ILE A 675 39.77 43.95 -15.11
N ASP A 676 39.60 45.00 -14.31
CA ASP A 676 40.70 45.52 -13.49
C ASP A 676 41.19 44.48 -12.49
N LYS A 677 40.26 43.75 -11.87
CA LYS A 677 40.61 42.74 -10.89
C LYS A 677 41.40 41.58 -11.49
N GLN A 678 41.37 41.44 -12.80
CA GLN A 678 42.08 40.36 -13.47
C GLN A 678 43.58 40.40 -13.23
N THR A 679 44.10 39.31 -12.66
CA THR A 679 45.54 39.10 -12.60
C THR A 679 46.01 38.78 -14.01
N TRP A 680 47.24 39.13 -14.34
CA TRP A 680 47.77 38.83 -15.65
C TRP A 680 48.66 37.60 -15.59
N THR A 681 48.13 36.54 -14.99
CA THR A 681 48.87 35.32 -14.76
C THR A 681 48.14 34.12 -15.36
N ASP A 682 48.68 32.92 -15.15
CA ASP A 682 48.04 31.70 -15.61
C ASP A 682 47.42 30.94 -14.44
N GLU A 683 47.26 31.61 -13.30
CA GLU A 683 46.76 30.96 -12.09
C GLU A 683 45.25 30.81 -12.11
N GLY A 684 44.74 29.91 -11.28
CA GLY A 684 43.31 29.69 -11.18
C GLY A 684 42.82 28.43 -11.89
N SER A 685 41.53 28.15 -11.74
CA SER A 685 40.93 26.97 -12.36
C SER A 685 40.60 27.22 -13.82
N VAL A 686 40.23 26.16 -14.52
CA VAL A 686 39.99 26.22 -15.96
C VAL A 686 39.05 27.36 -16.38
N SER A 687 37.94 27.52 -15.66
CA SER A 687 36.95 28.54 -15.96
C SER A 687 37.43 29.92 -15.54
N GLU A 688 38.16 29.98 -14.43
CA GLU A 688 38.77 31.22 -13.98
C GLU A 688 39.79 31.72 -15.02
N ARG A 689 40.51 30.78 -15.64
CA ARG A 689 41.50 31.14 -16.65
C ARG A 689 40.84 31.53 -17.98
N MET A 690 39.74 30.87 -18.30
CA MET A 690 38.98 31.18 -19.52
C MET A 690 38.38 32.57 -19.46
N LEU A 691 37.94 32.98 -18.27
CA LEU A 691 37.37 34.30 -18.08
C LEU A 691 38.46 35.36 -18.17
N ARG A 692 39.60 35.09 -17.55
CA ARG A 692 40.73 36.02 -17.62
C ARG A 692 41.10 36.24 -19.08
N SER A 693 41.26 35.14 -19.80
CA SER A 693 41.62 35.18 -21.21
C SER A 693 40.64 36.03 -22.03
N GLU A 694 39.35 35.76 -21.88
CA GLU A 694 38.32 36.44 -22.66
C GLU A 694 38.10 37.89 -22.26
N LEU A 695 38.14 38.17 -20.96
CA LEU A 695 37.99 39.55 -20.50
C LEU A 695 39.07 40.46 -21.07
N LEU A 696 40.32 40.07 -20.89
CA LEU A 696 41.45 40.89 -21.34
C LEU A 696 41.42 41.09 -22.86
N LEU A 697 41.28 40.00 -23.60
CA LEU A 697 41.19 40.10 -25.06
C LEU A 697 40.13 41.12 -25.46
N LEU A 698 38.97 41.02 -24.82
CA LEU A 698 37.85 41.91 -25.10
C LEU A 698 38.24 43.36 -24.83
N ALA A 699 38.74 43.62 -23.63
CA ALA A 699 39.10 44.96 -23.21
C ALA A 699 40.09 45.62 -24.17
N CYS A 700 41.12 44.89 -24.57
CA CYS A 700 42.13 45.42 -25.48
C CYS A 700 41.61 45.57 -26.91
N VAL A 701 40.74 44.65 -27.32
CA VAL A 701 40.12 44.73 -28.63
C VAL A 701 39.25 45.97 -28.74
N HIS A 702 38.77 46.47 -27.60
CA HIS A 702 37.92 47.64 -27.57
C HIS A 702 38.66 48.86 -27.02
N ASN A 703 39.97 48.84 -27.18
CA ASN A 703 40.79 49.99 -26.85
C ASN A 703 40.53 50.58 -25.46
N TYR A 704 40.15 49.71 -24.52
CA TYR A 704 40.17 50.10 -23.12
C TYR A 704 41.62 50.37 -22.74
N GLN A 705 41.97 51.64 -22.61
CA GLN A 705 43.37 52.04 -22.51
C GLN A 705 44.21 51.26 -21.49
N PRO A 706 43.73 51.17 -20.23
CA PRO A 706 44.54 50.49 -19.20
C PRO A 706 45.09 49.14 -19.67
N CYS A 707 44.21 48.26 -20.11
CA CYS A 707 44.63 46.94 -20.59
C CYS A 707 45.44 47.02 -21.88
N VAL A 708 45.10 47.96 -22.76
CA VAL A 708 45.80 48.12 -24.04
C VAL A 708 47.25 48.53 -23.81
N GLN A 709 47.44 49.50 -22.93
CA GLN A 709 48.78 49.97 -22.53
C GLN A 709 49.62 48.82 -22.00
N ARG A 710 49.17 48.24 -20.89
CA ARG A 710 49.81 47.08 -20.30
C ARG A 710 50.17 46.07 -21.39
N ALA A 711 49.17 45.70 -22.19
CA ALA A 711 49.36 44.76 -23.28
C ALA A 711 50.50 45.16 -24.21
N GLU A 712 50.53 46.42 -24.62
CA GLU A 712 51.60 46.92 -25.47
C GLU A 712 52.94 46.63 -24.83
N GLY A 713 53.06 46.98 -23.55
CA GLY A 713 54.28 46.76 -22.81
C GLY A 713 54.76 45.32 -22.91
N TYR A 714 53.90 44.40 -22.48
CA TYR A 714 54.22 42.98 -22.53
C TYR A 714 54.68 42.57 -23.93
N PHE A 715 53.97 42.99 -24.96
CA PHE A 715 54.33 42.62 -26.32
C PHE A 715 55.70 43.14 -26.73
N ARG A 716 56.06 44.30 -26.21
CA ARG A 716 57.37 44.91 -26.47
C ARG A 716 58.48 44.10 -25.81
N LYS A 717 58.27 43.73 -24.55
CA LYS A 717 59.24 42.92 -23.82
C LYS A 717 59.44 41.58 -24.50
N TRP A 718 58.43 41.14 -25.25
CA TRP A 718 58.44 39.82 -25.88
C TRP A 718 58.94 39.88 -27.32
N LYS A 719 58.86 41.06 -27.95
CA LYS A 719 59.41 41.23 -29.28
C LYS A 719 60.92 41.35 -29.17
N GLU A 720 61.36 42.19 -28.24
CA GLU A 720 62.77 42.41 -27.98
C GLU A 720 63.34 41.26 -27.16
N SER A 721 62.64 40.13 -27.16
CA SER A 721 62.97 39.03 -26.26
C SER A 721 64.09 38.11 -26.75
N ASN A 722 63.96 37.55 -27.96
CA ASN A 722 62.83 37.73 -28.84
C ASN A 722 61.97 36.48 -28.83
N GLY A 723 60.72 36.63 -28.42
CA GLY A 723 59.88 35.48 -28.20
C GLY A 723 60.60 34.50 -27.27
N ASN A 724 61.65 34.96 -26.59
CA ASN A 724 62.35 34.10 -25.65
C ASN A 724 61.69 34.01 -24.27
N LEU A 725 61.48 35.14 -23.61
CA LEU A 725 60.84 35.12 -22.28
C LEU A 725 59.39 34.63 -22.35
N SER A 726 59.03 33.72 -21.45
CA SER A 726 57.70 33.12 -21.46
C SER A 726 56.60 34.14 -21.22
N LEU A 727 55.44 33.87 -21.82
CA LEU A 727 54.29 34.76 -21.72
C LEU A 727 53.07 33.92 -21.35
N PRO A 728 52.38 34.29 -20.26
CA PRO A 728 51.22 33.56 -19.76
C PRO A 728 50.16 33.35 -20.83
N VAL A 729 49.77 32.09 -21.06
CA VAL A 729 48.83 31.76 -22.13
C VAL A 729 47.48 32.47 -22.03
N ASP A 730 47.08 32.79 -20.80
CA ASP A 730 45.82 33.51 -20.58
C ASP A 730 45.84 34.89 -21.22
N VAL A 731 47.01 35.52 -21.21
CA VAL A 731 47.14 36.89 -21.68
C VAL A 731 47.68 36.99 -23.11
N THR A 732 48.35 35.95 -23.59
CA THR A 732 49.00 35.99 -24.89
C THR A 732 48.02 36.30 -26.01
N LEU A 733 46.77 35.89 -25.84
CA LEU A 733 45.77 36.10 -26.87
C LEU A 733 45.53 37.59 -27.06
N ALA A 734 45.43 38.29 -25.94
CA ALA A 734 45.23 39.74 -25.94
C ALA A 734 46.49 40.47 -26.41
N VAL A 735 47.62 40.11 -25.81
CA VAL A 735 48.90 40.74 -26.13
C VAL A 735 49.25 40.65 -27.62
N PHE A 736 49.19 39.46 -28.18
CA PHE A 736 49.44 39.29 -29.61
C PHE A 736 48.47 40.13 -30.41
N ALA A 737 47.20 40.11 -30.03
CA ALA A 737 46.17 40.89 -30.71
C ALA A 737 46.59 42.35 -30.79
N VAL A 738 46.97 42.92 -29.65
CA VAL A 738 47.44 44.29 -29.58
C VAL A 738 48.69 44.48 -30.43
N GLY A 739 49.62 43.54 -30.30
CA GLY A 739 50.89 43.62 -30.99
C GLY A 739 50.77 43.65 -32.49
N ALA A 740 49.83 42.89 -33.01
CA ALA A 740 49.63 42.77 -34.46
C ALA A 740 49.11 44.07 -35.08
N GLN A 741 48.83 45.06 -34.25
CA GLN A 741 48.28 46.33 -34.75
C GLN A 741 49.34 47.18 -35.44
N SER A 742 50.58 47.12 -34.95
CA SER A 742 51.69 47.78 -35.62
C SER A 742 52.20 46.92 -36.78
N THR A 743 52.55 47.57 -37.88
CA THR A 743 52.96 46.86 -39.09
C THR A 743 54.27 46.09 -38.92
N GLU A 744 55.05 46.46 -37.91
CA GLU A 744 56.30 45.76 -37.62
C GLU A 744 56.04 44.59 -36.67
N GLY A 745 55.19 44.82 -35.68
CA GLY A 745 54.76 43.78 -34.79
C GLY A 745 53.98 42.70 -35.51
N TRP A 746 53.17 43.11 -36.48
CA TRP A 746 52.45 42.15 -37.30
C TRP A 746 53.42 41.22 -37.99
N ASP A 747 54.47 41.79 -38.57
CA ASP A 747 55.47 41.01 -39.30
C ASP A 747 56.29 40.10 -38.39
N PHE A 748 56.70 40.64 -37.24
CA PHE A 748 57.41 39.84 -36.25
C PHE A 748 56.62 38.58 -35.94
N LEU A 749 55.35 38.75 -35.62
CA LEU A 749 54.46 37.63 -35.32
C LEU A 749 54.42 36.64 -36.49
N TYR A 750 54.40 37.16 -37.70
CA TYR A 750 54.31 36.30 -38.87
C TYR A 750 55.56 35.43 -39.03
N SER A 751 56.72 35.97 -38.66
CA SER A 751 57.95 35.18 -38.69
C SER A 751 57.91 34.16 -37.56
N LYS A 752 57.62 34.64 -36.35
CA LYS A 752 57.50 33.78 -35.18
C LYS A 752 56.39 32.75 -35.40
N TYR A 753 55.61 32.97 -36.45
CA TYR A 753 54.43 32.16 -36.74
C TYR A 753 54.78 30.77 -37.29
N GLN A 754 56.05 30.59 -37.66
CA GLN A 754 56.49 29.33 -38.24
C GLN A 754 57.12 28.45 -37.17
N PHE A 755 57.82 29.09 -36.25
CA PHE A 755 58.48 28.41 -35.15
C PHE A 755 57.51 28.36 -33.97
N SER A 756 56.23 28.32 -34.28
CA SER A 756 55.19 28.29 -33.24
C SER A 756 55.06 26.92 -32.61
N LEU A 757 55.73 25.93 -33.21
CA LEU A 757 55.82 24.59 -32.64
C LEU A 757 54.52 23.81 -32.68
N SER A 758 53.72 24.02 -33.72
CA SER A 758 52.43 23.35 -33.84
C SER A 758 51.74 23.37 -32.48
N SER A 759 51.85 24.51 -31.81
CA SER A 759 51.44 24.64 -30.42
C SER A 759 50.03 25.17 -30.33
N THR A 760 49.63 25.55 -29.13
CA THR A 760 48.42 26.34 -28.95
C THR A 760 48.75 27.76 -29.35
N GLU A 761 50.02 28.13 -29.17
CA GLU A 761 50.51 29.46 -29.48
C GLU A 761 50.30 29.84 -30.94
N LYS A 762 50.47 28.89 -31.84
CA LYS A 762 50.26 29.15 -33.25
C LYS A 762 48.85 29.69 -33.49
N SER A 763 47.86 28.95 -32.99
CA SER A 763 46.46 29.34 -33.16
C SER A 763 46.17 30.70 -32.55
N GLN A 764 46.91 31.05 -31.51
CA GLN A 764 46.77 32.36 -30.87
C GLN A 764 47.27 33.47 -31.78
N ILE A 765 48.44 33.26 -32.38
CA ILE A 765 48.96 34.20 -33.37
C ILE A 765 47.99 34.28 -34.54
N GLU A 766 47.77 33.16 -35.19
CA GLU A 766 46.80 33.06 -36.28
C GLU A 766 45.62 34.00 -36.04
N PHE A 767 45.18 34.09 -34.79
CA PHE A 767 44.09 34.98 -34.41
C PHE A 767 44.52 36.43 -34.48
N ALA A 768 45.61 36.74 -33.77
CA ALA A 768 46.13 38.10 -33.70
C ALA A 768 46.40 38.69 -35.09
N LEU A 769 46.93 37.86 -35.98
CA LEU A 769 47.21 38.30 -37.33
C LEU A 769 45.95 38.70 -38.07
N CYS A 770 44.88 37.93 -37.89
CA CYS A 770 43.62 38.21 -38.57
C CYS A 770 42.89 39.40 -37.95
N ARG A 771 43.42 39.88 -36.83
CA ARG A 771 42.75 40.91 -36.05
C ARG A 771 43.29 42.31 -36.37
N THR A 772 44.34 42.38 -37.17
CA THR A 772 44.92 43.66 -37.55
C THR A 772 43.91 44.48 -38.35
N GLN A 773 44.07 45.81 -38.34
CA GLN A 773 43.17 46.68 -39.09
C GLN A 773 43.72 46.99 -40.47
N ASN A 774 44.95 46.55 -40.72
CA ASN A 774 45.56 46.69 -42.04
C ASN A 774 44.87 45.80 -43.07
N LYS A 775 44.04 46.41 -43.92
CA LYS A 775 43.26 45.64 -44.88
C LYS A 775 44.10 44.95 -45.93
N GLU A 776 45.26 45.54 -46.25
CA GLU A 776 46.14 44.94 -47.23
C GLU A 776 46.80 43.69 -46.64
N LYS A 777 47.18 43.79 -45.37
CA LYS A 777 47.78 42.66 -44.66
C LYS A 777 46.75 41.56 -44.41
N LEU A 778 45.47 41.93 -44.36
CA LEU A 778 44.42 40.93 -44.27
C LEU A 778 44.23 40.24 -45.61
N GLN A 779 43.88 41.03 -46.63
CA GLN A 779 43.74 40.50 -47.98
C GLN A 779 44.93 39.63 -48.32
N TRP A 780 46.10 40.04 -47.83
CA TRP A 780 47.35 39.33 -48.10
C TRP A 780 47.31 37.94 -47.48
N LEU A 781 46.92 37.85 -46.22
CA LEU A 781 46.77 36.57 -45.56
C LEU A 781 45.81 35.67 -46.33
N LEU A 782 44.80 36.28 -46.96
CA LEU A 782 43.79 35.53 -47.72
C LEU A 782 44.38 34.79 -48.91
N ASP A 783 45.04 35.52 -49.80
CA ASP A 783 45.63 34.93 -51.00
C ASP A 783 46.71 33.90 -50.65
N GLU A 784 47.59 34.25 -49.73
CA GLU A 784 48.75 33.40 -49.42
C GLU A 784 48.34 32.06 -48.80
N SER A 785 47.28 32.07 -48.01
CA SER A 785 46.79 30.82 -47.40
C SER A 785 45.99 30.02 -48.41
N PHE A 786 45.92 30.53 -49.64
CA PHE A 786 45.27 29.85 -50.74
C PHE A 786 46.37 29.25 -51.61
N LYS A 787 47.54 29.88 -51.57
CA LYS A 787 48.71 29.41 -52.30
C LYS A 787 49.25 28.13 -51.69
N GLY A 788 50.07 27.42 -52.46
CA GLY A 788 50.69 26.20 -51.97
C GLY A 788 51.90 26.45 -51.11
N ASP A 789 52.66 27.47 -51.48
CA ASP A 789 53.96 27.75 -50.86
C ASP A 789 53.92 27.89 -49.35
N LYS A 790 53.11 28.83 -48.86
CA LYS A 790 53.17 29.23 -47.45
C LYS A 790 52.17 28.50 -46.55
N ILE A 791 51.02 28.15 -47.11
CA ILE A 791 50.03 27.34 -46.40
C ILE A 791 48.80 27.18 -47.29
N LYS A 792 48.11 26.05 -47.16
CA LYS A 792 47.11 25.67 -48.17
C LYS A 792 45.72 25.32 -47.63
N THR A 793 45.49 24.03 -47.47
CA THR A 793 44.16 23.51 -47.17
C THR A 793 43.91 23.43 -45.67
N GLN A 794 44.98 23.23 -44.92
CA GLN A 794 44.87 22.95 -43.49
C GLN A 794 44.40 24.14 -42.66
N GLU A 795 44.47 25.35 -43.21
CA GLU A 795 44.18 26.52 -42.40
C GLU A 795 43.27 27.58 -43.03
N PHE A 796 43.34 27.73 -44.35
CA PHE A 796 42.57 28.77 -45.04
C PHE A 796 41.14 28.95 -44.50
N PRO A 797 40.38 27.85 -44.38
CA PRO A 797 38.99 27.89 -43.92
C PRO A 797 38.80 28.61 -42.60
N GLN A 798 39.80 28.54 -41.73
CA GLN A 798 39.69 29.12 -40.40
C GLN A 798 40.12 30.58 -40.39
N ILE A 799 41.09 30.92 -41.22
CA ILE A 799 41.52 32.31 -41.38
C ILE A 799 40.37 33.12 -41.95
N LEU A 800 39.79 32.63 -43.05
CA LEU A 800 38.70 33.32 -43.73
C LEU A 800 37.63 33.78 -42.75
N THR A 801 37.22 32.89 -41.85
CA THR A 801 36.18 33.20 -40.89
C THR A 801 36.68 34.19 -39.83
N LEU A 802 37.93 34.02 -39.42
CA LEU A 802 38.55 34.94 -38.46
C LEU A 802 38.59 36.36 -38.99
N ILE A 803 38.89 36.52 -40.28
CA ILE A 803 38.89 37.83 -40.89
C ILE A 803 37.46 38.29 -41.14
N GLY A 804 36.58 37.33 -41.42
CA GLY A 804 35.18 37.61 -41.64
C GLY A 804 34.50 38.14 -40.39
N ARG A 805 35.24 38.18 -39.30
CA ARG A 805 34.72 38.65 -38.02
C ARG A 805 35.39 39.94 -37.58
N ASN A 806 36.45 40.31 -38.30
CA ASN A 806 37.06 41.63 -38.12
C ASN A 806 36.16 42.66 -38.77
N PRO A 807 35.77 43.70 -38.00
CA PRO A 807 34.87 44.75 -38.47
C PRO A 807 35.33 45.41 -39.76
N VAL A 808 36.62 45.34 -40.03
CA VAL A 808 37.20 45.98 -41.19
C VAL A 808 37.70 44.94 -42.21
N GLY A 809 37.52 43.67 -41.85
CA GLY A 809 37.97 42.58 -42.69
C GLY A 809 36.86 41.70 -43.25
N TYR A 810 35.64 41.89 -42.78
CA TYR A 810 34.52 41.09 -43.28
C TYR A 810 34.22 41.31 -44.76
N PRO A 811 34.31 42.56 -45.23
CA PRO A 811 34.01 42.81 -46.65
C PRO A 811 34.98 42.04 -47.55
N LEU A 812 36.23 41.91 -47.12
CA LEU A 812 37.26 41.25 -47.92
C LEU A 812 37.00 39.75 -48.06
N ALA A 813 36.64 39.11 -46.95
CA ALA A 813 36.38 37.68 -46.95
C ALA A 813 35.13 37.35 -47.76
N TRP A 814 34.16 38.26 -47.73
CA TRP A 814 32.94 38.13 -48.52
C TRP A 814 33.27 38.39 -49.99
N GLN A 815 33.89 39.53 -50.26
CA GLN A 815 34.32 39.87 -51.62
C GLN A 815 35.30 38.83 -52.15
N PHE A 816 35.78 37.96 -51.27
CA PHE A 816 36.76 36.94 -51.64
C PHE A 816 36.08 35.62 -51.94
N LEU A 817 35.11 35.25 -51.11
CA LEU A 817 34.34 34.04 -51.34
C LEU A 817 33.61 34.14 -52.67
N ARG A 818 33.25 35.36 -53.04
CA ARG A 818 32.60 35.59 -54.32
C ARG A 818 33.57 35.45 -55.49
N LYS A 819 34.61 36.30 -55.52
CA LYS A 819 35.62 36.23 -56.58
C LYS A 819 36.10 34.79 -56.78
N ASN A 820 36.93 34.33 -55.84
CA ASN A 820 37.60 33.06 -55.97
C ASN A 820 36.70 31.85 -55.75
N TRP A 821 35.39 32.07 -55.78
CA TRP A 821 34.42 31.00 -55.55
C TRP A 821 34.65 29.78 -56.42
N ASN A 822 34.78 30.01 -57.73
CA ASN A 822 34.98 28.94 -58.70
C ASN A 822 36.16 28.03 -58.36
N LYS A 823 37.35 28.61 -58.28
CA LYS A 823 38.57 27.85 -57.98
C LYS A 823 38.57 27.45 -56.50
N LEU A 824 37.64 28.00 -55.74
CA LEU A 824 37.57 27.76 -54.30
C LEU A 824 36.85 26.45 -54.00
N VAL A 825 35.65 26.31 -54.56
CA VAL A 825 34.89 25.08 -54.41
C VAL A 825 35.75 23.89 -54.85
N GLN A 826 36.78 24.20 -55.65
CA GLN A 826 37.72 23.20 -56.14
C GLN A 826 38.32 22.38 -55.00
N LYS A 827 38.21 22.90 -53.79
CA LYS A 827 38.63 22.15 -52.60
C LYS A 827 37.61 22.31 -51.48
N SER A 832 32.83 19.36 -49.56
CA SER A 832 31.66 20.23 -49.52
C SER A 832 30.87 20.07 -48.22
N SER A 833 31.47 19.38 -47.25
CA SER A 833 30.81 19.15 -45.97
C SER A 833 31.48 19.95 -44.86
N SER A 834 32.77 20.23 -45.04
CA SER A 834 33.54 20.99 -44.06
C SER A 834 33.71 22.43 -44.49
N ILE A 835 33.31 22.72 -45.73
CA ILE A 835 33.44 24.06 -46.28
C ILE A 835 32.23 24.91 -45.94
N ALA A 836 31.17 24.27 -45.44
CA ALA A 836 29.98 25.00 -45.01
C ALA A 836 30.33 25.95 -43.88
N HIS A 837 31.33 25.59 -43.07
CA HIS A 837 31.81 26.46 -42.01
C HIS A 837 32.24 27.82 -42.57
N MET A 838 32.84 27.81 -43.76
CA MET A 838 33.33 29.04 -44.38
C MET A 838 32.20 29.91 -44.90
N VAL A 839 31.12 29.29 -45.34
CA VAL A 839 29.98 30.01 -45.88
C VAL A 839 29.15 30.65 -44.77
N MET A 840 29.12 29.99 -43.60
CA MET A 840 28.48 30.57 -42.43
C MET A 840 29.33 31.71 -41.90
N GLY A 841 30.58 31.39 -41.55
CA GLY A 841 31.49 32.35 -40.95
C GLY A 841 31.74 33.60 -41.78
N THR A 842 31.14 33.67 -42.96
CA THR A 842 31.32 34.80 -43.85
C THR A 842 30.06 35.65 -43.98
N THR A 843 28.90 35.03 -43.76
CA THR A 843 27.63 35.73 -43.93
C THR A 843 26.75 35.60 -42.68
N ASN A 844 27.23 34.83 -41.70
CA ASN A 844 26.47 34.51 -40.50
C ASN A 844 25.88 35.72 -39.78
N GLN A 845 26.52 36.87 -39.92
CA GLN A 845 26.18 38.02 -39.09
C GLN A 845 25.70 39.26 -39.85
N PHE A 846 25.08 39.05 -41.01
CA PHE A 846 24.46 40.15 -41.74
C PHE A 846 23.03 40.41 -41.23
N SER A 847 22.61 41.66 -41.23
CA SER A 847 21.34 42.03 -40.63
C SER A 847 20.53 42.97 -41.53
N THR A 848 21.08 43.25 -42.71
CA THR A 848 20.44 44.19 -43.62
C THR A 848 19.58 43.46 -44.65
N ARG A 849 18.48 44.07 -45.06
CA ARG A 849 17.62 43.50 -46.08
C ARG A 849 18.38 43.43 -47.40
N THR A 850 19.15 44.48 -47.67
CA THR A 850 19.94 44.55 -48.90
C THR A 850 21.10 43.57 -48.86
N ARG A 851 21.71 43.39 -47.68
CA ARG A 851 22.79 42.43 -47.51
C ARG A 851 22.30 41.04 -47.85
N LEU A 852 20.98 40.88 -47.85
CA LEU A 852 20.35 39.61 -48.23
C LEU A 852 20.20 39.51 -49.73
N GLU A 853 19.75 40.61 -50.34
CA GLU A 853 19.60 40.68 -51.78
C GLU A 853 20.89 40.21 -52.48
N GLU A 854 22.00 40.35 -51.77
CA GLU A 854 23.29 39.89 -52.30
C GLU A 854 23.38 38.37 -52.26
N VAL A 855 23.41 37.80 -51.06
CA VAL A 855 23.52 36.36 -50.88
C VAL A 855 22.55 35.62 -51.79
N LYS A 856 21.44 36.26 -52.12
CA LYS A 856 20.46 35.69 -53.05
C LYS A 856 21.02 35.63 -54.47
N CYS A 871 22.85 22.80 -48.65
CA CYS A 871 23.75 22.58 -47.52
C CYS A 871 23.74 23.78 -46.58
N VAL A 872 24.25 24.89 -47.09
CA VAL A 872 24.27 26.15 -46.35
C VAL A 872 22.88 26.78 -46.37
N GLN A 873 21.87 25.92 -46.33
CA GLN A 873 20.49 26.39 -46.31
C GLN A 873 20.20 27.08 -44.98
N GLN A 874 20.94 26.70 -43.95
CA GLN A 874 20.78 27.30 -42.62
C GLN A 874 21.20 28.77 -42.62
N THR A 875 22.31 29.07 -43.28
CA THR A 875 22.84 30.43 -43.30
C THR A 875 21.85 31.44 -43.87
N ILE A 876 20.98 30.97 -44.74
CA ILE A 876 19.93 31.81 -45.30
C ILE A 876 18.90 32.16 -44.24
N GLU A 877 18.56 31.18 -43.41
CA GLU A 877 17.65 31.39 -42.29
C GLU A 877 18.23 32.40 -41.31
N THR A 878 19.35 32.03 -40.69
CA THR A 878 19.96 32.83 -39.62
C THR A 878 20.03 34.32 -39.94
N ILE A 879 20.25 34.65 -41.21
CA ILE A 879 20.26 36.06 -41.58
C ILE A 879 18.85 36.64 -41.49
N GLU A 880 17.87 35.92 -42.01
CA GLU A 880 16.48 36.31 -41.89
C GLU A 880 16.16 36.69 -40.45
N GLU A 881 16.68 35.91 -39.51
CA GLU A 881 16.47 36.15 -38.09
C GLU A 881 17.19 37.42 -37.64
N ASN A 882 18.46 37.52 -38.01
CA ASN A 882 19.26 38.72 -37.73
C ASN A 882 18.56 40.02 -38.12
N ILE A 883 17.83 39.98 -39.23
CA ILE A 883 17.10 41.14 -39.72
C ILE A 883 15.88 41.45 -38.87
N GLY A 884 15.08 40.43 -38.60
CA GLY A 884 13.93 40.60 -37.73
C GLY A 884 14.38 41.24 -36.44
N TRP A 885 15.36 40.59 -35.80
CA TRP A 885 15.90 41.04 -34.53
C TRP A 885 16.28 42.52 -34.59
N MET A 886 16.87 42.93 -35.71
CA MET A 886 17.30 44.30 -35.92
C MET A 886 16.13 45.26 -36.15
N ASP A 887 15.20 44.86 -37.01
CA ASP A 887 14.03 45.68 -37.31
C ASP A 887 13.19 45.95 -36.05
N LYS A 888 13.34 45.09 -35.06
CA LYS A 888 12.58 45.20 -33.82
C LYS A 888 13.37 45.87 -32.70
N ASN A 889 14.61 45.45 -32.50
CA ASN A 889 15.37 45.87 -31.33
C ASN A 889 16.26 47.10 -31.49
N PHE A 890 16.75 47.34 -32.70
CA PHE A 890 17.72 48.42 -32.89
C PHE A 890 17.22 49.75 -32.31
N ASP A 891 15.99 50.11 -32.62
CA ASP A 891 15.43 51.37 -32.16
C ASP A 891 15.34 51.42 -30.63
N LYS A 892 15.18 50.25 -30.01
CA LYS A 892 15.06 50.17 -28.55
C LYS A 892 16.42 50.26 -27.89
N ILE A 893 17.41 49.62 -28.51
CA ILE A 893 18.79 49.65 -28.03
C ILE A 893 19.35 51.05 -28.13
N ARG A 894 19.01 51.73 -29.22
CA ARG A 894 19.47 53.09 -29.47
C ARG A 894 19.00 54.04 -28.36
N VAL A 895 17.72 53.96 -28.05
CA VAL A 895 17.11 54.82 -27.04
C VAL A 895 17.57 54.47 -25.63
N TRP A 896 17.81 53.18 -25.42
CA TRP A 896 18.28 52.65 -24.16
C TRP A 896 19.64 53.24 -23.82
N LEU A 897 20.53 53.22 -24.80
CA LEU A 897 21.90 53.67 -24.63
C LEU A 897 22.02 55.13 -24.20
N GLN A 898 20.93 55.88 -24.37
CA GLN A 898 20.89 57.26 -23.93
C GLN A 898 19.84 57.47 -22.84
N PRO B 10 -30.73 34.99 -32.12
CA PRO B 10 -30.54 33.53 -32.00
C PRO B 10 -29.48 33.20 -30.96
N PHE B 11 -29.88 33.11 -29.69
CA PHE B 11 -28.91 32.89 -28.63
C PHE B 11 -28.10 31.61 -28.84
N PRO B 12 -26.77 31.74 -28.84
CA PRO B 12 -25.80 30.70 -29.16
C PRO B 12 -25.60 29.66 -28.05
N TRP B 13 -26.51 29.56 -27.10
CA TRP B 13 -26.27 28.63 -26.00
C TRP B 13 -27.53 28.03 -25.35
N ASN B 14 -27.58 26.69 -25.32
CA ASN B 14 -28.76 25.93 -24.92
C ASN B 14 -28.88 25.59 -23.45
N LYS B 15 -27.77 25.58 -22.73
CA LYS B 15 -27.70 24.95 -21.42
C LYS B 15 -27.72 25.90 -20.23
N ILE B 16 -28.05 25.36 -19.05
CA ILE B 16 -28.09 26.15 -17.84
C ILE B 16 -26.70 26.39 -17.29
N ARG B 17 -25.88 25.34 -17.31
CA ARG B 17 -24.50 25.42 -16.87
C ARG B 17 -23.65 26.11 -17.93
N LEU B 18 -22.88 27.12 -17.53
CA LEU B 18 -21.98 27.83 -18.44
C LEU B 18 -21.03 26.90 -19.19
N PRO B 19 -20.60 27.33 -20.39
CA PRO B 19 -19.57 26.61 -21.15
C PRO B 19 -18.28 26.58 -20.34
N GLU B 20 -17.55 25.47 -20.44
CA GLU B 20 -16.38 25.23 -19.59
C GLU B 20 -15.06 25.64 -20.22
N TYR B 21 -15.11 26.16 -21.46
CA TYR B 21 -13.88 26.47 -22.18
C TYR B 21 -13.51 27.96 -22.20
N VAL B 22 -14.25 28.77 -21.44
CA VAL B 22 -13.83 30.16 -21.20
C VAL B 22 -13.83 30.43 -19.71
N ILE B 23 -12.64 30.73 -19.18
CA ILE B 23 -12.40 30.71 -17.75
C ILE B 23 -11.95 32.06 -17.22
N PRO B 24 -12.55 32.50 -16.10
CA PRO B 24 -12.17 33.75 -15.46
C PRO B 24 -10.88 33.57 -14.66
N VAL B 25 -10.17 34.66 -14.43
CA VAL B 25 -8.92 34.65 -13.69
C VAL B 25 -8.99 35.73 -12.62
N HIS B 26 -9.44 36.92 -13.01
CA HIS B 26 -9.51 38.04 -12.09
C HIS B 26 -10.62 39.02 -12.50
N TYR B 27 -11.39 39.47 -11.53
CA TYR B 27 -12.40 40.49 -11.77
C TYR B 27 -11.95 41.81 -11.16
N ASP B 28 -12.17 42.88 -11.91
CA ASP B 28 -12.03 44.23 -11.37
C ASP B 28 -13.42 44.84 -11.39
N LEU B 29 -14.00 45.01 -10.20
CA LEU B 29 -15.38 45.49 -10.08
C LEU B 29 -15.44 46.92 -9.55
N LEU B 30 -16.06 47.81 -10.32
CA LEU B 30 -16.37 49.14 -9.83
C LEU B 30 -17.88 49.26 -9.68
N ILE B 31 -18.32 49.56 -8.45
CA ILE B 31 -19.74 49.71 -8.20
C ILE B 31 -20.02 51.07 -7.59
N HIS B 32 -20.87 51.84 -8.27
CA HIS B 32 -21.31 53.13 -7.81
C HIS B 32 -22.80 53.01 -7.50
N ALA B 33 -23.15 53.05 -6.22
CA ALA B 33 -24.57 52.97 -5.83
C ALA B 33 -25.08 54.28 -5.24
N ASN B 34 -26.27 54.70 -5.67
CA ASN B 34 -26.89 55.91 -5.14
C ASN B 34 -28.03 55.57 -4.19
N LEU B 35 -27.79 55.75 -2.90
CA LEU B 35 -28.74 55.33 -1.88
C LEU B 35 -29.88 56.33 -1.68
N THR B 36 -30.09 57.17 -2.68
CA THR B 36 -31.19 58.13 -2.66
C THR B 36 -32.13 57.82 -3.81
N THR B 37 -31.53 57.55 -4.97
CA THR B 37 -32.29 57.19 -6.16
C THR B 37 -32.48 55.69 -6.26
N LEU B 38 -31.79 54.96 -5.40
CA LEU B 38 -31.86 53.50 -5.36
C LEU B 38 -31.52 52.87 -6.70
N THR B 39 -30.52 53.43 -7.38
CA THR B 39 -30.01 52.88 -8.62
C THR B 39 -28.49 52.74 -8.50
N PHE B 40 -27.90 51.88 -9.32
CA PHE B 40 -26.45 51.72 -9.31
C PHE B 40 -25.89 51.42 -10.69
N TRP B 41 -24.65 51.87 -10.91
CA TRP B 41 -23.98 51.68 -12.18
C TRP B 41 -22.73 50.86 -11.94
N GLY B 42 -22.33 50.07 -12.94
CA GLY B 42 -21.14 49.27 -12.79
C GLY B 42 -20.20 49.34 -13.97
N THR B 43 -18.93 49.07 -13.68
CA THR B 43 -17.92 48.84 -14.71
C THR B 43 -17.06 47.69 -14.23
N THR B 44 -17.37 46.49 -14.71
CA THR B 44 -16.59 45.32 -14.31
C THR B 44 -15.69 44.83 -15.43
N LYS B 45 -14.44 44.54 -15.09
CA LYS B 45 -13.46 44.04 -16.05
C LYS B 45 -13.04 42.64 -15.65
N VAL B 46 -13.20 41.69 -16.57
CA VAL B 46 -12.81 40.31 -16.31
C VAL B 46 -11.66 39.88 -17.19
N GLU B 47 -10.57 39.45 -16.56
CA GLU B 47 -9.49 38.82 -17.30
C GLU B 47 -9.88 37.36 -17.50
N ILE B 48 -9.81 36.89 -18.74
CA ILE B 48 -10.27 35.54 -19.07
C ILE B 48 -9.29 34.79 -19.96
N THR B 49 -9.46 33.48 -20.05
CA THR B 49 -8.67 32.64 -20.93
C THR B 49 -9.55 31.58 -21.56
N ALA B 50 -9.38 31.38 -22.87
CA ALA B 50 -10.16 30.38 -23.59
C ALA B 50 -9.31 29.14 -23.86
N SER B 51 -9.84 27.98 -23.50
CA SER B 51 -9.11 26.72 -23.69
C SER B 51 -9.37 26.17 -25.08
N GLN B 52 -10.40 26.68 -25.73
CA GLN B 52 -10.68 26.34 -27.13
C GLN B 52 -10.93 27.63 -27.89
N PRO B 53 -10.58 27.65 -29.18
CA PRO B 53 -10.85 28.87 -29.96
C PRO B 53 -12.35 29.09 -29.98
N THR B 54 -12.78 30.34 -29.84
CA THR B 54 -14.20 30.67 -29.90
C THR B 54 -14.39 32.19 -29.98
N SER B 55 -15.54 32.62 -30.48
CA SER B 55 -15.80 34.06 -30.62
C SER B 55 -17.03 34.49 -29.83
N THR B 56 -17.55 33.58 -29.00
CA THR B 56 -18.67 33.91 -28.14
C THR B 56 -18.32 33.62 -26.67
N ILE B 57 -18.57 34.60 -25.82
CA ILE B 57 -18.37 34.43 -24.39
C ILE B 57 -19.73 34.46 -23.69
N ILE B 58 -20.18 33.30 -23.20
CA ILE B 58 -21.43 33.23 -22.46
C ILE B 58 -21.16 33.39 -20.96
N LEU B 59 -21.92 34.27 -20.31
CA LEU B 59 -21.84 34.44 -18.86
C LEU B 59 -23.17 34.85 -18.25
N HIS B 60 -23.16 35.18 -16.96
CA HIS B 60 -24.38 35.43 -16.22
C HIS B 60 -24.66 36.91 -15.97
N SER B 61 -25.89 37.31 -16.19
CA SER B 61 -26.37 38.64 -15.79
C SER B 61 -27.89 38.61 -15.59
N HIS B 62 -28.37 39.32 -14.58
CA HIS B 62 -29.79 39.30 -14.26
C HIS B 62 -30.29 40.66 -13.78
N HIS B 63 -31.26 41.20 -14.52
CA HIS B 63 -31.80 42.53 -14.23
C HIS B 63 -30.75 43.63 -14.30
N LEU B 64 -29.81 43.46 -15.23
CA LEU B 64 -28.77 44.44 -15.45
C LEU B 64 -28.86 45.02 -16.86
N GLN B 65 -28.85 46.35 -16.97
CA GLN B 65 -28.89 47.00 -18.26
C GLN B 65 -27.48 47.21 -18.81
N ILE B 66 -27.08 46.36 -19.74
CA ILE B 66 -25.74 46.40 -20.29
C ILE B 66 -25.57 47.58 -21.22
N SER B 67 -25.00 48.66 -20.71
CA SER B 67 -24.70 49.83 -21.51
C SER B 67 -23.77 49.45 -22.65
N ARG B 68 -22.63 48.84 -22.31
CA ARG B 68 -21.52 48.74 -23.25
C ARG B 68 -20.60 47.55 -22.92
N ALA B 69 -20.05 46.91 -23.96
CA ALA B 69 -19.14 45.77 -23.76
C ALA B 69 -18.04 45.71 -24.82
N THR B 70 -16.79 45.72 -24.37
CA THR B 70 -15.65 45.62 -25.28
C THR B 70 -14.66 44.53 -24.88
N LEU B 71 -13.86 44.10 -25.85
CA LEU B 71 -12.81 43.11 -25.61
C LEU B 71 -11.44 43.76 -25.71
N ARG B 72 -10.64 43.63 -24.65
CA ARG B 72 -9.32 44.23 -24.62
C ARG B 72 -8.19 43.21 -24.65
N LYS B 73 -7.04 43.64 -25.16
CA LYS B 73 -5.83 42.84 -25.16
C LYS B 73 -4.62 43.77 -25.28
N GLY B 74 -3.78 43.77 -24.24
CA GLY B 74 -2.58 44.59 -24.26
C GLY B 74 -2.72 45.91 -23.54
N ALA B 75 -1.69 46.75 -23.65
CA ALA B 75 -1.66 48.05 -22.98
C ALA B 75 -2.56 49.07 -23.69
N GLY B 76 -2.69 48.92 -25.01
CA GLY B 76 -3.63 49.72 -25.77
C GLY B 76 -5.01 49.47 -25.20
N GLU B 77 -5.52 50.45 -24.46
CA GLU B 77 -6.82 50.27 -23.85
C GLU B 77 -7.82 50.40 -24.94
N ARG B 78 -7.97 51.63 -25.38
CA ARG B 78 -9.05 51.88 -26.29
C ARG B 78 -8.55 51.56 -27.66
N LEU B 79 -7.37 52.05 -27.93
CA LEU B 79 -6.83 51.96 -29.25
C LEU B 79 -6.96 50.54 -29.75
N SER B 80 -6.81 49.59 -28.83
CA SER B 80 -6.83 48.20 -29.19
C SER B 80 -8.09 47.48 -28.72
N GLU B 81 -9.09 48.25 -28.29
CA GLU B 81 -10.38 47.68 -27.89
C GLU B 81 -11.12 47.15 -29.10
N GLU B 82 -12.09 46.27 -28.86
CA GLU B 82 -13.01 45.83 -29.90
C GLU B 82 -14.41 45.72 -29.33
N PRO B 83 -15.40 46.19 -30.10
CA PRO B 83 -16.78 46.14 -29.60
C PRO B 83 -17.28 44.71 -29.62
N LEU B 84 -18.10 44.36 -28.63
CA LEU B 84 -18.73 43.06 -28.58
C LEU B 84 -20.23 43.21 -28.77
N GLN B 85 -20.80 42.35 -29.61
CA GLN B 85 -22.25 42.27 -29.75
C GLN B 85 -22.78 41.68 -28.46
N VAL B 86 -23.92 42.19 -27.97
CA VAL B 86 -24.49 41.68 -26.73
C VAL B 86 -25.88 41.09 -26.92
N LEU B 87 -26.01 39.80 -26.59
CA LEU B 87 -27.31 39.12 -26.64
C LEU B 87 -27.69 38.63 -25.24
N GLU B 88 -28.95 38.82 -24.87
CA GLU B 88 -29.43 38.36 -23.58
C GLU B 88 -30.35 37.17 -23.71
N HIS B 89 -30.31 36.27 -22.73
CA HIS B 89 -31.28 35.19 -22.61
C HIS B 89 -31.83 35.15 -21.19
N PRO B 90 -32.79 36.04 -20.90
CA PRO B 90 -33.31 36.29 -19.54
C PRO B 90 -33.67 35.01 -18.82
N ARG B 91 -34.22 34.04 -19.56
CA ARG B 91 -34.64 32.77 -18.99
C ARG B 91 -33.47 32.05 -18.31
N GLN B 92 -32.35 31.94 -19.02
CA GLN B 92 -31.17 31.24 -18.51
C GLN B 92 -30.31 32.17 -17.66
N GLU B 93 -30.71 33.44 -17.58
CA GLU B 93 -29.98 34.44 -16.82
C GLU B 93 -28.55 34.57 -17.34
N GLN B 94 -28.42 34.58 -18.67
CA GLN B 94 -27.12 34.60 -19.33
C GLN B 94 -27.02 35.66 -20.42
N ILE B 95 -25.80 36.17 -20.61
CA ILE B 95 -25.51 37.04 -21.74
C ILE B 95 -24.59 36.33 -22.72
N ALA B 96 -24.62 36.76 -23.97
CA ALA B 96 -23.63 36.34 -24.95
C ALA B 96 -22.83 37.56 -25.44
N LEU B 97 -21.52 37.43 -25.46
CA LEU B 97 -20.64 38.50 -25.94
C LEU B 97 -19.98 38.07 -27.23
N LEU B 98 -20.40 38.67 -28.34
CA LEU B 98 -19.90 38.26 -29.66
C LEU B 98 -18.69 39.07 -30.11
N ALA B 99 -17.64 38.35 -30.51
CA ALA B 99 -16.40 38.98 -30.92
C ALA B 99 -16.24 38.93 -32.43
N PRO B 100 -15.63 39.97 -33.00
CA PRO B 100 -15.30 40.00 -34.43
C PRO B 100 -14.48 38.78 -34.83
N GLU B 101 -13.37 38.58 -34.13
CA GLU B 101 -12.48 37.46 -34.43
C GLU B 101 -12.47 36.48 -33.27
N PRO B 102 -12.20 35.20 -33.55
CA PRO B 102 -12.07 34.19 -32.49
C PRO B 102 -11.00 34.58 -31.49
N LEU B 103 -11.05 34.01 -30.29
CA LEU B 103 -10.04 34.29 -29.29
C LEU B 103 -8.86 33.35 -29.48
N LEU B 104 -7.66 33.86 -29.23
CA LEU B 104 -6.46 33.04 -29.31
C LEU B 104 -6.30 32.22 -28.04
N VAL B 105 -6.31 30.90 -28.19
CA VAL B 105 -6.19 30.00 -27.05
C VAL B 105 -4.98 30.34 -26.18
N GLY B 106 -5.17 30.30 -24.87
CA GLY B 106 -4.08 30.50 -23.93
C GLY B 106 -3.74 31.94 -23.66
N LEU B 107 -4.07 32.80 -24.62
CA LEU B 107 -3.75 34.23 -24.51
C LEU B 107 -4.77 34.97 -23.65
N PRO B 108 -4.28 35.79 -22.71
CA PRO B 108 -5.14 36.52 -21.77
C PRO B 108 -5.84 37.73 -22.39
N TYR B 109 -7.16 37.73 -22.29
CA TYR B 109 -7.95 38.86 -22.74
C TYR B 109 -8.55 39.57 -21.55
N THR B 110 -9.36 40.58 -21.81
CA THR B 110 -10.06 41.28 -20.75
C THR B 110 -11.38 41.82 -21.28
N VAL B 111 -12.47 41.43 -20.65
CA VAL B 111 -13.79 41.85 -21.05
C VAL B 111 -14.25 43.00 -20.17
N VAL B 112 -14.53 44.14 -20.79
CA VAL B 112 -15.03 45.29 -20.06
C VAL B 112 -16.53 45.48 -20.34
N ILE B 113 -17.32 45.50 -19.27
CA ILE B 113 -18.76 45.65 -19.41
C ILE B 113 -19.26 46.78 -18.52
N HIS B 114 -20.01 47.68 -19.12
CA HIS B 114 -20.67 48.77 -18.40
C HIS B 114 -22.16 48.51 -18.31
N TYR B 115 -22.70 48.59 -17.10
CA TYR B 115 -24.10 48.25 -16.89
C TYR B 115 -24.70 49.12 -15.81
N ALA B 116 -26.03 49.14 -15.77
CA ALA B 116 -26.76 49.80 -14.71
C ALA B 116 -27.81 48.86 -14.14
N GLY B 117 -28.35 49.21 -12.98
CA GLY B 117 -29.41 48.46 -12.36
C GLY B 117 -30.03 49.23 -11.21
N ASN B 118 -31.24 48.86 -10.83
CA ASN B 118 -31.88 49.42 -9.65
C ASN B 118 -31.57 48.50 -8.46
N LEU B 119 -31.30 49.07 -7.29
CA LEU B 119 -31.08 48.25 -6.10
C LEU B 119 -32.25 47.29 -5.93
N SER B 120 -31.94 46.05 -5.55
CA SER B 120 -32.98 45.07 -5.29
C SER B 120 -33.87 45.54 -4.16
N GLU B 121 -35.17 45.42 -4.34
CA GLU B 121 -36.11 45.74 -3.28
C GLU B 121 -36.56 44.43 -2.65
N THR B 122 -35.89 43.35 -3.03
CA THR B 122 -36.34 42.00 -2.68
C THR B 122 -35.37 41.25 -1.76
N PHE B 123 -34.43 41.98 -1.17
CA PHE B 123 -33.57 41.40 -0.13
C PHE B 123 -32.66 40.28 -0.63
N HIS B 124 -32.45 40.25 -1.94
CA HIS B 124 -31.51 39.34 -2.57
C HIS B 124 -30.66 40.17 -3.54
N GLY B 125 -29.46 39.70 -3.86
CA GLY B 125 -28.57 40.42 -4.74
C GLY B 125 -27.98 41.66 -4.12
N PHE B 126 -27.94 42.76 -4.89
CA PHE B 126 -27.53 44.06 -4.35
C PHE B 126 -28.80 44.80 -3.97
N TYR B 127 -29.18 44.68 -2.70
CA TYR B 127 -30.51 45.10 -2.27
C TYR B 127 -30.51 46.26 -1.29
N LYS B 128 -31.62 46.97 -1.28
CA LYS B 128 -31.82 48.10 -0.38
C LYS B 128 -32.43 47.64 0.94
N SER B 129 -31.94 48.20 2.03
CA SER B 129 -32.44 47.89 3.35
C SER B 129 -32.49 49.16 4.19
N THR B 130 -33.45 49.25 5.11
CA THR B 130 -33.62 50.46 5.89
C THR B 130 -33.71 50.24 7.37
N TYR B 131 -33.57 51.33 8.12
CA TYR B 131 -33.77 51.33 9.56
C TYR B 131 -34.07 52.75 10.03
N ARG B 132 -34.62 52.88 11.23
CA ARG B 132 -34.89 54.19 11.79
C ARG B 132 -34.14 54.39 13.10
N THR B 133 -33.55 55.57 13.27
CA THR B 133 -32.82 55.91 14.48
C THR B 133 -33.80 56.05 15.64
N LYS B 134 -33.26 56.24 16.85
CA LYS B 134 -34.11 56.52 18.00
C LYS B 134 -34.79 57.88 17.80
N GLU B 135 -34.13 58.77 17.07
CA GLU B 135 -34.74 60.04 16.69
C GLU B 135 -35.83 59.81 15.63
N GLY B 136 -36.04 58.55 15.27
CA GLY B 136 -37.11 58.16 14.38
C GLY B 136 -36.91 58.50 12.91
N GLU B 137 -35.70 58.93 12.54
CA GLU B 137 -35.42 59.25 11.15
C GLU B 137 -35.02 58.00 10.36
N LEU B 138 -35.44 57.95 9.11
CA LEU B 138 -35.26 56.78 8.27
C LEU B 138 -33.92 56.77 7.54
N ARG B 139 -33.19 55.66 7.63
CA ARG B 139 -31.87 55.54 7.01
C ARG B 139 -31.82 54.39 6.00
N ILE B 140 -31.01 54.56 4.96
CA ILE B 140 -30.86 53.54 3.93
C ILE B 140 -29.46 52.92 3.97
N LEU B 141 -29.41 51.62 3.70
CA LEU B 141 -28.13 50.96 3.41
C LEU B 141 -28.29 50.07 2.18
N ALA B 142 -27.16 49.64 1.65
CA ALA B 142 -27.14 48.74 0.51
C ALA B 142 -26.23 47.57 0.86
N SER B 143 -26.76 46.36 0.74
CA SER B 143 -26.04 45.17 1.15
C SER B 143 -26.11 44.12 0.06
N THR B 144 -25.31 43.08 0.19
CA THR B 144 -25.30 41.99 -0.78
C THR B 144 -25.84 40.69 -0.21
N GLN B 145 -26.32 39.84 -1.11
CA GLN B 145 -26.78 38.51 -0.76
C GLN B 145 -26.75 37.66 -2.04
N PHE B 146 -25.69 36.89 -2.23
CA PHE B 146 -25.47 36.25 -3.51
C PHE B 146 -25.83 34.77 -3.56
N GLU B 147 -25.63 34.05 -2.45
CA GLU B 147 -25.93 32.63 -2.45
C GLU B 147 -27.41 32.41 -2.73
N PRO B 148 -27.71 31.61 -3.75
CA PRO B 148 -26.72 30.87 -4.53
C PRO B 148 -26.29 31.61 -5.81
N THR B 149 -27.22 32.36 -6.39
CA THR B 149 -27.16 32.73 -7.79
C THR B 149 -27.43 34.23 -8.01
N ALA B 150 -27.05 35.05 -7.03
CA ALA B 150 -27.43 36.45 -7.05
C ALA B 150 -26.30 37.41 -7.42
N ALA B 151 -25.08 36.91 -7.53
CA ALA B 151 -23.97 37.76 -7.94
C ALA B 151 -24.25 38.35 -9.32
N ARG B 152 -24.85 37.55 -10.19
CA ARG B 152 -25.18 37.98 -11.54
C ARG B 152 -26.15 39.15 -11.51
N MET B 153 -26.63 39.49 -10.32
CA MET B 153 -27.53 40.61 -10.14
C MET B 153 -26.81 41.90 -9.80
N ALA B 154 -25.57 41.77 -9.33
CA ALA B 154 -24.78 42.92 -8.92
C ALA B 154 -23.74 43.27 -9.99
N PHE B 155 -23.33 42.26 -10.76
CA PHE B 155 -22.36 42.47 -11.82
C PHE B 155 -22.34 41.23 -12.72
N PRO B 156 -22.00 41.43 -14.00
CA PRO B 156 -21.91 40.25 -14.87
C PRO B 156 -20.73 39.41 -14.45
N CYS B 157 -20.88 38.08 -14.51
CA CYS B 157 -19.82 37.18 -14.09
C CYS B 157 -20.09 35.76 -14.55
N PHE B 158 -19.18 34.85 -14.26
CA PHE B 158 -19.42 33.43 -14.45
C PHE B 158 -19.89 32.88 -13.10
N ASP B 159 -21.20 32.90 -12.89
CA ASP B 159 -21.75 32.71 -11.56
C ASP B 159 -21.97 31.24 -11.20
N GLU B 160 -20.91 30.45 -11.32
CA GLU B 160 -20.89 29.09 -10.81
C GLU B 160 -19.74 28.97 -9.82
N PRO B 161 -19.91 28.12 -8.79
CA PRO B 161 -19.01 28.13 -7.64
C PRO B 161 -17.62 27.62 -7.98
N ALA B 162 -17.52 26.88 -9.07
CA ALA B 162 -16.23 26.27 -9.45
C ALA B 162 -15.35 27.23 -10.24
N PHE B 163 -15.96 28.24 -10.84
CA PHE B 163 -15.21 29.29 -11.52
C PHE B 163 -14.64 30.28 -10.50
N LYS B 164 -13.72 29.83 -9.65
CA LYS B 164 -13.11 30.72 -8.68
C LYS B 164 -12.19 31.75 -9.33
N ALA B 165 -11.87 32.81 -8.60
CA ALA B 165 -11.05 33.90 -9.12
C ALA B 165 -10.75 34.97 -8.09
N SER B 166 -9.99 35.99 -8.51
CA SER B 166 -9.64 37.10 -7.65
C SER B 166 -10.54 38.29 -7.93
N PHE B 167 -10.73 39.14 -6.92
CA PHE B 167 -11.64 40.27 -7.04
C PHE B 167 -11.03 41.55 -6.48
N SER B 168 -10.80 42.51 -7.36
CA SER B 168 -10.43 43.84 -6.93
C SER B 168 -11.69 44.70 -6.98
N ILE B 169 -12.22 45.00 -5.80
CA ILE B 169 -13.50 45.67 -5.69
C ILE B 169 -13.36 47.12 -5.32
N LYS B 170 -13.98 47.99 -6.11
CA LYS B 170 -13.99 49.41 -5.84
C LYS B 170 -15.42 49.93 -5.67
N ILE B 171 -15.66 50.59 -4.54
CA ILE B 171 -16.98 51.12 -4.22
C ILE B 171 -16.94 52.65 -4.20
N ARG B 172 -17.83 53.29 -4.96
CA ARG B 172 -17.98 54.73 -4.87
C ARG B 172 -19.14 55.08 -3.95
N ARG B 173 -18.87 55.93 -2.97
CA ARG B 173 -19.84 56.24 -1.93
C ARG B 173 -19.79 57.72 -1.57
N GLU B 174 -20.86 58.21 -0.96
CA GLU B 174 -20.86 59.55 -0.38
C GLU B 174 -20.05 59.50 0.90
N PRO B 175 -19.57 60.67 1.36
CA PRO B 175 -18.71 60.72 2.56
C PRO B 175 -19.46 60.38 3.85
N ARG B 176 -20.79 60.44 3.82
CA ARG B 176 -21.59 60.14 5.01
C ARG B 176 -21.69 58.64 5.24
N HIS B 177 -21.27 57.88 4.25
CA HIS B 177 -21.31 56.42 4.35
C HIS B 177 -19.92 55.84 4.53
N LEU B 178 -19.87 54.53 4.67
CA LEU B 178 -18.61 53.80 4.61
C LEU B 178 -18.88 52.50 3.88
N ALA B 179 -17.89 52.02 3.14
CA ALA B 179 -18.02 50.75 2.46
C ALA B 179 -17.10 49.71 3.11
N ILE B 180 -17.62 48.49 3.26
CA ILE B 180 -16.78 47.39 3.69
C ILE B 180 -16.99 46.23 2.73
N SER B 181 -15.99 45.36 2.62
CA SER B 181 -16.07 44.28 1.64
C SER B 181 -15.34 43.07 2.20
N ASN B 182 -15.17 42.03 1.38
CA ASN B 182 -14.43 40.84 1.78
C ASN B 182 -13.04 41.18 2.30
N MET B 183 -12.35 42.06 1.59
CA MET B 183 -10.97 42.40 1.94
C MET B 183 -10.86 43.76 2.61
N PRO B 184 -9.68 44.05 3.17
CA PRO B 184 -9.42 45.33 3.84
C PRO B 184 -9.44 46.53 2.89
N LEU B 185 -9.77 47.69 3.45
CA LEU B 185 -9.67 48.93 2.69
C LEU B 185 -8.21 49.27 2.48
N VAL B 186 -7.81 49.39 1.22
CA VAL B 186 -6.43 49.72 0.86
C VAL B 186 -6.25 51.23 0.77
N LYS B 187 -7.18 51.90 0.09
CA LYS B 187 -7.16 53.36 0.05
C LYS B 187 -8.53 53.95 -0.28
N SER B 188 -8.77 55.14 0.25
CA SER B 188 -9.93 55.94 -0.14
C SER B 188 -9.41 57.08 -0.98
N VAL B 189 -10.11 57.38 -2.07
CA VAL B 189 -9.67 58.42 -2.99
C VAL B 189 -10.82 59.36 -3.32
N THR B 190 -10.65 60.64 -3.01
CA THR B 190 -11.65 61.62 -3.40
C THR B 190 -11.68 61.68 -4.92
N VAL B 191 -12.82 61.32 -5.49
CA VAL B 191 -12.94 61.13 -6.93
C VAL B 191 -13.69 62.29 -7.58
N ALA B 192 -14.70 62.79 -6.88
CA ALA B 192 -15.40 63.99 -7.30
C ALA B 192 -15.81 64.74 -6.05
N GLU B 193 -16.60 65.79 -6.24
CA GLU B 193 -16.97 66.66 -5.12
C GLU B 193 -17.51 65.84 -3.95
N GLY B 194 -18.69 65.28 -4.11
CA GLY B 194 -19.29 64.46 -3.05
C GLY B 194 -19.10 62.98 -3.30
N LEU B 195 -17.97 62.60 -3.88
CA LEU B 195 -17.71 61.20 -4.21
C LEU B 195 -16.36 60.71 -3.71
N ILE B 196 -16.36 59.50 -3.17
CA ILE B 196 -15.15 58.86 -2.68
C ILE B 196 -15.09 57.42 -3.18
N GLU B 197 -13.96 57.06 -3.78
CA GLU B 197 -13.76 55.71 -4.30
C GLU B 197 -12.96 54.86 -3.32
N ASP B 198 -13.61 53.85 -2.75
CA ASP B 198 -12.95 52.92 -1.84
C ASP B 198 -12.29 51.78 -2.61
N HIS B 199 -11.01 51.59 -2.36
CA HIS B 199 -10.27 50.48 -2.96
C HIS B 199 -10.00 49.42 -1.90
N PHE B 200 -10.54 48.22 -2.11
CA PHE B 200 -10.27 47.11 -1.21
C PHE B 200 -9.24 46.18 -1.86
N ASP B 201 -8.49 45.47 -1.04
CA ASP B 201 -7.44 44.57 -1.49
C ASP B 201 -7.98 43.46 -2.41
N VAL B 202 -7.08 42.85 -3.18
CA VAL B 202 -7.39 41.75 -4.08
C VAL B 202 -7.72 40.50 -3.26
N THR B 203 -8.84 39.85 -3.56
CA THR B 203 -9.20 38.65 -2.84
C THR B 203 -8.27 37.50 -3.21
N VAL B 204 -8.38 36.40 -2.49
CA VAL B 204 -7.79 35.15 -2.91
C VAL B 204 -8.81 34.47 -3.81
N LYS B 205 -8.40 33.41 -4.50
CA LYS B 205 -9.33 32.67 -5.34
C LYS B 205 -10.57 32.34 -4.53
N MET B 206 -11.73 32.73 -5.05
CA MET B 206 -12.99 32.46 -4.37
C MET B 206 -14.13 32.38 -5.37
N SER B 207 -15.27 31.87 -4.93
CA SER B 207 -16.44 31.78 -5.77
C SER B 207 -17.23 33.10 -5.72
N THR B 208 -17.97 33.40 -6.78
CA THR B 208 -18.73 34.65 -6.84
C THR B 208 -19.68 34.83 -5.66
N TYR B 209 -20.45 33.80 -5.33
CA TYR B 209 -21.50 33.91 -4.32
C TYR B 209 -20.98 34.26 -2.93
N LEU B 210 -19.67 34.31 -2.79
CA LEU B 210 -19.07 34.61 -1.50
C LEU B 210 -18.60 36.06 -1.44
N VAL B 211 -18.62 36.73 -2.58
CA VAL B 211 -18.24 38.13 -2.65
C VAL B 211 -19.31 39.00 -2.02
N ALA B 212 -18.88 39.96 -1.22
CA ALA B 212 -19.83 40.81 -0.50
C ALA B 212 -19.30 42.23 -0.28
N PHE B 213 -20.22 43.19 -0.31
CA PHE B 213 -19.91 44.57 0.07
C PHE B 213 -21.11 45.23 0.76
N ILE B 214 -20.85 46.30 1.49
CA ILE B 214 -21.87 46.95 2.30
C ILE B 214 -21.64 48.45 2.36
N ILE B 215 -22.62 49.21 1.88
CA ILE B 215 -22.58 50.67 1.93
C ILE B 215 -23.58 51.15 2.97
N SER B 216 -23.11 51.88 3.97
CA SER B 216 -23.99 52.33 5.06
C SER B 216 -23.31 53.33 5.98
N ASP B 217 -23.86 53.47 7.18
CA ASP B 217 -23.33 54.39 8.18
C ASP B 217 -23.06 53.69 9.50
N PHE B 218 -22.79 52.39 9.42
CA PHE B 218 -22.63 51.56 10.62
C PHE B 218 -21.48 51.99 11.53
N GLU B 219 -21.58 51.61 12.79
CA GLU B 219 -20.47 51.70 13.74
C GLU B 219 -19.84 50.32 13.87
N SER B 220 -18.70 50.23 14.54
CA SER B 220 -18.05 48.94 14.74
C SER B 220 -17.25 48.85 16.05
N VAL B 221 -17.12 47.62 16.56
CA VAL B 221 -16.21 47.33 17.66
C VAL B 221 -15.28 46.21 17.22
N SER B 222 -14.01 46.34 17.58
CA SER B 222 -12.99 45.43 17.07
C SER B 222 -12.09 44.88 18.17
N LYS B 223 -11.82 43.58 18.08
CA LYS B 223 -10.84 42.94 18.94
C LYS B 223 -9.86 42.17 18.06
N ILE B 224 -8.62 42.06 18.51
CA ILE B 224 -7.61 41.34 17.74
C ILE B 224 -7.38 39.95 18.31
N THR B 225 -7.50 38.94 17.46
CA THR B 225 -7.29 37.57 17.86
C THR B 225 -5.82 37.38 18.28
N LYS B 226 -5.51 36.23 18.85
CA LYS B 226 -4.14 35.94 19.28
C LYS B 226 -3.19 35.81 18.10
N SER B 227 -3.74 35.44 16.95
CA SER B 227 -2.93 35.25 15.74
C SER B 227 -2.90 36.50 14.87
N GLY B 228 -3.32 37.62 15.45
CA GLY B 228 -3.23 38.91 14.77
C GLY B 228 -4.30 39.15 13.74
N VAL B 229 -5.40 38.39 13.82
CA VAL B 229 -6.53 38.62 12.93
C VAL B 229 -7.49 39.60 13.58
N LYS B 230 -7.90 40.62 12.82
CA LYS B 230 -8.76 41.67 13.36
C LYS B 230 -10.23 41.32 13.18
N VAL B 231 -10.95 41.19 14.30
CA VAL B 231 -12.36 40.87 14.25
C VAL B 231 -13.19 42.08 14.61
N SER B 232 -14.15 42.43 13.76
CA SER B 232 -14.97 43.60 13.99
C SER B 232 -16.46 43.26 13.88
N VAL B 233 -17.27 43.88 14.73
CA VAL B 233 -18.71 43.77 14.58
C VAL B 233 -19.28 45.13 14.18
N TYR B 234 -20.03 45.16 13.10
CA TYR B 234 -20.64 46.37 12.59
C TYR B 234 -22.14 46.34 12.80
N ALA B 235 -22.70 47.45 13.26
CA ALA B 235 -24.15 47.51 13.48
C ALA B 235 -24.68 48.93 13.32
N VAL B 236 -26.01 49.05 13.36
CA VAL B 236 -26.65 50.36 13.41
C VAL B 236 -26.11 51.12 14.61
N PRO B 237 -25.72 52.38 14.39
CA PRO B 237 -25.03 53.19 15.41
C PRO B 237 -25.64 53.08 16.80
N ASP B 238 -26.96 53.18 16.91
CA ASP B 238 -27.62 53.21 18.21
C ASP B 238 -27.71 51.84 18.89
N LYS B 239 -27.25 50.79 18.22
CA LYS B 239 -27.29 49.44 18.79
C LYS B 239 -25.90 48.84 18.93
N ILE B 240 -24.89 49.58 18.47
CA ILE B 240 -23.53 49.05 18.41
C ILE B 240 -23.02 48.55 19.77
N ASN B 241 -23.62 49.05 20.85
CA ASN B 241 -23.21 48.63 22.19
C ASN B 241 -23.72 47.23 22.55
N GLN B 242 -24.51 46.64 21.65
CA GLN B 242 -25.05 45.31 21.86
C GLN B 242 -24.22 44.26 21.14
N ALA B 243 -23.05 44.68 20.64
CA ALA B 243 -22.20 43.82 19.84
C ALA B 243 -21.09 43.16 20.67
N ASP B 244 -20.91 43.62 21.90
CA ASP B 244 -19.83 43.13 22.77
C ASP B 244 -19.78 41.60 22.85
N TYR B 245 -20.91 40.97 23.12
CA TYR B 245 -20.96 39.52 23.25
C TYR B 245 -20.55 38.84 21.96
N ALA B 246 -21.23 39.20 20.87
CA ALA B 246 -20.94 38.63 19.56
C ALA B 246 -19.44 38.68 19.26
N LEU B 247 -18.84 39.84 19.48
CA LEU B 247 -17.43 40.05 19.19
C LEU B 247 -16.56 39.04 19.92
N ASP B 248 -16.80 38.91 21.22
CA ASP B 248 -16.04 37.98 22.06
C ASP B 248 -16.22 36.54 21.57
N ALA B 249 -17.47 36.17 21.30
CA ALA B 249 -17.77 34.84 20.77
C ALA B 249 -16.96 34.59 19.51
N ALA B 250 -16.95 35.57 18.62
CA ALA B 250 -16.32 35.42 17.30
C ALA B 250 -14.80 35.27 17.40
N VAL B 251 -14.19 36.07 18.25
CA VAL B 251 -12.74 35.95 18.44
C VAL B 251 -12.34 34.57 18.94
N THR B 252 -12.98 34.10 20.01
CA THR B 252 -12.62 32.82 20.60
C THR B 252 -12.96 31.66 19.67
N LEU B 253 -14.09 31.76 18.98
CA LEU B 253 -14.48 30.73 18.01
C LEU B 253 -13.46 30.67 16.89
N LEU B 254 -13.01 31.85 16.45
CA LEU B 254 -12.03 31.95 15.38
C LEU B 254 -10.72 31.29 15.81
N GLU B 255 -10.25 31.64 17.00
CA GLU B 255 -9.10 30.97 17.59
C GLU B 255 -9.29 29.46 17.64
N PHE B 256 -10.47 29.02 18.04
CA PHE B 256 -10.77 27.59 18.11
C PHE B 256 -10.63 26.92 16.76
N TYR B 257 -11.15 27.58 15.73
CA TYR B 257 -11.18 26.99 14.40
C TYR B 257 -9.81 26.94 13.74
N GLU B 258 -8.98 27.94 14.04
CA GLU B 258 -7.62 27.94 13.54
C GLU B 258 -6.89 26.72 14.09
N ASP B 259 -7.08 26.47 15.37
CA ASP B 259 -6.47 25.32 16.04
C ASP B 259 -7.05 24.01 15.51
N TYR B 260 -8.37 23.96 15.36
CA TYR B 260 -9.04 22.73 14.93
C TYR B 260 -8.63 22.33 13.52
N PHE B 261 -8.72 23.28 12.59
CA PHE B 261 -8.39 23.03 11.20
C PHE B 261 -6.88 23.03 10.96
N SER B 262 -6.12 23.49 11.95
CA SER B 262 -4.67 23.53 11.85
C SER B 262 -4.28 24.27 10.58
N ILE B 263 -5.06 25.30 10.28
CA ILE B 263 -4.85 26.16 9.13
C ILE B 263 -5.28 27.53 9.59
N PRO B 264 -4.39 28.52 9.48
CA PRO B 264 -4.69 29.88 9.94
C PRO B 264 -5.87 30.48 9.19
N TYR B 265 -6.60 31.37 9.83
CA TYR B 265 -7.68 32.07 9.15
C TYR B 265 -7.09 32.68 7.88
N PRO B 266 -7.65 32.32 6.72
CA PRO B 266 -7.08 32.62 5.40
C PRO B 266 -6.99 34.11 5.12
N LEU B 267 -7.91 34.90 5.67
CA LEU B 267 -7.96 36.32 5.37
C LEU B 267 -7.31 37.18 6.48
N PRO B 268 -7.00 38.43 6.14
CA PRO B 268 -6.38 39.39 7.07
C PRO B 268 -7.34 39.90 8.15
N LYS B 269 -8.63 39.92 7.85
CA LYS B 269 -9.63 40.37 8.82
C LYS B 269 -10.98 39.67 8.65
N GLN B 270 -11.81 39.77 9.68
CA GLN B 270 -13.14 39.16 9.69
C GLN B 270 -14.17 40.14 10.23
N ASP B 271 -15.14 40.46 9.38
CA ASP B 271 -16.17 41.41 9.76
C ASP B 271 -17.52 40.74 9.92
N LEU B 272 -18.12 40.90 11.09
CA LEU B 272 -19.47 40.43 11.32
C LEU B 272 -20.41 41.62 11.27
N ALA B 273 -21.39 41.58 10.35
CA ALA B 273 -22.31 42.71 10.19
C ALA B 273 -23.77 42.38 10.51
N ALA B 274 -24.35 43.16 11.41
CA ALA B 274 -25.77 43.03 11.79
C ALA B 274 -26.68 43.83 10.86
N ILE B 275 -27.36 43.14 9.95
CA ILE B 275 -28.13 43.78 8.89
C ILE B 275 -29.63 43.88 9.19
N PRO B 276 -30.14 45.11 9.24
CA PRO B 276 -31.58 45.37 9.35
C PRO B 276 -32.35 44.69 8.21
N ASP B 277 -33.42 43.97 8.53
CA ASP B 277 -34.28 43.38 7.51
C ASP B 277 -33.63 42.24 6.75
N PHE B 278 -32.45 41.82 7.18
CA PHE B 278 -31.80 40.66 6.60
C PHE B 278 -32.79 39.50 6.66
N GLN B 279 -32.75 38.62 5.67
CA GLN B 279 -33.76 37.57 5.57
C GLN B 279 -33.17 36.18 5.30
N SER B 280 -31.88 36.03 5.56
CA SER B 280 -31.17 34.80 5.17
C SER B 280 -31.29 33.59 6.11
N GLY B 281 -30.99 33.73 7.39
CA GLY B 281 -30.68 35.00 8.02
C GLY B 281 -29.24 35.20 8.48
N ALA B 282 -28.34 34.30 8.08
CA ALA B 282 -26.91 34.54 8.23
C ALA B 282 -26.20 34.15 6.94
N MET B 283 -25.08 34.79 6.63
CA MET B 283 -24.36 34.43 5.40
C MET B 283 -22.83 34.35 5.55
N GLU B 284 -22.26 33.35 4.89
CA GLU B 284 -20.86 32.96 5.07
C GLU B 284 -19.87 33.78 4.25
N ASN B 285 -20.29 34.94 3.75
CA ASN B 285 -19.41 35.77 2.92
C ASN B 285 -17.99 35.85 3.46
N TRP B 286 -17.04 35.40 2.65
CA TRP B 286 -15.64 35.31 3.09
C TRP B 286 -15.09 36.67 3.53
N GLY B 287 -14.76 36.76 4.81
CA GLY B 287 -14.18 37.98 5.36
C GLY B 287 -15.22 38.93 5.92
N LEU B 288 -16.47 38.71 5.54
CA LEU B 288 -17.55 39.63 5.90
C LEU B 288 -18.89 38.91 6.01
N THR B 289 -19.11 38.25 7.14
CA THR B 289 -20.34 37.50 7.33
C THR B 289 -21.48 38.40 7.79
N THR B 290 -22.69 38.11 7.28
CA THR B 290 -23.87 38.92 7.58
C THR B 290 -24.90 38.18 8.43
N TYR B 291 -25.61 38.92 9.29
CA TYR B 291 -26.59 38.33 10.20
C TYR B 291 -27.87 39.13 10.31
N ARG B 292 -28.98 38.45 10.57
CA ARG B 292 -30.18 39.13 11.04
C ARG B 292 -29.79 39.71 12.39
N GLU B 293 -30.24 40.93 12.66
CA GLU B 293 -29.77 41.66 13.84
C GLU B 293 -29.95 40.89 15.15
N SER B 294 -30.92 39.99 15.18
CA SER B 294 -31.24 39.23 16.38
C SER B 294 -30.26 38.07 16.58
N ALA B 295 -29.55 37.71 15.53
CA ALA B 295 -28.61 36.60 15.59
C ALA B 295 -27.20 37.07 15.91
N LEU B 296 -27.06 38.37 16.17
CA LEU B 296 -25.74 38.92 16.44
C LEU B 296 -25.75 39.91 17.62
N LEU B 297 -26.82 40.67 17.75
CA LEU B 297 -26.91 41.70 18.78
C LEU B 297 -27.59 41.19 20.06
N PHE B 298 -27.14 41.68 21.21
CA PHE B 298 -27.65 41.20 22.49
C PHE B 298 -27.93 42.32 23.49
N ASP B 299 -29.18 42.42 23.91
CA ASP B 299 -29.59 43.45 24.87
C ASP B 299 -29.81 42.83 26.25
N ALA B 300 -29.65 43.65 27.29
CA ALA B 300 -29.89 43.21 28.66
C ALA B 300 -31.37 42.88 28.88
N GLU B 301 -32.21 43.29 27.94
CA GLU B 301 -33.59 42.83 27.89
C GLU B 301 -33.72 41.88 26.71
N LYS B 302 -32.98 40.78 26.79
CA LYS B 302 -32.86 39.82 25.69
C LYS B 302 -34.19 39.21 25.26
N SER B 303 -34.29 38.88 23.98
CA SER B 303 -35.48 38.23 23.45
C SER B 303 -35.76 36.97 24.27
N SER B 304 -34.69 36.41 24.82
CA SER B 304 -34.78 35.18 25.60
C SER B 304 -33.38 34.76 26.02
N ALA B 305 -33.30 33.78 26.92
CA ALA B 305 -32.01 33.19 27.26
C ALA B 305 -31.48 32.51 26.01
N SER B 306 -32.40 32.01 25.19
CA SER B 306 -32.05 31.27 23.99
C SER B 306 -31.32 32.12 22.95
N SER B 307 -31.46 33.44 23.03
CA SER B 307 -30.80 34.33 22.08
C SER B 307 -29.29 34.19 22.17
N LYS B 308 -28.74 34.40 23.36
CA LYS B 308 -27.31 34.25 23.58
C LYS B 308 -26.84 32.91 23.01
N LEU B 309 -27.55 31.83 23.34
CA LEU B 309 -27.28 30.54 22.74
C LEU B 309 -27.37 30.64 21.24
N ASP B 310 -28.49 31.21 20.78
CA ASP B 310 -28.80 31.34 19.36
C ASP B 310 -27.70 32.06 18.55
N ILE B 311 -27.18 33.15 19.09
CA ILE B 311 -26.20 33.96 18.36
C ILE B 311 -24.80 33.36 18.44
N THR B 312 -24.53 32.60 19.49
CA THR B 312 -23.24 31.95 19.62
C THR B 312 -23.13 30.84 18.58
N MET B 313 -24.24 30.18 18.31
CA MET B 313 -24.24 29.07 17.38
C MET B 313 -24.33 29.51 15.91
N THR B 314 -25.07 30.58 15.63
CA THR B 314 -25.15 31.07 14.25
C THR B 314 -23.77 31.54 13.83
N VAL B 315 -23.13 32.34 14.68
CA VAL B 315 -21.76 32.78 14.42
C VAL B 315 -20.83 31.59 14.19
N ALA B 316 -20.76 30.69 15.17
CA ALA B 316 -19.94 29.48 15.03
C ALA B 316 -20.18 28.79 13.69
N HIS B 317 -21.43 28.78 13.25
CA HIS B 317 -21.79 28.19 11.97
C HIS B 317 -21.13 28.92 10.80
N GLU B 318 -21.48 30.20 10.62
CA GLU B 318 -20.95 30.99 9.52
C GLU B 318 -19.42 31.07 9.56
N LEU B 319 -18.87 31.11 10.76
CA LEU B 319 -17.43 31.17 10.94
C LEU B 319 -16.71 29.90 10.46
N ALA B 320 -17.30 28.74 10.73
CA ALA B 320 -16.72 27.49 10.28
C ALA B 320 -16.55 27.50 8.76
N HIS B 321 -17.49 28.11 8.05
CA HIS B 321 -17.43 28.18 6.59
C HIS B 321 -16.19 28.89 6.06
N GLN B 322 -15.60 29.74 6.89
CA GLN B 322 -14.43 30.49 6.48
C GLN B 322 -13.32 29.54 6.07
N TRP B 323 -13.34 28.33 6.63
CA TRP B 323 -12.49 27.26 6.16
C TRP B 323 -13.30 26.31 5.28
N PHE B 324 -14.27 25.63 5.88
CA PHE B 324 -15.01 24.59 5.17
C PHE B 324 -16.17 25.18 4.37
N GLY B 325 -15.95 25.33 3.07
CA GLY B 325 -16.97 25.84 2.18
C GLY B 325 -16.56 27.09 1.43
N ASN B 326 -15.56 27.79 1.97
CA ASN B 326 -15.03 28.98 1.31
C ASN B 326 -13.60 28.73 0.83
N LEU B 327 -12.78 28.20 1.71
CA LEU B 327 -11.44 27.77 1.37
C LEU B 327 -11.52 26.54 0.48
N VAL B 328 -12.34 25.57 0.88
CA VAL B 328 -12.65 24.44 0.01
C VAL B 328 -14.16 24.43 -0.22
N THR B 329 -14.58 24.79 -1.42
CA THR B 329 -15.99 24.91 -1.71
C THR B 329 -16.43 23.77 -2.61
N MET B 330 -17.74 23.50 -2.61
CA MET B 330 -18.32 22.48 -3.47
C MET B 330 -18.10 22.80 -4.96
N GLU B 331 -18.11 21.78 -5.79
CA GLU B 331 -18.01 21.97 -7.22
C GLU B 331 -19.36 22.42 -7.78
N TRP B 332 -20.41 22.06 -7.07
CA TRP B 332 -21.77 22.37 -7.51
C TRP B 332 -22.76 22.21 -6.37
N TRP B 333 -23.99 22.67 -6.59
CA TRP B 333 -24.98 22.79 -5.53
C TRP B 333 -25.53 21.46 -5.02
N ASN B 334 -25.15 20.37 -5.68
CA ASN B 334 -25.57 19.05 -5.25
C ASN B 334 -24.87 18.62 -3.96
N ASP B 335 -23.84 19.36 -3.57
CA ASP B 335 -23.06 19.03 -2.38
C ASP B 335 -23.26 20.07 -1.30
N LEU B 336 -24.23 20.96 -1.50
CA LEU B 336 -24.53 21.99 -0.52
C LEU B 336 -24.91 21.37 0.82
N TRP B 337 -25.55 20.21 0.78
CA TRP B 337 -25.96 19.51 1.99
C TRP B 337 -24.75 19.17 2.86
N LEU B 338 -23.61 18.91 2.23
CA LEU B 338 -22.40 18.56 2.96
C LEU B 338 -21.74 19.80 3.54
N ASN B 339 -21.75 20.87 2.76
CA ASN B 339 -21.30 22.18 3.22
C ASN B 339 -22.07 22.57 4.47
N GLU B 340 -23.39 22.64 4.34
CA GLU B 340 -24.26 23.05 5.44
C GLU B 340 -24.23 22.05 6.59
N GLY B 341 -24.21 20.76 6.24
CA GLY B 341 -24.12 19.71 7.24
C GLY B 341 -22.90 19.91 8.13
N PHE B 342 -21.76 20.13 7.50
CA PHE B 342 -20.51 20.23 8.24
C PHE B 342 -20.47 21.47 9.14
N ALA B 343 -21.03 22.57 8.65
CA ALA B 343 -21.09 23.78 9.44
C ALA B 343 -22.00 23.59 10.65
N LYS B 344 -23.08 22.85 10.45
CA LYS B 344 -23.99 22.55 11.55
C LYS B 344 -23.28 21.72 12.60
N PHE B 345 -22.71 20.60 12.15
CA PHE B 345 -21.98 19.70 13.02
C PHE B 345 -20.90 20.45 13.78
N MET B 346 -20.27 21.41 13.11
CA MET B 346 -19.17 22.15 13.69
C MET B 346 -19.65 23.22 14.67
N GLU B 347 -20.94 23.60 14.57
CA GLU B 347 -21.56 24.50 15.55
C GLU B 347 -21.38 23.93 16.96
N PHE B 348 -21.49 22.61 17.06
CA PHE B 348 -21.41 21.92 18.33
C PHE B 348 -19.98 21.69 18.78
N VAL B 349 -19.27 20.85 18.03
CA VAL B 349 -17.86 20.60 18.29
C VAL B 349 -17.18 21.87 18.81
N SER B 350 -17.45 22.99 18.16
CA SER B 350 -16.80 24.25 18.52
C SER B 350 -17.30 24.84 19.83
N VAL B 351 -18.60 25.13 19.89
CA VAL B 351 -19.20 25.77 21.07
C VAL B 351 -19.11 24.90 22.31
N SER B 352 -19.30 23.60 22.15
CA SER B 352 -19.20 22.65 23.26
C SER B 352 -17.91 22.84 24.04
N VAL B 353 -16.87 23.29 23.35
CA VAL B 353 -15.58 23.57 23.96
C VAL B 353 -15.47 25.03 24.34
N THR B 354 -15.99 25.89 23.48
CA THR B 354 -15.88 27.33 23.62
C THR B 354 -16.79 27.92 24.71
N HIS B 355 -18.06 27.57 24.67
CA HIS B 355 -19.03 28.03 25.67
C HIS B 355 -19.79 26.86 26.26
N PRO B 356 -19.19 26.18 27.25
CA PRO B 356 -19.78 24.98 27.84
C PRO B 356 -21.07 25.31 28.60
N GLU B 357 -21.12 26.50 29.18
CA GLU B 357 -22.29 26.94 29.92
C GLU B 357 -23.58 26.87 29.10
N LEU B 358 -23.48 27.08 27.80
CA LEU B 358 -24.65 27.11 26.94
C LEU B 358 -25.40 25.78 26.90
N LYS B 359 -24.66 24.68 27.00
CA LYS B 359 -25.23 23.33 26.93
C LYS B 359 -25.82 23.00 25.57
N VAL B 360 -25.06 23.30 24.51
CA VAL B 360 -25.51 23.04 23.15
C VAL B 360 -25.82 21.56 22.91
N GLY B 361 -25.10 20.69 23.60
CA GLY B 361 -25.26 19.25 23.42
C GLY B 361 -26.70 18.80 23.25
N ASP B 362 -27.57 19.25 24.16
CA ASP B 362 -28.96 18.83 24.16
C ASP B 362 -29.67 19.09 22.84
N TYR B 363 -29.40 20.26 22.26
CA TYR B 363 -30.12 20.70 21.07
C TYR B 363 -29.69 19.94 19.82
N PHE B 364 -28.53 19.29 19.89
CA PHE B 364 -28.04 18.53 18.75
C PHE B 364 -28.93 17.32 18.50
N PHE B 365 -28.96 16.42 19.47
CA PHE B 365 -29.66 15.15 19.29
C PHE B 365 -31.16 15.32 19.08
N GLY B 366 -31.73 16.39 19.61
CA GLY B 366 -33.09 16.75 19.28
C GLY B 366 -33.24 16.77 17.76
N LYS B 367 -32.46 17.64 17.11
CA LYS B 367 -32.46 17.74 15.66
C LYS B 367 -32.25 16.39 14.98
N CYS B 368 -31.36 15.57 15.53
CA CYS B 368 -31.12 14.24 14.98
C CYS B 368 -32.40 13.40 15.07
N PHE B 369 -33.09 13.50 16.21
CA PHE B 369 -34.38 12.84 16.37
C PHE B 369 -35.38 13.36 15.34
N ASP B 370 -35.54 14.67 15.28
CA ASP B 370 -36.44 15.32 14.33
C ASP B 370 -36.13 14.88 12.90
N ALA B 371 -34.84 14.75 12.60
CA ALA B 371 -34.41 14.31 11.28
C ALA B 371 -34.86 12.88 11.02
N MET B 372 -34.62 12.02 12.00
CA MET B 372 -34.99 10.61 11.88
C MET B 372 -36.49 10.46 11.68
N GLU B 373 -37.27 11.24 12.43
CA GLU B 373 -38.72 11.14 12.38
C GLU B 373 -39.20 11.42 10.97
N VAL B 374 -38.49 12.29 10.28
CA VAL B 374 -38.86 12.69 8.93
C VAL B 374 -38.40 11.65 7.91
N ASP B 375 -37.18 11.18 8.09
CA ASP B 375 -36.61 10.22 7.16
C ASP B 375 -37.44 8.93 7.17
N ALA B 376 -38.18 8.73 8.25
CA ALA B 376 -38.92 7.50 8.45
C ALA B 376 -40.15 7.40 7.54
N LEU B 377 -40.54 8.52 6.96
CA LEU B 377 -41.74 8.55 6.11
C LEU B 377 -41.45 8.10 4.68
N ASN B 378 -42.52 7.83 3.94
CA ASN B 378 -42.42 7.43 2.55
C ASN B 378 -41.64 8.46 1.74
N SER B 379 -41.76 9.72 2.13
CA SER B 379 -41.19 10.83 1.38
C SER B 379 -39.83 11.27 1.93
N SER B 380 -38.78 10.98 1.17
CA SER B 380 -37.43 11.40 1.53
C SER B 380 -36.39 10.95 0.51
N ASP B 398 -35.20 20.24 3.95
CA ASP B 398 -34.13 21.17 3.65
C ASP B 398 -33.17 21.26 4.82
N ASP B 399 -33.46 22.18 5.75
CA ASP B 399 -32.66 22.32 6.96
C ASP B 399 -32.54 20.98 7.67
N VAL B 400 -33.51 20.10 7.43
CA VAL B 400 -33.52 18.78 8.05
C VAL B 400 -32.52 17.85 7.37
N SER B 401 -32.45 17.94 6.05
CA SER B 401 -31.46 17.17 5.29
C SER B 401 -30.05 17.62 5.66
N TYR B 402 -29.92 18.89 6.01
CA TYR B 402 -28.65 19.41 6.51
C TYR B 402 -28.43 18.89 7.93
N ASP B 403 -29.52 18.63 8.64
CA ASP B 403 -29.45 18.08 9.99
C ASP B 403 -29.05 16.61 9.97
N LYS B 404 -29.54 15.86 8.99
CA LYS B 404 -29.09 14.49 8.83
C LYS B 404 -27.59 14.49 8.58
N GLY B 405 -27.14 15.41 7.73
CA GLY B 405 -25.73 15.55 7.43
C GLY B 405 -24.90 15.63 8.70
N ALA B 406 -25.25 16.57 9.57
CA ALA B 406 -24.52 16.74 10.81
C ALA B 406 -24.56 15.48 11.66
N CYS B 407 -25.70 14.77 11.62
CA CYS B 407 -25.86 13.54 12.39
C CYS B 407 -24.98 12.43 11.84
N ILE B 408 -25.03 12.23 10.53
CA ILE B 408 -24.17 11.28 9.85
C ILE B 408 -22.72 11.53 10.25
N LEU B 409 -22.24 12.75 10.04
CA LEU B 409 -20.87 13.14 10.36
C LEU B 409 -20.52 12.83 11.81
N ASN B 410 -21.42 13.13 12.73
CA ASN B 410 -21.20 12.85 14.14
C ASN B 410 -20.99 11.36 14.35
N MET B 411 -21.86 10.56 13.75
CA MET B 411 -21.74 9.12 13.78
C MET B 411 -20.36 8.69 13.31
N LEU B 412 -19.95 9.19 12.16
CA LEU B 412 -18.67 8.86 11.57
C LEU B 412 -17.51 9.30 12.46
N ARG B 413 -17.63 10.49 13.04
CA ARG B 413 -16.58 11.04 13.88
C ARG B 413 -16.41 10.23 15.15
N GLU B 414 -17.48 9.59 15.60
CA GLU B 414 -17.42 8.78 16.81
C GLU B 414 -16.90 7.38 16.52
N TYR B 415 -17.19 6.88 15.32
CA TYR B 415 -16.66 5.58 14.91
C TYR B 415 -15.13 5.65 14.82
N LEU B 416 -14.62 6.37 13.82
CA LEU B 416 -13.21 6.74 13.79
C LEU B 416 -13.04 7.67 14.96
N SER B 417 -11.90 7.62 15.65
CA SER B 417 -11.71 8.50 16.79
C SER B 417 -11.99 9.95 16.39
N ALA B 418 -12.14 10.83 17.38
CA ALA B 418 -12.29 12.25 17.11
C ALA B 418 -11.06 12.83 16.40
N ASP B 419 -9.88 12.36 16.78
CA ASP B 419 -8.64 12.82 16.16
C ASP B 419 -8.49 12.30 14.74
N ALA B 420 -8.84 11.03 14.54
CA ALA B 420 -8.82 10.44 13.20
C ALA B 420 -9.67 11.29 12.28
N PHE B 421 -10.80 11.74 12.80
CA PHE B 421 -11.70 12.63 12.09
C PHE B 421 -10.99 13.96 11.83
N LYS B 422 -10.59 14.60 12.92
CA LYS B 422 -9.92 15.90 12.88
C LYS B 422 -8.87 15.98 11.79
N SER B 423 -7.94 15.04 11.82
CA SER B 423 -6.83 15.03 10.88
C SER B 423 -7.33 14.85 9.45
N GLY B 424 -8.28 13.94 9.27
CA GLY B 424 -8.81 13.64 7.96
C GLY B 424 -9.36 14.90 7.30
N ILE B 425 -9.95 15.75 8.11
CA ILE B 425 -10.48 17.03 7.64
C ILE B 425 -9.35 18.02 7.34
N VAL B 426 -8.38 18.09 8.24
CA VAL B 426 -7.19 18.92 8.03
C VAL B 426 -6.57 18.61 6.67
N GLN B 427 -6.41 17.32 6.37
CA GLN B 427 -5.84 16.91 5.08
C GLN B 427 -6.72 17.37 3.93
N TYR B 428 -8.02 17.11 4.03
CA TYR B 428 -8.99 17.57 3.05
C TYR B 428 -8.80 19.04 2.74
N LEU B 429 -8.73 19.86 3.79
CA LEU B 429 -8.60 21.31 3.64
C LEU B 429 -7.25 21.74 3.06
N GLN B 430 -6.19 21.11 3.52
CA GLN B 430 -4.86 21.42 3.00
C GLN B 430 -4.73 21.04 1.53
N LYS B 431 -5.15 19.82 1.20
CA LYS B 431 -5.07 19.33 -0.18
C LYS B 431 -5.82 20.18 -1.20
N HIS B 432 -7.06 20.56 -0.89
CA HIS B 432 -7.90 21.29 -1.84
C HIS B 432 -8.17 22.75 -1.51
N SER B 433 -7.34 23.36 -0.66
CA SER B 433 -7.52 24.77 -0.35
C SER B 433 -7.58 25.62 -1.63
N TYR B 434 -8.50 26.57 -1.66
CA TYR B 434 -8.73 27.43 -2.82
C TYR B 434 -9.17 26.68 -4.09
N LYS B 435 -9.72 25.48 -3.93
CA LYS B 435 -10.27 24.75 -5.07
C LYS B 435 -11.69 24.24 -4.83
N ASN B 436 -12.14 23.33 -5.68
CA ASN B 436 -13.51 22.80 -5.58
C ASN B 436 -13.58 21.29 -5.45
N THR B 437 -14.61 20.80 -4.75
CA THR B 437 -14.65 19.44 -4.25
C THR B 437 -15.99 18.74 -4.47
N LYS B 438 -15.96 17.42 -4.60
CA LYS B 438 -17.18 16.60 -4.56
C LYS B 438 -17.24 15.84 -3.24
N ASN B 439 -18.39 15.26 -2.92
CA ASN B 439 -18.53 14.52 -1.67
C ASN B 439 -17.41 13.49 -1.50
N GLU B 440 -17.11 12.75 -2.56
CA GLU B 440 -16.11 11.68 -2.50
C GLU B 440 -14.77 12.16 -1.97
N ASP B 441 -14.43 13.41 -2.27
CA ASP B 441 -13.13 13.95 -1.90
C ASP B 441 -12.95 14.02 -0.38
N LEU B 442 -14.06 14.23 0.33
CA LEU B 442 -14.03 14.24 1.79
C LEU B 442 -13.78 12.84 2.30
N TRP B 443 -14.53 11.88 1.77
CA TRP B 443 -14.40 10.49 2.20
C TRP B 443 -13.02 9.92 1.88
N ASP B 444 -12.46 10.35 0.75
CA ASP B 444 -11.12 9.89 0.34
C ASP B 444 -10.06 10.43 1.28
N SER B 445 -10.24 11.66 1.72
CA SER B 445 -9.25 12.31 2.55
C SER B 445 -9.21 11.65 3.93
N MET B 446 -10.38 11.29 4.46
CA MET B 446 -10.46 10.67 5.77
C MET B 446 -10.09 9.19 5.75
N ALA B 447 -10.44 8.52 4.66
CA ALA B 447 -10.11 7.11 4.50
C ALA B 447 -8.61 6.87 4.40
N SER B 448 -7.85 7.95 4.32
CA SER B 448 -6.40 7.85 4.14
C SER B 448 -5.64 8.30 5.40
N ILE B 449 -6.22 8.01 6.56
CA ILE B 449 -5.59 8.35 7.83
C ILE B 449 -5.31 7.09 8.65
N VAL B 479 -10.43 1.22 6.75
CA VAL B 479 -11.84 1.54 6.69
C VAL B 479 -12.20 2.24 5.40
N ASP B 480 -12.97 1.58 4.54
CA ASP B 480 -13.40 2.19 3.29
C ASP B 480 -14.54 3.16 3.56
N VAL B 481 -14.20 4.42 3.75
CA VAL B 481 -15.18 5.41 4.16
C VAL B 481 -16.12 5.76 3.02
N LYS B 482 -15.59 5.84 1.81
CA LYS B 482 -16.40 6.30 0.68
C LYS B 482 -17.62 5.42 0.48
N THR B 483 -17.40 4.10 0.41
CA THR B 483 -18.50 3.17 0.17
C THR B 483 -19.50 3.16 1.32
N MET B 484 -19.02 3.39 2.54
CA MET B 484 -19.91 3.41 3.70
C MET B 484 -20.79 4.63 3.67
N MET B 485 -20.17 5.79 3.50
CA MET B 485 -20.88 7.06 3.56
C MET B 485 -21.88 7.23 2.43
N ASN B 486 -21.64 6.54 1.32
CA ASN B 486 -22.57 6.59 0.20
C ASN B 486 -23.85 5.83 0.50
N THR B 487 -23.76 4.83 1.38
CA THR B 487 -24.95 4.10 1.78
C THR B 487 -25.85 5.05 2.55
N TRP B 488 -25.23 6.01 3.22
CA TRP B 488 -25.98 6.98 4.01
C TRP B 488 -26.40 8.19 3.18
N THR B 489 -25.67 8.44 2.10
CA THR B 489 -25.93 9.60 1.26
C THR B 489 -26.80 9.29 0.04
N LEU B 490 -26.65 8.10 -0.55
CA LEU B 490 -27.40 7.75 -1.74
C LEU B 490 -28.72 7.03 -1.44
N GLN B 491 -29.00 6.84 -0.16
CA GLN B 491 -30.20 6.12 0.27
C GLN B 491 -31.04 6.94 1.24
N ARG B 492 -32.35 6.99 0.98
CA ARG B 492 -33.26 7.58 1.94
C ARG B 492 -33.40 6.59 3.10
N GLY B 493 -33.66 7.11 4.30
CA GLY B 493 -33.92 6.26 5.43
C GLY B 493 -32.72 5.92 6.28
N PHE B 494 -32.92 4.99 7.20
CA PHE B 494 -31.88 4.54 8.10
C PHE B 494 -32.36 3.22 8.68
N PRO B 495 -31.43 2.39 9.18
CA PRO B 495 -31.79 1.03 9.53
C PRO B 495 -32.26 0.88 10.97
N LEU B 496 -33.10 -0.12 11.19
CA LEU B 496 -33.37 -0.63 12.52
C LEU B 496 -32.37 -1.76 12.76
N ILE B 497 -31.67 -1.68 13.88
CA ILE B 497 -30.63 -2.66 14.17
C ILE B 497 -31.01 -3.53 15.36
N THR B 498 -31.16 -4.82 15.09
CA THR B 498 -31.63 -5.74 16.10
C THR B 498 -30.51 -6.62 16.68
N ILE B 499 -30.43 -6.63 18.00
CA ILE B 499 -29.34 -7.28 18.71
C ILE B 499 -29.76 -8.58 19.40
N THR B 500 -29.28 -9.70 18.89
CA THR B 500 -29.59 -11.01 19.45
C THR B 500 -28.38 -11.66 20.12
N VAL B 501 -28.44 -11.82 21.44
CA VAL B 501 -27.32 -12.44 22.15
C VAL B 501 -27.57 -13.92 22.49
N ARG B 502 -26.59 -14.76 22.19
CA ARG B 502 -26.64 -16.18 22.53
C ARG B 502 -25.32 -16.55 23.17
N GLY B 503 -25.21 -16.27 24.46
CA GLY B 503 -23.98 -16.50 25.18
C GLY B 503 -22.96 -15.42 24.90
N ARG B 504 -21.80 -15.83 24.40
CA ARG B 504 -20.77 -14.87 24.01
C ARG B 504 -21.00 -14.43 22.57
N ASN B 505 -21.87 -15.14 21.87
CA ASN B 505 -22.21 -14.81 20.50
C ASN B 505 -23.23 -13.67 20.42
N VAL B 506 -22.82 -12.55 19.86
CA VAL B 506 -23.69 -11.39 19.71
C VAL B 506 -24.06 -11.19 18.25
N HIS B 507 -25.35 -11.31 17.96
CA HIS B 507 -25.83 -11.17 16.59
C HIS B 507 -26.42 -9.78 16.34
N MET B 508 -26.04 -9.20 15.22
CA MET B 508 -26.57 -7.92 14.79
C MET B 508 -27.26 -8.09 13.44
N LYS B 509 -28.46 -7.52 13.33
CA LYS B 509 -29.21 -7.59 12.08
C LYS B 509 -29.80 -6.22 11.74
N GLN B 510 -29.64 -5.81 10.49
CA GLN B 510 -30.17 -4.52 10.05
C GLN B 510 -31.30 -4.69 9.04
N GLU B 511 -32.15 -3.67 8.97
CA GLU B 511 -33.25 -3.66 8.02
C GLU B 511 -33.76 -2.23 7.93
N HIS B 512 -34.28 -1.86 6.76
CA HIS B 512 -34.82 -0.52 6.58
C HIS B 512 -35.92 -0.26 7.61
N TYR B 513 -35.71 0.74 8.44
CA TYR B 513 -36.72 1.12 9.43
C TYR B 513 -37.78 2.02 8.81
N MET B 514 -39.01 1.54 8.75
CA MET B 514 -40.10 2.34 8.19
C MET B 514 -41.46 2.03 8.81
N LYS B 515 -42.27 3.08 8.96
CA LYS B 515 -43.60 2.97 9.54
C LYS B 515 -44.30 1.69 9.13
N ALA B 520 -47.05 -4.71 3.21
CA ALA B 520 -46.60 -3.41 2.72
C ALA B 520 -45.08 -3.19 2.92
N PRO B 521 -44.56 -3.53 4.12
CA PRO B 521 -43.13 -3.33 4.39
C PRO B 521 -42.24 -4.30 3.63
N ASP B 522 -41.52 -3.79 2.62
CA ASP B 522 -40.67 -4.65 1.78
C ASP B 522 -39.60 -3.85 1.02
N THR B 523 -38.48 -3.56 1.69
CA THR B 523 -37.37 -2.85 1.03
C THR B 523 -36.06 -3.62 1.12
N GLY B 524 -35.18 -3.42 0.14
CA GLY B 524 -33.90 -4.09 0.10
C GLY B 524 -32.71 -3.24 0.53
N TYR B 525 -32.99 -2.06 1.07
CA TYR B 525 -31.93 -1.14 1.49
C TYR B 525 -30.89 -1.77 2.41
N LEU B 526 -29.62 -1.41 2.17
CA LEU B 526 -28.53 -2.04 2.90
C LEU B 526 -27.40 -1.05 3.18
N TRP B 527 -27.06 -0.85 4.45
CA TRP B 527 -26.02 0.08 4.78
C TRP B 527 -24.80 -0.52 5.40
N HIS B 528 -23.71 0.23 5.33
CA HIS B 528 -22.52 0.05 6.14
C HIS B 528 -22.76 0.83 7.40
N VAL B 529 -22.97 0.14 8.51
CA VAL B 529 -23.29 0.85 9.74
C VAL B 529 -22.19 0.72 10.80
N PRO B 530 -21.65 1.87 11.21
CA PRO B 530 -20.59 2.00 12.21
C PRO B 530 -21.13 1.76 13.61
N LEU B 531 -21.36 0.51 13.96
CA LEU B 531 -21.86 0.14 15.27
C LEU B 531 -20.86 0.41 16.39
N THR B 532 -21.38 0.81 17.54
CA THR B 532 -20.59 0.94 18.76
C THR B 532 -21.42 0.46 19.94
N PHE B 533 -20.76 -0.22 20.88
CA PHE B 533 -21.47 -0.72 22.05
C PHE B 533 -20.62 -0.69 23.31
N ILE B 534 -21.28 -0.59 24.45
CA ILE B 534 -20.61 -0.79 25.73
C ILE B 534 -21.12 -2.08 26.36
N THR B 535 -20.49 -2.48 27.45
CA THR B 535 -20.75 -3.77 28.05
C THR B 535 -20.59 -3.69 29.57
N SER B 536 -21.37 -4.48 30.29
CA SER B 536 -21.29 -4.51 31.75
C SER B 536 -19.86 -4.74 32.21
N LYS B 537 -19.13 -5.57 31.47
CA LYS B 537 -17.75 -5.93 31.81
C LYS B 537 -16.76 -4.88 31.35
N SER B 538 -16.87 -4.51 30.07
CA SER B 538 -15.96 -3.52 29.49
C SER B 538 -16.09 -2.18 30.22
N ASP B 539 -15.03 -1.39 30.15
CA ASP B 539 -15.06 -0.02 30.64
C ASP B 539 -14.97 0.92 29.43
N MET B 540 -14.69 0.33 28.27
CA MET B 540 -14.45 1.10 27.06
C MET B 540 -15.48 0.83 25.96
N VAL B 541 -15.56 1.74 25.00
CA VAL B 541 -16.50 1.61 23.88
C VAL B 541 -15.93 0.78 22.75
N HIS B 542 -16.74 -0.12 22.22
CA HIS B 542 -16.32 -1.03 21.16
C HIS B 542 -16.87 -0.61 19.81
N ARG B 543 -16.29 -1.16 18.75
CA ARG B 543 -16.69 -0.83 17.39
C ARG B 543 -16.96 -2.07 16.57
N PHE B 544 -17.89 -1.97 15.63
CA PHE B 544 -18.11 -3.03 14.66
C PHE B 544 -18.80 -2.48 13.41
N LEU B 545 -18.21 -2.78 12.26
CA LEU B 545 -18.74 -2.30 10.99
C LEU B 545 -19.62 -3.36 10.31
N LEU B 546 -20.93 -3.17 10.43
CA LEU B 546 -21.92 -4.09 9.86
C LEU B 546 -22.11 -3.80 8.36
N LYS B 547 -21.48 -4.61 7.51
CA LYS B 547 -21.56 -4.42 6.06
C LYS B 547 -22.65 -5.25 5.41
N THR B 548 -23.21 -6.20 6.14
CA THR B 548 -24.13 -7.18 5.57
C THR B 548 -25.51 -7.12 6.23
N LYS B 549 -26.40 -8.02 5.84
CA LYS B 549 -27.72 -8.09 6.47
C LYS B 549 -27.61 -8.61 7.90
N THR B 550 -26.67 -9.51 8.15
CA THR B 550 -26.40 -10.03 9.49
C THR B 550 -24.91 -10.28 9.71
N ASP B 551 -24.49 -10.33 10.97
CA ASP B 551 -23.13 -10.65 11.33
C ASP B 551 -23.09 -11.07 12.79
N VAL B 552 -22.07 -11.83 13.19
CA VAL B 552 -21.92 -12.20 14.60
C VAL B 552 -20.66 -11.59 15.21
N LEU B 553 -20.60 -11.61 16.52
CA LEU B 553 -19.51 -10.99 17.26
C LEU B 553 -19.31 -11.82 18.54
N ILE B 554 -18.09 -12.30 18.76
CA ILE B 554 -17.83 -13.13 19.93
C ILE B 554 -17.12 -12.37 21.04
N LEU B 555 -17.80 -12.21 22.16
CA LEU B 555 -17.21 -11.62 23.35
C LEU B 555 -16.31 -12.64 24.05
N PRO B 556 -15.42 -12.16 24.93
CA PRO B 556 -14.52 -13.02 25.69
C PRO B 556 -15.25 -13.71 26.84
N GLU B 557 -16.41 -13.19 27.22
CA GLU B 557 -17.19 -13.77 28.31
C GLU B 557 -18.60 -13.22 28.30
N GLU B 558 -19.56 -14.01 28.78
CA GLU B 558 -20.95 -13.58 28.83
C GLU B 558 -21.07 -12.26 29.58
N VAL B 559 -22.07 -11.48 29.23
CA VAL B 559 -22.27 -10.17 29.85
C VAL B 559 -23.65 -10.06 30.49
N GLU B 560 -23.76 -9.22 31.52
CA GLU B 560 -25.03 -8.98 32.19
C GLU B 560 -25.94 -8.07 31.37
N TRP B 561 -25.33 -7.17 30.59
CA TRP B 561 -26.06 -6.30 29.67
C TRP B 561 -25.15 -5.74 28.59
N ILE B 562 -25.71 -5.49 27.40
CA ILE B 562 -24.96 -4.87 26.30
C ILE B 562 -25.79 -3.74 25.69
N LYS B 563 -25.14 -2.66 25.28
CA LYS B 563 -25.88 -1.49 24.77
C LYS B 563 -25.24 -0.87 23.54
N PHE B 564 -25.96 -0.92 22.43
CA PHE B 564 -25.45 -0.42 21.16
C PHE B 564 -25.82 1.03 20.93
N ASN B 565 -25.16 1.66 19.95
CA ASN B 565 -25.35 3.07 19.72
C ASN B 565 -25.02 3.81 21.01
N VAL B 566 -23.77 3.71 21.43
CA VAL B 566 -23.33 4.36 22.64
C VAL B 566 -23.32 5.87 22.42
N GLY B 567 -23.84 6.61 23.40
CA GLY B 567 -23.83 8.06 23.36
C GLY B 567 -24.92 8.60 22.44
N MET B 568 -25.54 7.71 21.70
CA MET B 568 -26.61 8.07 20.78
C MET B 568 -26.03 8.81 19.58
N ASN B 569 -24.78 8.52 19.27
CA ASN B 569 -24.06 9.22 18.21
C ASN B 569 -24.32 8.63 16.83
N GLY B 570 -25.07 7.53 16.79
CA GLY B 570 -25.36 6.85 15.54
C GLY B 570 -26.71 7.19 14.98
N TYR B 571 -26.81 7.18 13.66
CA TYR B 571 -28.07 7.53 12.99
C TYR B 571 -28.84 6.26 12.66
N TYR B 572 -29.32 5.58 13.69
CA TYR B 572 -30.08 4.35 13.56
C TYR B 572 -30.75 4.04 14.89
N ILE B 573 -31.77 3.21 14.88
CA ILE B 573 -32.41 2.82 16.15
C ILE B 573 -32.24 1.34 16.39
N VAL B 574 -31.99 0.98 17.65
CA VAL B 574 -31.66 -0.40 18.01
C VAL B 574 -32.71 -1.07 18.89
N HIS B 575 -32.98 -2.35 18.59
CA HIS B 575 -33.95 -3.17 19.31
C HIS B 575 -33.27 -4.44 19.81
N TYR B 576 -33.59 -4.85 21.04
CA TYR B 576 -32.91 -5.99 21.67
C TYR B 576 -33.75 -7.27 21.74
N GLU B 577 -33.30 -8.29 21.01
CA GLU B 577 -33.99 -9.58 20.99
C GLU B 577 -34.04 -10.21 22.36
N ASP B 578 -34.85 -11.24 22.50
CA ASP B 578 -35.10 -11.88 23.79
C ASP B 578 -35.48 -10.81 24.80
N ASP B 579 -34.82 -10.82 25.96
CA ASP B 579 -34.99 -9.75 26.92
C ASP B 579 -33.69 -9.03 27.22
N GLY B 580 -33.18 -8.34 26.21
CA GLY B 580 -32.06 -7.43 26.40
C GLY B 580 -32.58 -6.18 27.05
N TRP B 581 -33.84 -5.87 26.76
CA TRP B 581 -34.53 -4.76 27.41
C TRP B 581 -34.64 -5.00 28.90
N ASP B 582 -35.01 -6.24 29.26
CA ASP B 582 -35.11 -6.62 30.67
C ASP B 582 -33.86 -6.26 31.46
N SER B 583 -32.69 -6.60 30.92
CA SER B 583 -31.44 -6.31 31.60
C SER B 583 -31.17 -4.81 31.60
N LEU B 584 -31.60 -4.13 30.54
CA LEU B 584 -31.40 -2.69 30.44
C LEU B 584 -32.36 -1.92 31.35
N THR B 585 -33.64 -2.31 31.34
CA THR B 585 -34.60 -1.67 32.23
C THR B 585 -34.24 -2.00 33.67
N GLY B 586 -33.82 -3.23 33.89
CA GLY B 586 -33.36 -3.66 35.19
C GLY B 586 -32.10 -2.91 35.55
N LEU B 587 -31.26 -2.66 34.54
CA LEU B 587 -30.03 -1.92 34.74
C LEU B 587 -30.31 -0.49 35.16
N LEU B 588 -31.23 0.16 34.45
CA LEU B 588 -31.56 1.56 34.72
C LEU B 588 -32.26 1.73 36.06
N LYS B 589 -33.15 0.80 36.40
CA LYS B 589 -33.89 0.89 37.66
C LYS B 589 -33.01 0.51 38.84
N GLY B 590 -31.95 -0.24 38.57
CA GLY B 590 -30.97 -0.55 39.60
C GLY B 590 -29.99 0.58 39.78
N THR B 591 -29.20 0.84 38.74
CA THR B 591 -28.20 1.91 38.76
C THR B 591 -28.19 2.63 37.42
N HIS B 592 -29.00 3.68 37.29
CA HIS B 592 -29.16 4.34 35.99
C HIS B 592 -27.92 5.07 35.50
N THR B 593 -26.99 5.35 36.41
CA THR B 593 -25.77 6.08 36.05
C THR B 593 -24.70 5.15 35.47
N ALA B 594 -25.03 3.88 35.31
CA ALA B 594 -24.11 2.93 34.72
C ALA B 594 -23.78 3.37 33.30
N VAL B 595 -24.76 4.00 32.65
CA VAL B 595 -24.60 4.51 31.30
C VAL B 595 -24.80 6.01 31.31
N SER B 596 -24.49 6.66 30.19
CA SER B 596 -24.58 8.12 30.11
C SER B 596 -26.03 8.62 30.00
N SER B 597 -26.24 9.85 30.43
CA SER B 597 -27.54 10.49 30.31
C SER B 597 -28.13 10.29 28.92
N ASN B 598 -27.30 10.50 27.89
CA ASN B 598 -27.77 10.37 26.52
C ASN B 598 -28.02 8.92 26.12
N ASP B 599 -27.33 8.00 26.79
CA ASP B 599 -27.59 6.58 26.57
C ASP B 599 -29.01 6.27 27.02
N ARG B 600 -29.36 6.73 28.21
CA ARG B 600 -30.68 6.51 28.75
C ARG B 600 -31.76 7.05 27.82
N ALA B 601 -31.52 8.25 27.31
CA ALA B 601 -32.45 8.90 26.39
C ALA B 601 -32.64 8.09 25.10
N SER B 602 -31.58 7.43 24.63
CA SER B 602 -31.67 6.61 23.44
C SER B 602 -32.50 5.36 23.71
N LEU B 603 -32.43 4.86 24.94
CA LEU B 603 -33.19 3.68 25.31
C LEU B 603 -34.67 3.99 25.35
N ILE B 604 -35.03 5.03 26.09
CA ILE B 604 -36.42 5.45 26.20
C ILE B 604 -37.02 5.85 24.83
N ASN B 605 -36.23 6.55 24.02
CA ASN B 605 -36.64 6.87 22.66
C ASN B 605 -36.94 5.60 21.86
N ASN B 606 -35.90 4.79 21.66
CA ASN B 606 -36.01 3.58 20.87
C ASN B 606 -37.15 2.66 21.33
N ALA B 607 -37.25 2.43 22.64
CA ALA B 607 -38.25 1.52 23.18
C ALA B 607 -39.62 1.88 22.63
N PHE B 608 -40.01 3.13 22.83
CA PHE B 608 -41.33 3.60 22.46
C PHE B 608 -41.60 3.65 20.96
N GLN B 609 -40.57 3.98 20.18
CA GLN B 609 -40.71 3.91 18.73
C GLN B 609 -40.98 2.47 18.29
N LEU B 610 -40.22 1.54 18.86
CA LEU B 610 -40.38 0.11 18.55
C LEU B 610 -41.77 -0.38 18.93
N VAL B 611 -42.36 0.23 19.96
CA VAL B 611 -43.70 -0.11 20.41
C VAL B 611 -44.74 0.27 19.37
N SER B 612 -44.53 1.40 18.70
CA SER B 612 -45.50 1.89 17.72
C SER B 612 -45.29 1.33 16.31
N ILE B 613 -44.29 0.47 16.16
CA ILE B 613 -44.15 -0.32 14.94
C ILE B 613 -44.45 -1.78 15.25
N GLY B 614 -44.71 -2.05 16.52
CA GLY B 614 -45.12 -3.38 16.96
C GLY B 614 -44.03 -4.41 17.07
N LYS B 615 -42.82 -3.98 17.41
CA LYS B 615 -41.73 -4.93 17.66
C LYS B 615 -41.40 -5.04 19.14
N LEU B 616 -42.02 -4.16 19.92
CA LEU B 616 -41.83 -4.15 21.37
C LEU B 616 -43.18 -3.93 22.05
N SER B 617 -43.38 -4.58 23.19
CA SER B 617 -44.68 -4.53 23.85
C SER B 617 -44.82 -3.30 24.74
N ILE B 618 -46.00 -2.68 24.69
CA ILE B 618 -46.26 -1.45 25.41
C ILE B 618 -45.79 -1.51 26.86
N GLU B 619 -45.93 -2.68 27.49
CA GLU B 619 -45.53 -2.83 28.89
C GLU B 619 -44.02 -2.77 29.05
N LYS B 620 -43.32 -3.47 28.16
CA LYS B 620 -41.85 -3.50 28.22
C LYS B 620 -41.30 -2.07 28.23
N ALA B 621 -41.96 -1.19 27.49
CA ALA B 621 -41.53 0.20 27.39
C ALA B 621 -41.95 0.99 28.62
N LEU B 622 -43.14 0.67 29.13
CA LEU B 622 -43.65 1.33 30.31
C LEU B 622 -42.88 0.92 31.55
N ASP B 623 -42.50 -0.35 31.61
CA ASP B 623 -41.68 -0.84 32.70
C ASP B 623 -40.34 -0.13 32.68
N LEU B 624 -39.85 0.11 31.47
CA LEU B 624 -38.61 0.86 31.27
C LEU B 624 -38.76 2.28 31.80
N SER B 625 -39.88 2.91 31.50
CA SER B 625 -40.10 4.30 31.87
C SER B 625 -40.09 4.47 33.39
N LEU B 626 -40.39 3.39 34.11
CA LEU B 626 -40.42 3.43 35.56
C LEU B 626 -39.11 3.93 36.17
N TYR B 627 -38.01 3.73 35.45
CA TYR B 627 -36.71 4.16 35.94
C TYR B 627 -36.71 5.67 36.13
N LEU B 628 -37.50 6.35 35.30
CA LEU B 628 -37.52 7.82 35.25
C LEU B 628 -37.77 8.51 36.58
N LYS B 629 -38.32 7.79 37.56
CA LYS B 629 -38.58 8.36 38.87
C LYS B 629 -37.30 8.80 39.56
N HIS B 630 -36.16 8.37 39.01
CA HIS B 630 -34.86 8.69 39.60
C HIS B 630 -34.02 9.60 38.71
N GLU B 631 -34.56 9.95 37.54
CA GLU B 631 -33.81 10.76 36.59
C GLU B 631 -33.70 12.21 37.05
N THR B 632 -32.58 12.83 36.69
CA THR B 632 -32.30 14.21 37.04
C THR B 632 -31.98 15.02 35.80
N GLU B 633 -31.66 14.33 34.71
CA GLU B 633 -31.17 14.97 33.49
C GLU B 633 -32.31 15.38 32.55
N ILE B 634 -32.08 16.46 31.80
CA ILE B 634 -33.07 17.00 30.88
C ILE B 634 -33.41 16.04 29.74
N MET B 635 -32.39 15.60 29.00
CA MET B 635 -32.61 14.83 27.78
C MET B 635 -33.55 13.63 27.92
N PRO B 636 -33.33 12.79 28.96
CA PRO B 636 -34.17 11.59 29.05
C PRO B 636 -35.61 11.94 29.42
N VAL B 637 -35.80 12.73 30.48
CA VAL B 637 -37.13 13.19 30.85
C VAL B 637 -37.97 13.69 29.67
N PHE B 638 -37.38 14.53 28.82
CA PHE B 638 -38.09 15.03 27.65
C PHE B 638 -38.46 13.92 26.68
N GLN B 639 -37.58 12.94 26.55
CA GLN B 639 -37.88 11.78 25.71
C GLN B 639 -39.10 11.04 26.25
N GLY B 640 -39.13 10.82 27.57
CA GLY B 640 -40.25 10.16 28.21
C GLY B 640 -41.53 10.92 27.99
N LEU B 641 -41.50 12.20 28.31
CA LEU B 641 -42.62 13.09 28.12
C LEU B 641 -43.12 13.12 26.67
N ASN B 642 -42.19 13.15 25.72
CA ASN B 642 -42.58 13.24 24.32
C ASN B 642 -43.24 11.97 23.79
N GLU B 643 -43.05 10.86 24.50
CA GLU B 643 -43.62 9.57 24.07
C GLU B 643 -44.80 9.13 24.93
N LEU B 644 -44.89 9.64 26.15
CA LEU B 644 -45.99 9.30 27.04
C LEU B 644 -47.16 10.27 26.93
N ILE B 645 -46.87 11.57 26.97
CA ILE B 645 -47.90 12.59 26.90
C ILE B 645 -48.93 12.28 25.80
N PRO B 646 -48.43 12.06 24.57
CA PRO B 646 -49.33 11.81 23.44
C PRO B 646 -50.33 10.68 23.69
N MET B 647 -50.03 9.80 24.61
CA MET B 647 -50.92 8.67 24.88
C MET B 647 -52.19 9.14 25.56
N TYR B 648 -52.07 9.95 26.60
CA TYR B 648 -53.25 10.41 27.33
C TYR B 648 -53.99 11.50 26.58
N LYS B 649 -53.35 12.09 25.57
CA LYS B 649 -54.02 13.10 24.77
C LYS B 649 -54.99 12.44 23.79
N LEU B 650 -54.83 11.14 23.60
CA LEU B 650 -55.76 10.35 22.79
C LEU B 650 -56.91 9.82 23.66
N MET B 651 -56.60 9.58 24.93
CA MET B 651 -57.60 9.14 25.89
C MET B 651 -58.55 10.30 26.19
N GLU B 652 -58.01 11.51 26.21
CA GLU B 652 -58.79 12.71 26.53
C GLU B 652 -59.98 12.85 25.59
N LYS B 653 -59.82 12.38 24.36
CA LYS B 653 -60.83 12.53 23.34
C LYS B 653 -61.57 11.22 23.16
N ARG B 654 -61.90 10.61 24.29
CA ARG B 654 -62.56 9.31 24.36
C ARG B 654 -63.35 9.17 25.64
N ASP B 655 -64.37 8.32 25.59
CA ASP B 655 -65.28 8.12 26.72
C ASP B 655 -64.55 7.72 27.99
N MET B 656 -63.75 6.66 27.91
CA MET B 656 -63.10 6.10 29.09
C MET B 656 -62.24 7.12 29.82
N ASN B 657 -62.71 7.50 31.00
CA ASN B 657 -62.06 8.52 31.81
C ASN B 657 -61.20 7.91 32.91
N GLU B 658 -61.50 6.67 33.27
CA GLU B 658 -60.80 5.98 34.34
C GLU B 658 -59.36 5.69 33.97
N VAL B 659 -59.16 5.20 32.75
CA VAL B 659 -57.81 4.96 32.23
C VAL B 659 -57.05 6.27 32.14
N GLU B 660 -57.68 7.28 31.57
CA GLU B 660 -57.07 8.61 31.40
C GLU B 660 -56.56 9.18 32.72
N THR B 661 -57.42 9.21 33.73
CA THR B 661 -57.05 9.76 35.03
C THR B 661 -55.89 8.98 35.66
N GLN B 662 -56.02 7.67 35.71
CA GLN B 662 -54.99 6.81 36.29
C GLN B 662 -53.66 6.99 35.54
N PHE B 663 -53.73 7.16 34.23
CA PHE B 663 -52.53 7.31 33.43
C PHE B 663 -51.79 8.61 33.76
N LYS B 664 -52.55 9.67 34.01
CA LYS B 664 -51.97 10.95 34.40
C LYS B 664 -51.51 10.93 35.85
N ALA B 665 -52.23 10.19 36.69
CA ALA B 665 -51.80 10.01 38.07
C ALA B 665 -50.48 9.27 38.06
N PHE B 666 -50.39 8.26 37.20
CA PHE B 666 -49.16 7.51 37.01
C PHE B 666 -48.00 8.44 36.65
N LEU B 667 -48.22 9.30 35.66
CA LEU B 667 -47.19 10.24 35.21
C LEU B 667 -46.69 11.13 36.32
N ILE B 668 -47.61 11.83 36.98
CA ILE B 668 -47.22 12.73 38.05
C ILE B 668 -46.47 11.99 39.16
N ARG B 669 -46.84 10.75 39.41
CA ARG B 669 -46.17 9.95 40.43
C ARG B 669 -44.72 9.67 40.02
N LEU B 670 -44.53 9.53 38.72
CA LEU B 670 -43.20 9.29 38.16
C LEU B 670 -42.31 10.53 38.31
N LEU B 671 -42.83 11.68 37.90
CA LEU B 671 -42.04 12.91 37.87
C LEU B 671 -42.11 13.71 39.17
N ARG B 672 -43.08 13.36 40.01
CA ARG B 672 -43.29 14.04 41.29
C ARG B 672 -42.01 14.52 41.97
N ASP B 673 -41.03 13.64 42.09
CA ASP B 673 -39.78 13.99 42.76
C ASP B 673 -39.03 15.10 42.04
N LEU B 674 -38.95 14.99 40.73
CA LEU B 674 -38.31 15.99 39.89
C LEU B 674 -39.09 17.31 39.95
N ILE B 675 -40.41 17.20 39.92
CA ILE B 675 -41.28 18.36 39.98
C ILE B 675 -41.01 19.20 41.23
N ASP B 676 -40.82 18.53 42.36
CA ASP B 676 -40.57 19.20 43.62
C ASP B 676 -39.17 19.83 43.71
N LYS B 677 -38.22 19.29 42.94
CA LYS B 677 -36.86 19.82 42.95
C LYS B 677 -36.78 21.12 42.17
N GLN B 678 -37.83 21.42 41.43
CA GLN B 678 -37.85 22.59 40.56
C GLN B 678 -37.84 23.90 41.32
N THR B 679 -36.86 24.74 41.01
CA THR B 679 -36.84 26.11 41.51
C THR B 679 -37.90 26.88 40.74
N TRP B 680 -38.44 27.93 41.36
CA TRP B 680 -39.41 28.77 40.68
C TRP B 680 -38.78 30.08 40.22
N THR B 681 -37.70 29.96 39.45
CA THR B 681 -36.94 31.12 38.98
C THR B 681 -36.62 30.99 37.49
N ASP B 682 -35.84 31.93 36.98
CA ASP B 682 -35.44 31.91 35.57
C ASP B 682 -33.96 31.56 35.40
N GLU B 683 -33.40 30.86 36.40
CA GLU B 683 -31.99 30.50 36.36
C GLU B 683 -31.78 29.20 35.60
N GLY B 684 -30.53 28.92 35.25
CA GLY B 684 -30.19 27.71 34.51
C GLY B 684 -30.10 27.92 33.01
N SER B 685 -29.59 26.91 32.31
CA SER B 685 -29.42 26.97 30.86
C SER B 685 -30.74 26.83 30.13
N VAL B 686 -30.77 27.29 28.89
CA VAL B 686 -31.96 27.25 28.06
C VAL B 686 -32.74 25.93 28.17
N SER B 687 -32.03 24.82 28.33
CA SER B 687 -32.67 23.51 28.42
C SER B 687 -33.16 23.24 29.84
N GLU B 688 -32.36 23.65 30.82
CA GLU B 688 -32.74 23.50 32.21
C GLU B 688 -33.97 24.31 32.54
N ARG B 689 -34.10 25.46 31.87
CA ARG B 689 -35.26 26.31 32.04
C ARG B 689 -36.46 25.71 31.32
N MET B 690 -36.25 25.26 30.09
CA MET B 690 -37.32 24.64 29.31
C MET B 690 -37.94 23.48 30.07
N LEU B 691 -37.11 22.77 30.84
CA LEU B 691 -37.60 21.68 31.66
C LEU B 691 -38.44 22.20 32.82
N ARG B 692 -37.91 23.16 33.55
CA ARG B 692 -38.66 23.83 34.61
C ARG B 692 -40.04 24.24 34.11
N SER B 693 -40.05 24.99 33.01
CA SER B 693 -41.29 25.46 32.39
C SER B 693 -42.26 24.32 32.10
N GLU B 694 -41.78 23.30 31.40
CA GLU B 694 -42.66 22.20 30.99
C GLU B 694 -43.16 21.35 32.16
N LEU B 695 -42.34 21.19 33.18
CA LEU B 695 -42.75 20.44 34.36
C LEU B 695 -43.83 21.15 35.16
N LEU B 696 -43.59 22.41 35.50
CA LEU B 696 -44.55 23.19 36.28
C LEU B 696 -45.90 23.29 35.57
N LEU B 697 -45.86 23.58 34.28
CA LEU B 697 -47.04 23.55 33.45
C LEU B 697 -47.77 22.22 33.64
N LEU B 698 -47.05 21.13 33.42
CA LEU B 698 -47.60 19.78 33.51
C LEU B 698 -48.29 19.53 34.85
N ALA B 699 -47.53 19.66 35.93
CA ALA B 699 -48.06 19.43 37.27
C ALA B 699 -49.34 20.21 37.52
N CYS B 700 -49.33 21.49 37.17
CA CYS B 700 -50.46 22.38 37.46
C CYS B 700 -51.67 22.08 36.57
N VAL B 701 -51.40 21.72 35.32
CA VAL B 701 -52.44 21.28 34.40
C VAL B 701 -53.13 20.01 34.91
N HIS B 702 -52.38 19.16 35.59
CA HIS B 702 -52.92 17.91 36.13
C HIS B 702 -53.24 17.98 37.63
N ASN B 703 -53.68 19.15 38.08
CA ASN B 703 -54.11 19.36 39.46
C ASN B 703 -53.20 18.72 40.52
N TYR B 704 -51.90 18.72 40.27
CA TYR B 704 -50.95 18.37 41.32
C TYR B 704 -50.96 19.51 42.33
N GLN B 705 -51.62 19.26 43.46
CA GLN B 705 -51.94 20.32 44.41
C GLN B 705 -50.76 21.23 44.77
N PRO B 706 -49.63 20.65 45.21
CA PRO B 706 -48.49 21.46 45.63
C PRO B 706 -48.15 22.59 44.64
N CYS B 707 -48.01 22.27 43.37
CA CYS B 707 -47.68 23.28 42.36
C CYS B 707 -48.87 24.17 42.03
N VAL B 708 -50.07 23.57 42.05
CA VAL B 708 -51.29 24.34 41.75
C VAL B 708 -51.51 25.39 42.84
N GLN B 709 -51.33 24.98 44.08
CA GLN B 709 -51.42 25.89 45.22
C GLN B 709 -50.47 27.06 45.02
N ARG B 710 -49.20 26.73 44.82
CA ARG B 710 -48.15 27.73 44.66
C ARG B 710 -48.46 28.65 43.48
N ALA B 711 -48.86 28.07 42.36
CA ALA B 711 -49.19 28.85 41.17
C ALA B 711 -50.34 29.81 41.44
N GLU B 712 -51.37 29.34 42.14
CA GLU B 712 -52.49 30.19 42.53
C GLU B 712 -51.97 31.44 43.20
N GLY B 713 -51.24 31.25 44.29
CA GLY B 713 -50.69 32.35 45.06
C GLY B 713 -49.96 33.35 44.19
N TYR B 714 -49.00 32.86 43.42
CA TYR B 714 -48.23 33.70 42.51
C TYR B 714 -49.16 34.54 41.63
N PHE B 715 -50.16 33.88 41.04
CA PHE B 715 -51.10 34.57 40.16
C PHE B 715 -51.91 35.62 40.90
N ARG B 716 -52.24 35.32 42.15
CA ARG B 716 -52.96 36.26 43.01
C ARG B 716 -52.15 37.53 43.28
N LYS B 717 -50.86 37.34 43.55
CA LYS B 717 -49.95 38.47 43.80
C LYS B 717 -49.72 39.29 42.54
N TRP B 718 -49.87 38.66 41.39
CA TRP B 718 -49.66 39.31 40.09
C TRP B 718 -50.95 39.94 39.57
N LYS B 719 -52.09 39.44 40.03
CA LYS B 719 -53.37 40.04 39.70
C LYS B 719 -53.53 41.37 40.44
N GLU B 720 -53.34 41.32 41.75
CA GLU B 720 -53.44 42.50 42.60
C GLU B 720 -52.22 43.40 42.43
N SER B 721 -51.47 43.17 41.35
CA SER B 721 -50.17 43.82 41.19
C SER B 721 -50.22 45.28 40.73
N ASN B 722 -50.90 45.59 39.63
CA ASN B 722 -51.57 44.61 38.78
C ASN B 722 -50.74 44.36 37.53
N GLY B 723 -50.29 43.13 37.34
CA GLY B 723 -49.39 42.81 36.25
C GLY B 723 -48.15 43.67 36.33
N ASN B 724 -47.93 44.27 37.50
CA ASN B 724 -46.82 45.18 37.72
C ASN B 724 -45.54 44.46 38.11
N LEU B 725 -45.62 43.64 39.16
CA LEU B 725 -44.44 42.88 39.61
C LEU B 725 -44.07 41.83 38.58
N SER B 726 -42.77 41.69 38.33
CA SER B 726 -42.27 40.74 37.34
C SER B 726 -42.53 39.30 37.75
N LEU B 727 -42.70 38.45 36.75
CA LEU B 727 -42.98 37.04 36.96
C LEU B 727 -42.06 36.22 36.07
N PRO B 728 -41.30 35.29 36.67
CA PRO B 728 -40.34 34.46 35.94
C PRO B 728 -40.96 33.77 34.73
N VAL B 729 -40.42 34.02 33.54
CA VAL B 729 -41.00 33.48 32.30
C VAL B 729 -41.09 31.95 32.32
N ASP B 730 -40.25 31.32 33.14
CA ASP B 730 -40.25 29.86 33.24
C ASP B 730 -41.50 29.35 33.95
N VAL B 731 -42.01 30.13 34.89
CA VAL B 731 -43.19 29.73 35.65
C VAL B 731 -44.50 30.36 35.16
N THR B 732 -44.40 31.46 34.41
CA THR B 732 -45.60 32.19 33.98
C THR B 732 -46.56 31.30 33.19
N LEU B 733 -46.01 30.46 32.32
CA LEU B 733 -46.85 29.59 31.51
C LEU B 733 -47.81 28.82 32.40
N ALA B 734 -47.29 28.27 33.49
CA ALA B 734 -48.08 27.54 34.46
C ALA B 734 -48.99 28.46 35.27
N VAL B 735 -48.40 29.55 35.78
CA VAL B 735 -49.15 30.52 36.59
C VAL B 735 -50.40 30.99 35.87
N PHE B 736 -50.22 31.50 34.65
CA PHE B 736 -51.34 31.95 33.84
C PHE B 736 -52.34 30.83 33.60
N ALA B 737 -51.83 29.64 33.31
CA ALA B 737 -52.68 28.47 33.05
C ALA B 737 -53.61 28.20 34.22
N VAL B 738 -53.08 28.31 35.43
CA VAL B 738 -53.87 28.08 36.65
C VAL B 738 -54.80 29.25 36.92
N GLY B 739 -54.30 30.46 36.69
CA GLY B 739 -55.07 31.67 36.93
C GLY B 739 -56.29 31.79 36.03
N ALA B 740 -56.14 31.38 34.78
CA ALA B 740 -57.21 31.47 33.79
C ALA B 740 -58.40 30.59 34.15
N GLN B 741 -58.24 29.75 35.17
CA GLN B 741 -59.31 28.85 35.58
C GLN B 741 -60.48 29.60 36.20
N SER B 742 -60.18 30.60 37.02
CA SER B 742 -61.22 31.44 37.61
C SER B 742 -61.80 32.39 36.57
N THR B 743 -63.12 32.53 36.57
CA THR B 743 -63.80 33.37 35.59
C THR B 743 -63.32 34.82 35.64
N GLU B 744 -62.89 35.27 36.81
CA GLU B 744 -62.38 36.62 36.98
C GLU B 744 -60.95 36.73 36.48
N GLY B 745 -60.11 35.76 36.87
CA GLY B 745 -58.73 35.72 36.43
C GLY B 745 -58.62 35.56 34.94
N TRP B 746 -59.50 34.75 34.38
CA TRP B 746 -59.55 34.56 32.93
C TRP B 746 -59.66 35.92 32.26
N ASP B 747 -60.66 36.69 32.70
CA ASP B 747 -60.92 38.01 32.13
C ASP B 747 -59.72 38.95 32.28
N PHE B 748 -59.16 38.97 33.49
CA PHE B 748 -57.98 39.78 33.77
C PHE B 748 -56.96 39.60 32.66
N LEU B 749 -56.56 38.35 32.43
CA LEU B 749 -55.55 38.02 31.43
C LEU B 749 -55.92 38.50 30.02
N TYR B 750 -57.21 38.48 29.71
CA TYR B 750 -57.65 38.89 28.38
C TYR B 750 -57.36 40.37 28.12
N SER B 751 -57.48 41.19 29.16
CA SER B 751 -57.17 42.62 29.03
C SER B 751 -55.67 42.83 28.93
N LYS B 752 -54.91 42.18 29.80
CA LYS B 752 -53.46 42.21 29.70
C LYS B 752 -53.06 41.70 28.33
N TYR B 753 -53.86 40.76 27.83
CA TYR B 753 -53.71 40.20 26.49
C TYR B 753 -53.78 41.31 25.45
N GLN B 754 -54.66 42.28 25.70
CA GLN B 754 -54.82 43.43 24.81
C GLN B 754 -53.47 44.09 24.57
N PHE B 755 -52.79 44.48 25.65
CA PHE B 755 -51.38 44.81 25.56
C PHE B 755 -50.73 43.56 25.02
N SER B 756 -50.20 43.63 23.80
CA SER B 756 -49.79 42.41 23.13
C SER B 756 -48.45 42.53 22.43
N LEU B 757 -48.49 43.28 21.33
CA LEU B 757 -47.42 43.25 20.34
C LEU B 757 -46.01 43.18 20.89
N SER B 758 -45.23 42.28 20.30
CA SER B 758 -43.80 42.25 20.51
C SER B 758 -43.41 41.60 21.83
N SER B 759 -44.31 40.79 22.39
CA SER B 759 -44.00 40.13 23.65
C SER B 759 -44.31 38.63 23.61
N THR B 760 -43.44 37.85 24.23
CA THR B 760 -43.66 36.41 24.38
C THR B 760 -44.80 36.16 25.36
N GLU B 761 -44.90 37.04 26.35
CA GLU B 761 -45.94 36.98 27.37
C GLU B 761 -47.34 36.77 26.77
N LYS B 762 -47.57 37.32 25.58
CA LYS B 762 -48.86 37.15 24.92
C LYS B 762 -49.11 35.70 24.57
N SER B 763 -48.11 35.06 23.95
CA SER B 763 -48.22 33.66 23.54
C SER B 763 -48.42 32.71 24.72
N GLN B 764 -48.02 33.14 25.91
CA GLN B 764 -48.23 32.35 27.13
C GLN B 764 -49.64 32.58 27.67
N ILE B 765 -50.14 33.80 27.47
CA ILE B 765 -51.51 34.12 27.83
C ILE B 765 -52.45 33.42 26.87
N GLU B 766 -52.19 33.61 25.59
CA GLU B 766 -52.93 32.94 24.52
C GLU B 766 -53.14 31.48 24.87
N PHE B 767 -52.09 30.84 25.38
CA PHE B 767 -52.18 29.46 25.83
C PHE B 767 -53.13 29.34 27.02
N ALA B 768 -52.84 30.10 28.08
CA ALA B 768 -53.62 30.02 29.31
C ALA B 768 -55.12 30.23 29.07
N LEU B 769 -55.44 31.10 28.13
CA LEU B 769 -56.84 31.42 27.85
C LEU B 769 -57.57 30.23 27.22
N CYS B 770 -56.90 29.55 26.29
CA CYS B 770 -57.50 28.41 25.62
C CYS B 770 -57.48 27.18 26.51
N ARG B 771 -56.99 27.32 27.73
CA ARG B 771 -56.80 26.17 28.63
C ARG B 771 -57.85 26.12 29.73
N THR B 772 -58.71 27.13 29.79
CA THR B 772 -59.77 27.17 30.78
C THR B 772 -60.75 26.01 30.57
N GLN B 773 -61.54 25.69 31.60
CA GLN B 773 -62.55 24.64 31.49
C GLN B 773 -63.93 25.23 31.18
N ASN B 774 -64.00 26.56 31.10
CA ASN B 774 -65.24 27.27 30.76
C ASN B 774 -65.57 27.18 29.27
N LYS B 775 -66.49 26.29 28.92
CA LYS B 775 -66.81 26.04 27.52
C LYS B 775 -67.32 27.27 26.77
N GLU B 776 -68.24 28.02 27.36
CA GLU B 776 -68.72 29.24 26.71
C GLU B 776 -67.61 30.25 26.60
N LYS B 777 -66.70 30.24 27.58
CA LYS B 777 -65.56 31.13 27.55
C LYS B 777 -64.58 30.67 26.47
N LEU B 778 -64.66 29.39 26.12
CA LEU B 778 -63.88 28.86 25.03
C LEU B 778 -64.58 29.13 23.70
N GLN B 779 -65.81 28.67 23.58
CA GLN B 779 -66.63 28.94 22.39
C GLN B 779 -66.56 30.41 22.05
N TRP B 780 -66.52 31.23 23.09
CA TRP B 780 -66.47 32.69 22.94
C TRP B 780 -65.18 33.10 22.23
N LEU B 781 -64.04 32.61 22.72
CA LEU B 781 -62.75 32.91 22.11
C LEU B 781 -62.75 32.55 20.63
N LEU B 782 -63.52 31.53 20.29
CA LEU B 782 -63.59 31.05 18.92
C LEU B 782 -64.23 32.07 17.99
N ASP B 783 -65.44 32.49 18.31
CA ASP B 783 -66.18 33.45 17.50
C ASP B 783 -65.40 34.75 17.35
N GLU B 784 -64.99 35.32 18.48
CA GLU B 784 -64.39 36.65 18.51
C GLU B 784 -63.07 36.74 17.75
N SER B 785 -62.36 35.62 17.66
CA SER B 785 -61.12 35.58 16.89
C SER B 785 -61.42 35.39 15.41
N PHE B 786 -62.70 35.14 15.12
CA PHE B 786 -63.19 35.05 13.75
C PHE B 786 -63.68 36.43 13.32
N LYS B 787 -64.06 37.25 14.29
CA LYS B 787 -64.53 38.61 14.04
C LYS B 787 -63.40 39.55 13.65
N GLY B 788 -63.75 40.71 13.10
CA GLY B 788 -62.77 41.69 12.70
C GLY B 788 -62.33 42.59 13.85
N ASP B 789 -63.29 42.96 14.70
CA ASP B 789 -63.05 43.90 15.79
C ASP B 789 -61.85 43.56 16.67
N LYS B 790 -61.89 42.38 17.29
CA LYS B 790 -60.95 42.03 18.36
C LYS B 790 -59.66 41.36 17.85
N ILE B 791 -59.80 40.47 16.88
CA ILE B 791 -58.65 39.83 16.24
C ILE B 791 -59.15 38.92 15.13
N LYS B 792 -58.36 38.78 14.06
CA LYS B 792 -58.87 38.16 12.84
C LYS B 792 -58.04 37.00 12.29
N THR B 793 -57.19 37.32 11.32
CA THR B 793 -56.48 36.33 10.53
C THR B 793 -55.15 35.95 11.16
N GLN B 794 -54.53 36.90 11.86
CA GLN B 794 -53.18 36.70 12.38
C GLN B 794 -53.08 35.67 13.50
N GLU B 795 -54.21 35.30 14.09
CA GLU B 795 -54.15 34.45 15.29
C GLU B 795 -55.12 33.26 15.36
N PHE B 796 -56.32 33.41 14.80
CA PHE B 796 -57.35 32.36 14.94
C PHE B 796 -56.86 30.92 14.71
N PRO B 797 -56.08 30.68 13.64
CA PRO B 797 -55.60 29.33 13.32
C PRO B 797 -54.95 28.63 14.51
N GLN B 798 -54.34 29.42 15.40
CA GLN B 798 -53.57 28.89 16.51
C GLN B 798 -54.43 28.69 17.76
N ILE B 799 -55.47 29.51 17.90
CA ILE B 799 -56.41 29.38 18.99
C ILE B 799 -57.22 28.11 18.82
N LEU B 800 -57.68 27.88 17.60
CA LEU B 800 -58.49 26.72 17.27
C LEU B 800 -57.83 25.42 17.72
N THR B 801 -56.55 25.27 17.38
CA THR B 801 -55.81 24.06 17.73
C THR B 801 -55.62 23.94 19.25
N LEU B 802 -55.20 25.03 19.89
CA LEU B 802 -55.03 25.06 21.34
C LEU B 802 -56.28 24.56 22.07
N ILE B 803 -57.44 25.01 21.62
CA ILE B 803 -58.71 24.60 22.19
C ILE B 803 -59.04 23.20 21.68
N GLY B 804 -58.55 22.89 20.50
CA GLY B 804 -58.67 21.55 19.96
C GLY B 804 -57.90 20.55 20.81
N ARG B 805 -57.01 21.07 21.65
CA ARG B 805 -56.21 20.23 22.52
C ARG B 805 -56.71 20.24 23.97
N ASN B 806 -57.60 21.18 24.29
CA ASN B 806 -58.25 21.17 25.59
C ASN B 806 -59.20 19.97 25.66
N PRO B 807 -59.07 19.14 26.70
CA PRO B 807 -59.90 17.94 26.87
C PRO B 807 -61.40 18.24 26.88
N VAL B 808 -61.78 19.50 27.05
CA VAL B 808 -63.18 19.88 27.13
C VAL B 808 -63.57 20.84 26.00
N GLY B 809 -62.57 21.24 25.21
CA GLY B 809 -62.80 22.17 24.12
C GLY B 809 -62.49 21.61 22.75
N TYR B 810 -62.05 20.35 22.71
CA TYR B 810 -61.79 19.70 21.43
C TYR B 810 -63.07 19.45 20.64
N PRO B 811 -64.20 19.25 21.34
CA PRO B 811 -65.47 19.07 20.62
C PRO B 811 -65.93 20.37 19.98
N LEU B 812 -65.69 21.48 20.66
CA LEU B 812 -66.12 22.78 20.18
C LEU B 812 -65.36 23.17 18.92
N ALA B 813 -64.03 23.03 18.96
CA ALA B 813 -63.19 23.37 17.81
C ALA B 813 -63.53 22.49 16.60
N TRP B 814 -64.10 21.31 16.89
CA TRP B 814 -64.50 20.38 15.84
C TRP B 814 -65.89 20.75 15.33
N GLN B 815 -66.83 20.95 16.24
CA GLN B 815 -68.17 21.39 15.88
C GLN B 815 -68.16 22.78 15.27
N PHE B 816 -66.99 23.41 15.23
CA PHE B 816 -66.85 24.77 14.72
C PHE B 816 -66.21 24.80 13.34
N LEU B 817 -65.24 23.90 13.12
CA LEU B 817 -64.63 23.76 11.81
C LEU B 817 -65.64 23.20 10.84
N ARG B 818 -66.63 22.48 11.37
CA ARG B 818 -67.73 21.95 10.58
C ARG B 818 -68.73 23.05 10.24
N LYS B 819 -69.34 23.64 11.26
CA LYS B 819 -70.28 24.75 11.08
C LYS B 819 -69.70 25.81 10.15
N ASN B 820 -68.75 26.58 10.67
CA ASN B 820 -68.20 27.73 9.97
C ASN B 820 -67.23 27.37 8.86
N TRP B 821 -67.26 26.12 8.41
CA TRP B 821 -66.37 25.64 7.36
C TRP B 821 -66.41 26.52 6.11
N ASN B 822 -67.62 26.69 5.58
CA ASN B 822 -67.84 27.46 4.35
C ASN B 822 -67.28 28.88 4.38
N LYS B 823 -67.64 29.63 5.41
CA LYS B 823 -67.14 30.99 5.57
C LYS B 823 -65.70 30.97 6.10
N LEU B 824 -65.26 29.79 6.50
CA LEU B 824 -63.92 29.60 7.07
C LEU B 824 -62.86 29.47 5.97
N VAL B 825 -63.08 28.51 5.07
CA VAL B 825 -62.19 28.32 3.93
C VAL B 825 -62.03 29.63 3.18
N GLN B 826 -62.99 30.53 3.38
CA GLN B 826 -62.97 31.85 2.78
C GLN B 826 -61.63 32.53 3.04
N LYS B 827 -60.91 32.05 4.05
CA LYS B 827 -59.56 32.52 4.34
C LYS B 827 -58.64 31.34 4.63
N SER B 832 -54.82 28.16 1.65
CA SER B 832 -55.13 26.73 1.74
C SER B 832 -53.89 25.88 2.02
N SER B 833 -52.76 26.53 2.29
CA SER B 833 -51.51 25.83 2.56
C SER B 833 -51.12 25.95 4.03
N SER B 834 -51.59 27.01 4.68
CA SER B 834 -51.29 27.24 6.09
C SER B 834 -52.49 26.94 6.98
N ILE B 835 -53.63 26.66 6.35
CA ILE B 835 -54.84 26.31 7.09
C ILE B 835 -54.89 24.80 7.36
N ALA B 836 -53.99 24.06 6.74
CA ALA B 836 -53.90 22.62 6.98
C ALA B 836 -53.61 22.36 8.46
N HIS B 837 -52.70 23.14 9.03
CA HIS B 837 -52.39 23.08 10.45
C HIS B 837 -53.66 23.04 11.31
N MET B 838 -54.69 23.74 10.86
CA MET B 838 -55.95 23.79 11.59
C MET B 838 -56.72 22.48 11.47
N VAL B 839 -56.61 21.85 10.30
CA VAL B 839 -57.31 20.58 10.06
C VAL B 839 -56.65 19.43 10.81
N MET B 840 -55.33 19.46 10.90
CA MET B 840 -54.61 18.48 11.70
C MET B 840 -54.90 18.73 13.18
N GLY B 841 -54.64 19.95 13.63
CA GLY B 841 -54.82 20.30 15.03
C GLY B 841 -56.21 20.04 15.60
N THR B 842 -57.15 19.67 14.73
CA THR B 842 -58.54 19.48 15.16
C THR B 842 -59.00 18.02 15.11
N THR B 843 -58.26 17.18 14.40
CA THR B 843 -58.62 15.77 14.27
C THR B 843 -57.42 14.86 14.50
N ASN B 844 -56.23 15.45 14.48
CA ASN B 844 -54.98 14.73 14.62
C ASN B 844 -55.01 13.64 15.69
N GLN B 845 -55.85 13.84 16.70
CA GLN B 845 -55.80 13.00 17.90
C GLN B 845 -57.08 12.23 18.19
N PHE B 846 -57.75 11.75 17.16
CA PHE B 846 -58.89 10.86 17.35
C PHE B 846 -58.45 9.41 17.20
N SER B 847 -59.13 8.52 17.92
CA SER B 847 -58.68 7.13 18.03
C SER B 847 -59.82 6.15 17.82
N THR B 848 -61.02 6.69 17.65
CA THR B 848 -62.21 5.85 17.55
C THR B 848 -62.57 5.57 16.09
N ARG B 849 -63.19 4.42 15.85
CA ARG B 849 -63.61 4.04 14.51
C ARG B 849 -64.79 4.89 14.06
N THR B 850 -65.68 5.19 15.01
CA THR B 850 -66.84 6.04 14.75
C THR B 850 -66.40 7.46 14.48
N ARG B 851 -65.36 7.90 15.17
CA ARG B 851 -64.80 9.24 14.98
C ARG B 851 -64.32 9.44 13.55
N LEU B 852 -64.08 8.33 12.86
CA LEU B 852 -63.66 8.37 11.45
C LEU B 852 -64.85 8.60 10.55
N GLU B 853 -65.95 7.92 10.84
CA GLU B 853 -67.17 8.04 10.09
C GLU B 853 -67.53 9.51 9.90
N GLU B 854 -67.13 10.33 10.88
CA GLU B 854 -67.36 11.77 10.80
C GLU B 854 -66.43 12.42 9.78
N VAL B 855 -65.13 12.33 10.03
CA VAL B 855 -64.12 12.93 9.15
C VAL B 855 -64.38 12.57 7.69
N LYS B 856 -64.99 11.40 7.48
CA LYS B 856 -65.36 10.96 6.14
C LYS B 856 -66.51 11.81 5.58
N CYS B 871 -54.86 17.77 0.41
CA CYS B 871 -53.90 18.47 1.27
C CYS B 871 -53.79 17.80 2.62
N VAL B 872 -54.86 17.86 3.40
CA VAL B 872 -54.92 17.22 4.70
C VAL B 872 -55.15 15.71 4.54
N GLN B 873 -54.49 15.13 3.55
CA GLN B 873 -54.59 13.70 3.31
C GLN B 873 -53.86 12.93 4.41
N GLN B 874 -52.82 13.55 4.96
CA GLN B 874 -52.04 12.94 6.02
C GLN B 874 -52.88 12.71 7.28
N THR B 875 -53.71 13.69 7.61
CA THR B 875 -54.56 13.61 8.80
C THR B 875 -55.43 12.38 8.78
N ILE B 876 -55.74 11.89 7.58
CA ILE B 876 -56.58 10.70 7.42
C ILE B 876 -55.82 9.45 7.85
N GLU B 877 -54.55 9.37 7.47
CA GLU B 877 -53.67 8.29 7.88
C GLU B 877 -53.49 8.25 9.39
N THR B 878 -52.98 9.35 9.94
CA THR B 878 -52.60 9.42 11.34
C THR B 878 -53.74 9.05 12.30
N ILE B 879 -54.99 9.22 11.87
CA ILE B 879 -56.10 8.77 12.70
C ILE B 879 -56.26 7.26 12.57
N GLU B 880 -56.05 6.76 11.36
CA GLU B 880 -55.99 5.33 11.11
C GLU B 880 -55.02 4.69 12.10
N GLU B 881 -53.82 5.29 12.19
CA GLU B 881 -52.77 4.77 13.06
C GLU B 881 -53.20 4.82 14.53
N ASN B 882 -53.74 5.96 14.95
CA ASN B 882 -54.21 6.15 16.31
C ASN B 882 -55.13 5.01 16.75
N ILE B 883 -56.03 4.61 15.87
CA ILE B 883 -56.95 3.52 16.15
C ILE B 883 -56.20 2.21 16.36
N GLY B 884 -55.37 1.85 15.39
CA GLY B 884 -54.58 0.63 15.48
C GLY B 884 -53.85 0.55 16.81
N TRP B 885 -53.09 1.58 17.11
CA TRP B 885 -52.36 1.66 18.36
C TRP B 885 -53.31 1.46 19.54
N MET B 886 -54.48 2.08 19.44
CA MET B 886 -55.50 1.97 20.50
C MET B 886 -56.10 0.57 20.60
N ASP B 887 -56.47 -0.01 19.47
CA ASP B 887 -57.10 -1.33 19.44
C ASP B 887 -56.18 -2.39 20.00
N LYS B 888 -54.92 -2.04 20.19
CA LYS B 888 -53.90 -3.01 20.58
C LYS B 888 -53.34 -2.72 21.98
N ASN B 889 -53.21 -1.45 22.30
CA ASN B 889 -52.47 -1.04 23.49
C ASN B 889 -53.32 -0.55 24.65
N PHE B 890 -54.53 -0.10 24.35
CA PHE B 890 -55.40 0.38 25.41
C PHE B 890 -55.60 -0.70 26.47
N ASP B 891 -56.10 -1.86 26.05
CA ASP B 891 -56.33 -2.96 26.98
C ASP B 891 -55.08 -3.26 27.80
N LYS B 892 -53.94 -3.30 27.13
CA LYS B 892 -52.66 -3.59 27.77
C LYS B 892 -52.34 -2.55 28.85
N ILE B 893 -52.51 -1.28 28.50
CA ILE B 893 -52.25 -0.17 29.41
C ILE B 893 -53.17 -0.21 30.61
N ARG B 894 -54.47 -0.39 30.36
CA ARG B 894 -55.46 -0.47 31.41
C ARG B 894 -55.00 -1.45 32.49
N VAL B 895 -54.61 -2.64 32.08
CA VAL B 895 -54.19 -3.68 33.02
C VAL B 895 -52.86 -3.29 33.68
N TRP B 896 -51.95 -2.74 32.89
CA TRP B 896 -50.65 -2.34 33.40
C TRP B 896 -50.78 -1.37 34.57
N LEU B 897 -51.73 -0.44 34.46
CA LEU B 897 -51.95 0.57 35.48
C LEU B 897 -52.52 -0.01 36.78
N GLN B 898 -52.68 -1.32 36.81
CA GLN B 898 -53.18 -2.01 38.01
C GLN B 898 -52.35 -3.26 38.28
N PRO C 10 -40.92 -38.05 -2.82
CA PRO C 10 -40.15 -37.37 -3.87
C PRO C 10 -39.18 -36.35 -3.27
N PHE C 11 -38.01 -36.81 -2.83
CA PHE C 11 -37.08 -35.95 -2.11
C PHE C 11 -36.68 -34.69 -2.89
N PRO C 12 -36.85 -33.52 -2.26
CA PRO C 12 -36.66 -32.19 -2.84
C PRO C 12 -35.22 -31.72 -2.86
N TRP C 13 -34.26 -32.64 -2.93
CA TRP C 13 -32.86 -32.25 -2.95
C TRP C 13 -31.96 -33.41 -3.38
N ASN C 14 -31.10 -33.15 -4.36
CA ASN C 14 -30.28 -34.19 -4.97
C ASN C 14 -28.77 -33.98 -4.90
N LYS C 15 -28.31 -33.32 -3.84
CA LYS C 15 -26.89 -33.06 -3.70
C LYS C 15 -26.41 -33.49 -2.33
N ILE C 16 -25.17 -33.95 -2.26
CA ILE C 16 -24.55 -34.32 -0.99
C ILE C 16 -24.35 -33.07 -0.14
N ARG C 17 -24.04 -31.95 -0.78
CA ARG C 17 -23.87 -30.69 -0.09
C ARG C 17 -25.24 -30.08 0.22
N LEU C 18 -25.39 -29.55 1.43
CA LEU C 18 -26.64 -28.95 1.84
C LEU C 18 -26.89 -27.67 1.05
N PRO C 19 -28.16 -27.28 0.91
CA PRO C 19 -28.49 -26.01 0.27
C PRO C 19 -27.94 -24.86 1.11
N GLU C 20 -27.49 -23.80 0.46
CA GLU C 20 -26.77 -22.72 1.12
C GLU C 20 -27.66 -21.56 1.55
N TYR C 21 -28.95 -21.65 1.28
CA TYR C 21 -29.85 -20.54 1.54
C TYR C 21 -30.67 -20.69 2.82
N VAL C 22 -30.44 -21.76 3.56
CA VAL C 22 -31.00 -21.87 4.91
C VAL C 22 -29.89 -22.10 5.93
N ILE C 23 -29.74 -21.15 6.84
CA ILE C 23 -28.57 -21.09 7.71
C ILE C 23 -28.95 -21.18 9.19
N PRO C 24 -28.27 -22.07 9.93
CA PRO C 24 -28.38 -22.21 11.38
C PRO C 24 -27.65 -21.08 12.11
N VAL C 25 -28.03 -20.88 13.37
CA VAL C 25 -27.54 -19.76 14.15
C VAL C 25 -27.26 -20.24 15.56
N HIS C 26 -28.17 -21.05 16.07
CA HIS C 26 -28.03 -21.61 17.41
C HIS C 26 -28.84 -22.90 17.55
N TYR C 27 -28.18 -23.93 18.05
CA TYR C 27 -28.86 -25.20 18.36
C TYR C 27 -29.10 -25.33 19.85
N ASP C 28 -30.32 -25.67 20.22
CA ASP C 28 -30.58 -26.08 21.59
C ASP C 28 -30.77 -27.59 21.63
N LEU C 29 -29.80 -28.28 22.19
CA LEU C 29 -29.81 -29.74 22.21
C LEU C 29 -30.18 -30.32 23.57
N LEU C 30 -31.14 -31.24 23.58
CA LEU C 30 -31.44 -32.03 24.75
C LEU C 30 -31.26 -33.50 24.40
N ILE C 31 -30.38 -34.18 25.12
CA ILE C 31 -30.18 -35.59 24.89
C ILE C 31 -30.38 -36.35 26.19
N HIS C 32 -31.30 -37.30 26.16
CA HIS C 32 -31.54 -38.19 27.28
C HIS C 32 -31.13 -39.60 26.86
N ALA C 33 -30.05 -40.10 27.44
CA ALA C 33 -29.56 -41.42 27.07
C ALA C 33 -29.66 -42.40 28.25
N ASN C 34 -30.15 -43.60 27.98
CA ASN C 34 -30.18 -44.66 28.97
C ASN C 34 -29.08 -45.68 28.67
N LEU C 35 -28.08 -45.73 29.54
CA LEU C 35 -26.90 -46.57 29.29
C LEU C 35 -27.17 -48.02 29.64
N THR C 36 -28.39 -48.30 30.08
CA THR C 36 -28.79 -49.65 30.41
C THR C 36 -29.46 -50.30 29.19
N THR C 37 -30.51 -49.67 28.69
CA THR C 37 -31.22 -50.15 27.51
C THR C 37 -30.48 -49.81 26.22
N LEU C 38 -29.56 -48.85 26.32
CA LEU C 38 -28.73 -48.42 25.20
C LEU C 38 -29.53 -47.69 24.12
N THR C 39 -30.40 -46.78 24.54
CA THR C 39 -31.20 -45.98 23.62
C THR C 39 -31.28 -44.55 24.13
N PHE C 40 -31.47 -43.59 23.22
CA PHE C 40 -31.59 -42.20 23.63
C PHE C 40 -32.71 -41.45 22.91
N TRP C 41 -33.22 -40.42 23.57
CA TRP C 41 -34.26 -39.57 23.00
C TRP C 41 -33.73 -38.14 22.94
N GLY C 42 -34.18 -37.38 21.95
CA GLY C 42 -33.68 -36.03 21.78
C GLY C 42 -34.73 -35.00 21.41
N THR C 43 -34.52 -33.78 21.90
CA THR C 43 -35.34 -32.64 21.50
C THR C 43 -34.41 -31.49 21.12
N THR C 44 -34.01 -31.43 19.86
CA THR C 44 -33.18 -30.35 19.39
C THR C 44 -33.98 -29.26 18.70
N LYS C 45 -33.78 -28.03 19.14
CA LYS C 45 -34.38 -26.86 18.51
C LYS C 45 -33.29 -26.07 17.81
N VAL C 46 -33.50 -25.77 16.54
CA VAL C 46 -32.54 -24.96 15.79
C VAL C 46 -33.14 -23.62 15.39
N GLU C 47 -32.42 -22.55 15.70
CA GLU C 47 -32.78 -21.24 15.19
C GLU C 47 -32.18 -21.07 13.81
N ILE C 48 -33.02 -20.71 12.84
CA ILE C 48 -32.56 -20.61 11.47
C ILE C 48 -33.03 -19.31 10.81
N THR C 49 -32.37 -18.97 9.70
CA THR C 49 -32.72 -17.82 8.88
C THR C 49 -32.61 -18.22 7.42
N ALA C 50 -33.54 -17.75 6.60
CA ALA C 50 -33.50 -18.07 5.18
C ALA C 50 -33.14 -16.85 4.34
N SER C 51 -32.16 -17.02 3.46
CA SER C 51 -31.70 -15.93 2.60
C SER C 51 -32.53 -15.83 1.32
N GLN C 52 -33.22 -16.92 0.98
CA GLN C 52 -34.17 -16.93 -0.12
C GLN C 52 -35.46 -17.53 0.39
N PRO C 53 -36.60 -17.04 -0.13
CA PRO C 53 -37.90 -17.64 0.20
C PRO C 53 -37.89 -19.12 -0.16
N THR C 54 -38.40 -19.97 0.72
CA THR C 54 -38.46 -21.43 0.48
C THR C 54 -39.36 -22.06 1.54
N SER C 55 -39.93 -23.21 1.21
CA SER C 55 -40.78 -23.91 2.16
C SER C 55 -40.25 -25.31 2.49
N THR C 56 -39.02 -25.59 2.05
CA THR C 56 -38.38 -26.86 2.34
C THR C 56 -37.05 -26.63 3.04
N ILE C 57 -36.84 -27.31 4.16
CA ILE C 57 -35.57 -27.22 4.88
C ILE C 57 -34.85 -28.57 4.89
N ILE C 58 -33.78 -28.66 4.10
CA ILE C 58 -32.97 -29.87 4.07
C ILE C 58 -31.87 -29.80 5.14
N LEU C 59 -31.77 -30.86 5.94
CA LEU C 59 -30.65 -31.00 6.87
C LEU C 59 -30.20 -32.46 7.05
N HIS C 60 -29.23 -32.68 7.94
CA HIS C 60 -28.67 -34.01 8.11
C HIS C 60 -29.29 -34.78 9.29
N SER C 61 -29.52 -36.08 9.07
CA SER C 61 -29.89 -37.03 10.12
C SER C 61 -29.56 -38.44 9.68
N HIS C 62 -29.04 -39.25 10.59
CA HIS C 62 -28.63 -40.62 10.24
C HIS C 62 -28.95 -41.62 11.35
N HIS C 63 -29.84 -42.56 11.04
CA HIS C 63 -30.29 -43.57 12.01
C HIS C 63 -31.05 -42.95 13.18
N LEU C 64 -31.85 -41.92 12.89
CA LEU C 64 -32.65 -41.27 13.91
C LEU C 64 -34.13 -41.35 13.56
N GLN C 65 -34.93 -41.90 14.46
CA GLN C 65 -36.37 -41.99 14.25
C GLN C 65 -37.04 -40.70 14.66
N ILE C 66 -37.49 -39.93 13.67
CA ILE C 66 -38.11 -38.62 13.92
C ILE C 66 -39.54 -38.76 14.42
N SER C 67 -39.72 -38.55 15.71
CA SER C 67 -41.03 -38.59 16.34
C SER C 67 -41.90 -37.45 15.86
N ARG C 68 -41.34 -36.24 15.86
CA ARG C 68 -42.13 -35.04 15.68
C ARG C 68 -41.26 -33.86 15.20
N ALA C 69 -41.83 -32.95 14.43
CA ALA C 69 -41.10 -31.81 13.90
C ALA C 69 -42.01 -30.63 13.57
N THR C 70 -41.79 -29.50 14.24
CA THR C 70 -42.62 -28.31 14.03
C THR C 70 -41.80 -27.05 13.80
N LEU C 71 -42.44 -26.03 13.23
CA LEU C 71 -41.79 -24.77 12.92
C LEU C 71 -42.38 -23.63 13.75
N ARG C 72 -41.54 -22.96 14.53
CA ARG C 72 -41.99 -21.87 15.40
C ARG C 72 -41.53 -20.51 14.90
N LYS C 73 -42.29 -19.47 15.24
CA LYS C 73 -41.92 -18.10 14.88
C LYS C 73 -42.54 -17.08 15.83
N GLY C 74 -41.70 -16.48 16.68
CA GLY C 74 -42.16 -15.50 17.64
C GLY C 74 -41.46 -15.61 18.98
N GLU C 77 -48.02 -11.19 23.24
CA GLU C 77 -46.98 -11.81 22.42
C GLU C 77 -47.59 -12.63 21.30
N ARG C 78 -46.76 -13.41 20.62
CA ARG C 78 -47.24 -14.16 19.49
C ARG C 78 -46.34 -15.29 19.03
N LEU C 79 -46.88 -16.48 19.11
CA LEU C 79 -46.09 -17.65 18.93
C LEU C 79 -46.97 -18.64 18.24
N SER C 80 -46.54 -19.08 17.07
CA SER C 80 -47.35 -20.01 16.30
C SER C 80 -46.51 -21.18 15.80
N GLU C 81 -46.71 -22.33 16.44
CA GLU C 81 -46.11 -23.56 15.96
C GLU C 81 -46.95 -24.11 14.84
N GLU C 82 -46.31 -24.84 13.93
CA GLU C 82 -47.02 -25.49 12.85
C GLU C 82 -46.23 -26.71 12.39
N PRO C 83 -46.94 -27.82 12.12
CA PRO C 83 -46.34 -29.12 11.81
C PRO C 83 -45.61 -29.12 10.48
N LEU C 84 -44.51 -29.86 10.42
CA LEU C 84 -43.73 -30.00 9.20
C LEU C 84 -43.80 -31.42 8.69
N GLN C 85 -44.09 -31.59 7.41
CA GLN C 85 -43.99 -32.88 6.77
C GLN C 85 -42.53 -33.31 6.86
N VAL C 86 -42.28 -34.59 7.09
CA VAL C 86 -40.91 -35.07 7.15
C VAL C 86 -40.65 -36.16 6.12
N LEU C 87 -39.59 -35.98 5.34
CA LEU C 87 -39.20 -36.95 4.33
C LEU C 87 -37.75 -37.31 4.56
N GLU C 88 -37.42 -38.58 4.44
CA GLU C 88 -36.04 -38.99 4.61
C GLU C 88 -35.37 -39.43 3.31
N HIS C 89 -34.06 -39.21 3.21
CA HIS C 89 -33.27 -39.72 2.11
C HIS C 89 -31.99 -40.30 2.70
N PRO C 90 -32.09 -41.55 3.20
CA PRO C 90 -31.02 -42.27 3.91
C PRO C 90 -29.71 -42.33 3.12
N ARG C 91 -29.81 -42.48 1.80
CA ARG C 91 -28.62 -42.49 0.94
C ARG C 91 -27.81 -41.22 1.15
N GLN C 92 -28.48 -40.08 1.13
CA GLN C 92 -27.82 -38.80 1.28
C GLN C 92 -27.67 -38.42 2.74
N GLU C 93 -28.25 -39.23 3.63
CA GLU C 93 -28.20 -38.96 5.05
C GLU C 93 -28.86 -37.63 5.37
N GLN C 94 -29.93 -37.31 4.66
CA GLN C 94 -30.61 -36.02 4.79
C GLN C 94 -32.10 -36.16 5.07
N ILE C 95 -32.68 -35.14 5.71
CA ILE C 95 -34.13 -35.08 5.87
C ILE C 95 -34.66 -33.85 5.15
N ALA C 96 -35.96 -33.85 4.88
CA ALA C 96 -36.63 -32.68 4.30
C ALA C 96 -37.84 -32.30 5.15
N LEU C 97 -37.80 -31.10 5.71
CA LEU C 97 -38.92 -30.57 6.48
C LEU C 97 -39.77 -29.67 5.59
N LEU C 98 -41.01 -30.06 5.34
CA LEU C 98 -41.89 -29.27 4.49
C LEU C 98 -42.82 -28.40 5.31
N ALA C 99 -42.84 -27.10 5.00
CA ALA C 99 -43.68 -26.14 5.69
C ALA C 99 -44.91 -25.81 4.85
N PRO C 100 -46.04 -25.54 5.52
CA PRO C 100 -47.28 -25.11 4.86
C PRO C 100 -47.06 -23.86 4.01
N GLU C 101 -46.40 -22.86 4.59
CA GLU C 101 -46.13 -21.61 3.90
C GLU C 101 -44.63 -21.42 3.74
N PRO C 102 -44.23 -20.61 2.75
CA PRO C 102 -42.81 -20.26 2.58
C PRO C 102 -42.26 -19.52 3.80
N LEU C 103 -40.94 -19.55 3.97
CA LEU C 103 -40.28 -18.85 5.06
C LEU C 103 -40.01 -17.40 4.65
N LEU C 104 -40.22 -16.47 5.57
CA LEU C 104 -39.95 -15.06 5.29
C LEU C 104 -38.47 -14.75 5.41
N VAL C 105 -37.92 -14.18 4.35
CA VAL C 105 -36.49 -13.92 4.29
C VAL C 105 -36.02 -12.98 5.39
N GLY C 106 -34.95 -13.38 6.08
CA GLY C 106 -34.35 -12.54 7.10
C GLY C 106 -35.09 -12.60 8.42
N LEU C 107 -36.18 -13.35 8.45
CA LEU C 107 -36.97 -13.52 9.66
C LEU C 107 -36.54 -14.82 10.36
N PRO C 108 -36.25 -14.74 11.67
CA PRO C 108 -35.74 -15.87 12.45
C PRO C 108 -36.82 -16.87 12.77
N TYR C 109 -36.62 -18.12 12.37
CA TYR C 109 -37.53 -19.20 12.77
C TYR C 109 -36.85 -20.15 13.74
N THR C 110 -37.61 -21.11 14.24
CA THR C 110 -37.08 -22.15 15.09
C THR C 110 -37.68 -23.48 14.67
N VAL C 111 -36.82 -24.45 14.39
CA VAL C 111 -37.30 -25.80 14.10
C VAL C 111 -37.10 -26.66 15.33
N VAL C 112 -38.17 -27.30 15.77
CA VAL C 112 -38.10 -28.22 16.90
C VAL C 112 -38.28 -29.64 16.39
N ILE C 113 -37.33 -30.52 16.72
CA ILE C 113 -37.40 -31.90 16.27
C ILE C 113 -37.27 -32.88 17.42
N HIS C 114 -38.20 -33.83 17.48
CA HIS C 114 -38.15 -34.89 18.48
C HIS C 114 -37.77 -36.19 17.79
N TYR C 115 -36.81 -36.91 18.37
CA TYR C 115 -36.26 -38.09 17.72
C TYR C 115 -35.78 -39.10 18.75
N ALA C 116 -35.59 -40.33 18.30
CA ALA C 116 -35.01 -41.37 19.12
C ALA C 116 -34.00 -42.17 18.33
N GLY C 117 -33.15 -42.91 19.04
CA GLY C 117 -32.16 -43.75 18.40
C GLY C 117 -31.43 -44.63 19.41
N ASN C 118 -30.78 -45.67 18.91
CA ASN C 118 -29.96 -46.53 19.74
C ASN C 118 -28.51 -46.06 19.72
N LEU C 119 -27.85 -46.12 20.87
CA LEU C 119 -26.44 -45.79 20.95
C LEU C 119 -25.67 -46.61 19.93
N SER C 120 -24.72 -45.98 19.28
CA SER C 120 -23.91 -46.68 18.30
C SER C 120 -23.18 -47.83 18.98
N GLU C 121 -22.95 -48.90 18.23
CA GLU C 121 -22.13 -49.99 18.71
C GLU C 121 -20.89 -50.07 17.83
N THR C 122 -20.61 -48.99 17.13
CA THR C 122 -19.57 -48.97 16.11
C THR C 122 -18.49 -47.90 16.35
N PHE C 123 -18.48 -47.34 17.55
CA PHE C 123 -17.43 -46.41 17.95
C PHE C 123 -17.36 -45.14 17.14
N HIS C 124 -18.50 -44.75 16.58
CA HIS C 124 -18.63 -43.50 15.86
C HIS C 124 -20.01 -42.93 16.17
N GLY C 125 -20.13 -41.61 16.19
CA GLY C 125 -21.37 -40.98 16.57
C GLY C 125 -21.54 -40.98 18.08
N PHE C 126 -22.78 -41.14 18.55
CA PHE C 126 -23.05 -41.26 19.98
C PHE C 126 -22.98 -42.74 20.35
N TYR C 127 -21.80 -43.21 20.73
CA TYR C 127 -21.59 -44.65 20.83
C TYR C 127 -21.45 -45.20 22.25
N LYS C 128 -21.67 -46.50 22.39
CA LYS C 128 -21.49 -47.19 23.65
C LYS C 128 -20.07 -47.71 23.78
N SER C 129 -19.54 -47.65 24.99
CA SER C 129 -18.18 -48.09 25.28
C SER C 129 -18.16 -48.74 26.67
N THR C 130 -17.36 -49.79 26.84
CA THR C 130 -17.37 -50.54 28.10
C THR C 130 -15.97 -50.75 28.68
N TYR C 131 -15.93 -50.91 30.00
CA TYR C 131 -14.68 -51.24 30.68
C TYR C 131 -14.98 -52.06 31.93
N ARG C 132 -13.99 -52.77 32.44
CA ARG C 132 -14.15 -53.51 33.69
C ARG C 132 -13.25 -52.95 34.78
N THR C 133 -13.81 -52.84 35.99
CA THR C 133 -13.04 -52.42 37.14
C THR C 133 -12.04 -53.50 37.52
N LYS C 134 -11.22 -53.26 38.53
CA LYS C 134 -10.29 -54.28 38.99
C LYS C 134 -11.06 -55.41 39.67
N GLU C 135 -12.22 -55.07 40.22
CA GLU C 135 -13.12 -56.07 40.79
C GLU C 135 -13.78 -56.92 39.70
N GLY C 136 -13.48 -56.61 38.45
CA GLY C 136 -13.96 -57.41 37.33
C GLY C 136 -15.41 -57.15 36.94
N GLU C 137 -15.95 -56.04 37.40
CA GLU C 137 -17.32 -55.70 37.04
C GLU C 137 -17.40 -54.76 35.84
N LEU C 138 -18.35 -55.03 34.96
CA LEU C 138 -18.50 -54.33 33.68
C LEU C 138 -19.22 -53.00 33.83
N ARG C 139 -18.73 -51.98 33.12
CA ARG C 139 -19.32 -50.64 33.19
C ARG C 139 -19.48 -50.00 31.82
N ILE C 140 -20.56 -49.25 31.67
CA ILE C 140 -20.89 -48.61 30.40
C ILE C 140 -20.67 -47.11 30.45
N LEU C 141 -20.24 -46.55 29.32
CA LEU C 141 -20.18 -45.11 29.15
C LEU C 141 -20.67 -44.77 27.75
N ALA C 142 -21.24 -43.58 27.59
CA ALA C 142 -21.62 -43.11 26.26
C ALA C 142 -20.78 -41.89 25.89
N SER C 143 -20.23 -41.92 24.68
CA SER C 143 -19.28 -40.92 24.24
C SER C 143 -19.56 -40.52 22.80
N THR C 144 -18.96 -39.40 22.38
CA THR C 144 -19.17 -38.88 21.03
C THR C 144 -17.90 -38.91 20.19
N GLN C 145 -18.09 -39.10 18.89
CA GLN C 145 -17.03 -39.00 17.90
C GLN C 145 -17.69 -38.61 16.60
N PHE C 146 -17.58 -37.33 16.25
CA PHE C 146 -18.36 -36.80 15.13
C PHE C 146 -17.57 -36.64 13.84
N GLU C 147 -16.29 -36.33 13.94
CA GLU C 147 -15.51 -36.09 12.73
C GLU C 147 -15.46 -37.34 11.88
N PRO C 148 -15.85 -37.22 10.61
CA PRO C 148 -16.24 -35.97 9.96
C PRO C 148 -17.74 -35.71 10.01
N THR C 149 -18.52 -36.78 9.92
CA THR C 149 -19.91 -36.70 9.50
C THR C 149 -20.86 -37.46 10.44
N ALA C 150 -20.55 -37.46 11.73
CA ALA C 150 -21.27 -38.30 12.67
C ALA C 150 -22.19 -37.52 13.61
N ALA C 151 -22.10 -36.20 13.59
CA ALA C 151 -22.97 -35.40 14.43
C ALA C 151 -24.42 -35.77 14.12
N ARG C 152 -24.68 -36.04 12.84
CA ARG C 152 -26.02 -36.30 12.35
C ARG C 152 -26.60 -37.61 12.89
N MET C 153 -25.79 -38.34 13.65
CA MET C 153 -26.21 -39.61 14.24
C MET C 153 -26.68 -39.41 15.68
N ALA C 154 -26.42 -38.23 16.23
CA ALA C 154 -26.77 -37.93 17.62
C ALA C 154 -27.88 -36.89 17.67
N PHE C 155 -27.98 -36.11 16.62
CA PHE C 155 -29.04 -35.10 16.52
C PHE C 155 -29.07 -34.51 15.12
N PRO C 156 -30.27 -34.11 14.67
CA PRO C 156 -30.43 -33.46 13.37
C PRO C 156 -29.67 -32.15 13.38
N CYS C 157 -29.03 -31.82 12.26
CA CYS C 157 -28.25 -30.59 12.19
C CYS C 157 -27.74 -30.36 10.78
N PHE C 158 -27.36 -29.12 10.50
CA PHE C 158 -26.71 -28.81 9.25
C PHE C 158 -25.25 -29.19 9.41
N ASP C 159 -24.94 -30.42 9.01
CA ASP C 159 -23.69 -31.07 9.37
C ASP C 159 -22.59 -30.81 8.33
N GLU C 160 -22.33 -29.54 8.09
CA GLU C 160 -21.17 -29.13 7.31
C GLU C 160 -20.35 -28.13 8.12
N PRO C 161 -19.02 -28.17 7.97
CA PRO C 161 -18.14 -27.43 8.87
C PRO C 161 -18.34 -25.92 8.76
N ALA C 162 -18.84 -25.48 7.62
CA ALA C 162 -19.04 -24.05 7.38
C ALA C 162 -20.25 -23.46 8.13
N PHE C 163 -21.22 -24.31 8.45
CA PHE C 163 -22.40 -23.89 9.18
C PHE C 163 -22.13 -23.83 10.69
N LYS C 164 -21.25 -22.93 11.11
CA LYS C 164 -20.96 -22.79 12.54
C LYS C 164 -22.16 -22.22 13.28
N ALA C 165 -22.28 -22.59 14.55
CA ALA C 165 -23.37 -22.09 15.40
C ALA C 165 -23.02 -22.22 16.88
N SER C 166 -23.84 -21.64 17.74
CA SER C 166 -23.68 -21.82 19.17
C SER C 166 -24.50 -23.02 19.61
N PHE C 167 -24.16 -23.59 20.76
CA PHE C 167 -24.83 -24.79 21.23
C PHE C 167 -25.15 -24.71 22.71
N SER C 168 -26.43 -24.81 23.04
CA SER C 168 -26.85 -24.99 24.43
C SER C 168 -27.21 -26.45 24.64
N ILE C 169 -26.28 -27.18 25.24
CA ILE C 169 -26.44 -28.61 25.42
C ILE C 169 -26.94 -28.99 26.80
N LYS C 170 -27.96 -29.85 26.83
CA LYS C 170 -28.48 -30.38 28.08
C LYS C 170 -28.46 -31.90 28.07
N ILE C 171 -27.86 -32.50 29.09
CA ILE C 171 -27.78 -33.95 29.18
C ILE C 171 -28.59 -34.45 30.37
N ARG C 172 -29.44 -35.44 30.13
CA ARG C 172 -30.13 -36.10 31.23
C ARG C 172 -29.44 -37.42 31.56
N ARG C 173 -29.17 -37.62 32.84
CA ARG C 173 -28.33 -38.72 33.30
C ARG C 173 -28.79 -39.28 34.64
N GLU C 174 -28.34 -40.49 34.95
CA GLU C 174 -28.55 -41.08 36.28
C GLU C 174 -27.55 -40.46 37.24
N PRO C 175 -27.85 -40.49 38.55
CA PRO C 175 -26.99 -39.91 39.58
C PRO C 175 -25.66 -40.66 39.77
N ARG C 176 -25.53 -41.85 39.21
CA ARG C 176 -24.29 -42.61 39.31
C ARG C 176 -23.31 -42.20 38.22
N HIS C 177 -23.79 -41.35 37.32
CA HIS C 177 -22.97 -40.87 36.22
C HIS C 177 -22.63 -39.40 36.37
N LEU C 178 -21.84 -38.89 35.44
CA LEU C 178 -21.62 -37.45 35.32
C LEU C 178 -21.48 -37.11 33.84
N ALA C 179 -21.96 -35.94 33.47
CA ALA C 179 -21.85 -35.51 32.09
C ALA C 179 -20.82 -34.41 31.96
N ILE C 180 -20.07 -34.44 30.88
CA ILE C 180 -19.17 -33.35 30.54
C ILE C 180 -19.34 -33.07 29.07
N SER C 181 -19.05 -31.83 28.65
CA SER C 181 -19.22 -31.45 27.26
C SER C 181 -18.16 -30.42 26.86
N ASN C 182 -18.38 -29.73 25.75
CA ASN C 182 -17.44 -28.72 25.32
C ASN C 182 -17.31 -27.60 26.34
N MET C 183 -18.43 -27.22 26.92
CA MET C 183 -18.45 -26.11 27.86
C MET C 183 -18.66 -26.54 29.31
N PRO C 184 -18.29 -25.68 30.26
CA PRO C 184 -18.43 -25.93 31.70
C PRO C 184 -19.88 -26.19 32.11
N LEU C 185 -20.07 -26.92 33.20
CA LEU C 185 -21.41 -27.16 33.71
C LEU C 185 -21.93 -25.92 34.42
N VAL C 186 -23.15 -25.53 34.09
CA VAL C 186 -23.75 -24.33 34.66
C VAL C 186 -24.64 -24.67 35.84
N LYS C 187 -25.46 -25.70 35.68
CA LYS C 187 -26.30 -26.19 36.77
C LYS C 187 -26.74 -27.62 36.53
N SER C 188 -27.07 -28.31 37.62
CA SER C 188 -27.65 -29.64 37.56
C SER C 188 -29.00 -29.57 38.26
N VAL C 189 -30.02 -30.18 37.65
CA VAL C 189 -31.37 -30.09 38.20
C VAL C 189 -32.02 -31.46 38.29
N THR C 190 -32.49 -31.81 39.47
CA THR C 190 -33.23 -33.05 39.63
C THR C 190 -34.53 -32.94 38.85
N VAL C 191 -34.63 -33.73 37.79
CA VAL C 191 -35.70 -33.60 36.81
C VAL C 191 -36.76 -34.69 37.01
N ALA C 192 -36.30 -35.88 37.36
CA ALA C 192 -37.20 -36.98 37.67
C ALA C 192 -36.66 -37.68 38.91
N GLU C 193 -37.26 -38.80 39.27
CA GLU C 193 -36.81 -39.51 40.45
C GLU C 193 -35.36 -39.94 40.25
N GLY C 194 -35.10 -40.71 39.20
CA GLY C 194 -33.74 -41.16 38.95
C GLY C 194 -33.02 -40.37 37.87
N LEU C 195 -33.39 -39.10 37.69
CA LEU C 195 -32.84 -38.31 36.61
C LEU C 195 -32.37 -36.92 37.02
N ILE C 196 -31.23 -36.53 36.44
CA ILE C 196 -30.69 -35.20 36.62
C ILE C 196 -30.40 -34.58 35.25
N GLU C 197 -30.79 -33.32 35.09
CA GLU C 197 -30.56 -32.61 33.83
C GLU C 197 -29.36 -31.68 33.97
N ASP C 198 -28.28 -32.00 33.27
CA ASP C 198 -27.07 -31.20 33.30
C ASP C 198 -27.11 -30.10 32.24
N HIS C 199 -26.93 -28.86 32.69
CA HIS C 199 -26.95 -27.69 31.80
C HIS C 199 -25.55 -27.15 31.58
N PHE C 200 -25.04 -27.31 30.36
CA PHE C 200 -23.74 -26.74 30.03
C PHE C 200 -23.89 -25.36 29.40
N ASP C 201 -22.88 -24.53 29.61
CA ASP C 201 -22.86 -23.17 29.08
C ASP C 201 -22.98 -23.18 27.54
N VAL C 202 -23.54 -22.10 27.00
CA VAL C 202 -23.61 -21.89 25.56
C VAL C 202 -22.21 -21.85 24.95
N THR C 203 -21.98 -22.66 23.93
CA THR C 203 -20.71 -22.62 23.23
C THR C 203 -20.55 -21.33 22.44
N VAL C 204 -19.34 -21.09 21.96
CA VAL C 204 -19.10 -20.05 20.99
C VAL C 204 -19.44 -20.63 19.62
N LYS C 205 -19.49 -19.80 18.58
CA LYS C 205 -19.71 -20.29 17.23
C LYS C 205 -18.72 -21.41 16.92
N MET C 206 -19.24 -22.57 16.56
CA MET C 206 -18.39 -23.70 16.21
C MET C 206 -19.06 -24.63 15.21
N SER C 207 -18.27 -25.50 14.59
CA SER C 207 -18.80 -26.51 13.68
C SER C 207 -19.38 -27.68 14.45
N THR C 208 -20.33 -28.38 13.83
CA THR C 208 -21.00 -29.52 14.47
C THR C 208 -20.06 -30.65 14.89
N TYR C 209 -19.12 -31.02 14.01
CA TYR C 209 -18.26 -32.18 14.25
C TYR C 209 -17.36 -32.01 15.48
N LEU C 210 -17.35 -30.82 16.06
CA LEU C 210 -16.48 -30.53 17.18
C LEU C 210 -17.26 -30.50 18.46
N VAL C 211 -18.57 -30.68 18.35
CA VAL C 211 -19.42 -30.81 19.52
C VAL C 211 -19.16 -32.16 20.16
N ALA C 212 -19.21 -32.22 21.48
CA ALA C 212 -18.91 -33.46 22.20
C ALA C 212 -19.52 -33.51 23.60
N PHE C 213 -20.00 -34.69 23.97
CA PHE C 213 -20.44 -34.94 25.35
C PHE C 213 -20.08 -36.35 25.81
N ILE C 214 -19.88 -36.50 27.12
CA ILE C 214 -19.50 -37.79 27.69
C ILE C 214 -20.29 -38.10 28.95
N ILE C 215 -21.02 -39.21 28.93
CA ILE C 215 -21.72 -39.70 30.12
C ILE C 215 -21.00 -40.94 30.65
N SER C 216 -20.51 -40.85 31.89
CA SER C 216 -19.73 -41.94 32.47
C SER C 216 -19.65 -41.80 33.99
N ASP C 217 -18.76 -42.59 34.59
CA ASP C 217 -18.48 -42.50 36.02
C ASP C 217 -17.00 -42.22 36.24
N PHE C 218 -16.42 -41.40 35.37
CA PHE C 218 -14.99 -41.13 35.40
C PHE C 218 -14.52 -40.31 36.60
N GLU C 219 -13.26 -40.48 36.95
CA GLU C 219 -12.59 -39.59 37.88
C GLU C 219 -11.86 -38.51 37.10
N SER C 220 -11.35 -37.50 37.80
CA SER C 220 -10.61 -36.46 37.14
C SER C 220 -9.61 -35.81 38.08
N VAL C 221 -8.46 -35.45 37.52
CA VAL C 221 -7.49 -34.63 38.22
C VAL C 221 -7.38 -33.30 37.46
N SER C 222 -7.15 -32.22 38.16
CA SER C 222 -7.21 -30.92 37.54
C SER C 222 -6.07 -29.99 37.97
N LYS C 223 -5.54 -29.24 37.01
CA LYS C 223 -4.58 -28.19 37.29
C LYS C 223 -5.01 -26.90 36.59
N ILE C 224 -4.73 -25.76 37.20
CA ILE C 224 -5.07 -24.48 36.58
C ILE C 224 -3.84 -23.83 35.94
N THR C 225 -4.00 -23.42 34.69
CA THR C 225 -2.93 -22.79 33.93
C THR C 225 -2.64 -21.39 34.48
N LYS C 226 -1.50 -20.82 34.10
CA LYS C 226 -1.12 -19.47 34.54
C LYS C 226 -2.16 -18.41 34.19
N SER C 227 -2.92 -18.64 33.11
CA SER C 227 -3.94 -17.71 32.68
C SER C 227 -5.35 -18.06 33.21
N GLY C 228 -5.40 -18.92 34.23
CA GLY C 228 -6.65 -19.24 34.89
C GLY C 228 -7.50 -20.28 34.19
N VAL C 229 -6.97 -20.86 33.13
CA VAL C 229 -7.68 -21.93 32.42
C VAL C 229 -7.62 -23.24 33.20
N LYS C 230 -8.79 -23.83 33.44
CA LYS C 230 -8.82 -25.11 34.15
C LYS C 230 -8.62 -26.30 33.22
N VAL C 231 -7.53 -27.03 33.43
CA VAL C 231 -7.22 -28.21 32.65
C VAL C 231 -7.45 -29.45 33.53
N SER C 232 -8.28 -30.37 33.04
CA SER C 232 -8.58 -31.58 33.80
C SER C 232 -8.41 -32.81 32.93
N VAL C 233 -8.00 -33.91 33.55
CA VAL C 233 -7.90 -35.17 32.83
C VAL C 233 -8.87 -36.19 33.41
N TYR C 234 -9.67 -36.78 32.53
CA TYR C 234 -10.72 -37.71 32.93
C TYR C 234 -10.36 -39.13 32.51
N ALA C 235 -10.46 -40.07 33.45
CA ALA C 235 -10.24 -41.47 33.13
C ALA C 235 -11.07 -42.40 33.98
N VAL C 236 -11.06 -43.66 33.62
CA VAL C 236 -11.59 -44.73 34.45
C VAL C 236 -11.01 -44.57 35.86
N PRO C 237 -11.85 -44.72 36.90
CA PRO C 237 -11.44 -44.42 38.28
C PRO C 237 -10.18 -45.18 38.72
N ASP C 238 -9.99 -46.38 38.21
CA ASP C 238 -8.85 -47.21 38.61
C ASP C 238 -7.54 -46.74 37.98
N LYS C 239 -7.62 -45.96 36.90
CA LYS C 239 -6.43 -45.52 36.18
C LYS C 239 -6.20 -44.03 36.27
N ILE C 240 -7.04 -43.31 37.01
CA ILE C 240 -6.90 -41.87 37.14
C ILE C 240 -5.52 -41.46 37.66
N ASN C 241 -4.87 -42.34 38.41
CA ASN C 241 -3.55 -42.05 38.95
C ASN C 241 -2.45 -42.08 37.89
N GLN C 242 -2.83 -42.31 36.64
CA GLN C 242 -1.88 -42.35 35.54
C GLN C 242 -2.05 -41.13 34.64
N ALA C 243 -2.83 -40.16 35.12
CA ALA C 243 -3.14 -38.97 34.36
C ALA C 243 -2.18 -37.84 34.72
N ASP C 244 -1.40 -38.05 35.77
CA ASP C 244 -0.51 -37.01 36.28
C ASP C 244 0.41 -36.44 35.19
N TYR C 245 1.04 -37.30 34.41
CA TYR C 245 1.93 -36.82 33.35
C TYR C 245 1.16 -36.04 32.30
N ALA C 246 0.10 -36.64 31.76
CA ALA C 246 -0.70 -36.01 30.72
C ALA C 246 -1.14 -34.62 31.15
N LEU C 247 -1.67 -34.52 32.37
CA LEU C 247 -2.17 -33.27 32.90
C LEU C 247 -1.10 -32.18 32.90
N ASP C 248 0.11 -32.55 33.30
CA ASP C 248 1.23 -31.61 33.38
C ASP C 248 1.71 -31.20 31.98
N ALA C 249 1.73 -32.16 31.07
CA ALA C 249 2.11 -31.88 29.70
C ALA C 249 1.12 -30.91 29.05
N ALA C 250 -0.16 -31.16 29.31
CA ALA C 250 -1.23 -30.34 28.73
C ALA C 250 -1.18 -28.91 29.24
N VAL C 251 -0.87 -28.72 30.51
CA VAL C 251 -0.81 -27.38 31.09
C VAL C 251 0.28 -26.53 30.45
N THR C 252 1.48 -27.07 30.35
CA THR C 252 2.59 -26.33 29.76
C THR C 252 2.40 -26.12 28.27
N LEU C 253 1.84 -27.11 27.58
CA LEU C 253 1.56 -26.96 26.16
C LEU C 253 0.48 -25.92 25.91
N LEU C 254 -0.56 -25.92 26.74
CA LEU C 254 -1.60 -24.90 26.64
C LEU C 254 -0.97 -23.55 26.85
N GLU C 255 -0.15 -23.45 27.89
CA GLU C 255 0.57 -22.21 28.17
C GLU C 255 1.47 -21.81 27.00
N PHE C 256 2.07 -22.79 26.33
CA PHE C 256 2.95 -22.52 25.19
C PHE C 256 2.16 -21.92 24.03
N TYR C 257 1.10 -22.61 23.61
CA TYR C 257 0.32 -22.18 22.47
C TYR C 257 -0.31 -20.80 22.67
N GLU C 258 -0.71 -20.50 23.89
CA GLU C 258 -1.30 -19.21 24.19
C GLU C 258 -0.30 -18.13 23.81
N ASP C 259 0.93 -18.32 24.26
CA ASP C 259 2.00 -17.41 23.91
C ASP C 259 2.24 -17.38 22.39
N TYR C 260 2.42 -18.57 21.81
CA TYR C 260 2.75 -18.67 20.39
C TYR C 260 1.72 -18.02 19.49
N PHE C 261 0.45 -18.36 19.70
CA PHE C 261 -0.64 -17.82 18.90
C PHE C 261 -1.01 -16.41 19.33
N SER C 262 -0.48 -15.98 20.47
CA SER C 262 -0.79 -14.66 21.01
C SER C 262 -2.30 -14.47 21.06
N ILE C 263 -2.99 -15.58 21.30
CA ILE C 263 -4.44 -15.57 21.48
C ILE C 263 -4.80 -16.44 22.67
N PRO C 264 -5.47 -15.86 23.66
CA PRO C 264 -5.83 -16.61 24.86
C PRO C 264 -6.64 -17.83 24.49
N TYR C 265 -6.44 -18.92 25.21
CA TYR C 265 -7.26 -20.11 25.00
C TYR C 265 -8.71 -19.65 25.01
N PRO C 266 -9.43 -19.89 23.90
CA PRO C 266 -10.78 -19.37 23.62
C PRO C 266 -11.85 -19.79 24.62
N LEU C 267 -11.71 -21.00 25.18
CA LEU C 267 -12.72 -21.57 26.07
C LEU C 267 -12.35 -21.43 27.55
N PRO C 268 -13.35 -21.55 28.43
CA PRO C 268 -13.19 -21.46 29.90
C PRO C 268 -12.37 -22.60 30.48
N LYS C 269 -12.54 -23.82 29.96
CA LYS C 269 -11.78 -24.96 30.44
C LYS C 269 -11.38 -25.92 29.32
N GLN C 270 -10.41 -26.77 29.63
CA GLN C 270 -9.97 -27.80 28.70
C GLN C 270 -9.96 -29.17 29.39
N ASP C 271 -10.75 -30.10 28.87
CA ASP C 271 -10.84 -31.45 29.43
C ASP C 271 -10.24 -32.47 28.48
N LEU C 272 -9.32 -33.28 29.00
CA LEU C 272 -8.75 -34.39 28.25
C LEU C 272 -9.30 -35.71 28.78
N ALA C 273 -9.98 -36.45 27.93
CA ALA C 273 -10.63 -37.69 28.38
C ALA C 273 -10.03 -38.94 27.76
N ALA C 274 -9.60 -39.88 28.60
CA ALA C 274 -9.07 -41.14 28.13
C ALA C 274 -10.19 -42.17 28.00
N ILE C 275 -10.44 -42.59 26.77
CA ILE C 275 -11.64 -43.35 26.43
C ILE C 275 -11.36 -44.81 26.13
N PRO C 276 -11.96 -45.72 26.92
CA PRO C 276 -11.88 -47.16 26.68
C PRO C 276 -12.36 -47.50 25.28
N ASP C 277 -11.58 -48.29 24.53
CA ASP C 277 -11.99 -48.76 23.21
C ASP C 277 -12.06 -47.67 22.16
N PHE C 278 -11.53 -46.49 22.47
CA PHE C 278 -11.52 -45.40 21.51
C PHE C 278 -10.76 -45.85 20.26
N GLN C 279 -11.25 -45.45 19.09
CA GLN C 279 -10.67 -45.90 17.84
C GLN C 279 -10.48 -44.76 16.84
N SER C 280 -9.89 -43.65 17.28
CA SER C 280 -9.71 -42.49 16.40
C SER C 280 -8.28 -42.25 15.89
N GLY C 281 -7.29 -42.17 16.78
CA GLY C 281 -7.44 -42.43 18.20
C GLY C 281 -7.32 -41.24 19.13
N ALA C 282 -7.28 -40.04 18.57
CA ALA C 282 -7.47 -38.83 19.37
C ALA C 282 -8.34 -37.86 18.57
N MET C 283 -9.09 -37.01 19.27
CA MET C 283 -9.98 -36.05 18.60
C MET C 283 -9.97 -34.65 19.21
N GLU C 284 -10.09 -33.65 18.34
CA GLU C 284 -9.89 -32.24 18.71
C GLU C 284 -11.16 -31.54 19.19
N ASN C 285 -12.13 -32.27 19.73
CA ASN C 285 -13.36 -31.66 20.21
C ASN C 285 -13.04 -30.45 21.08
N TRP C 286 -13.60 -29.31 20.72
CA TRP C 286 -13.32 -28.06 21.42
C TRP C 286 -13.64 -28.13 22.91
N GLY C 287 -12.63 -27.93 23.74
CA GLY C 287 -12.82 -27.91 25.18
C GLY C 287 -12.92 -29.29 25.80
N LEU C 288 -13.05 -30.31 24.96
CA LEU C 288 -13.17 -31.69 25.44
C LEU C 288 -12.52 -32.68 24.46
N THR C 289 -11.20 -32.70 24.46
CA THR C 289 -10.46 -33.57 23.57
C THR C 289 -10.40 -35.01 24.08
N THR C 290 -10.51 -35.96 23.17
CA THR C 290 -10.60 -37.36 23.55
C THR C 290 -9.41 -38.17 23.01
N TYR C 291 -9.05 -39.22 23.75
CA TYR C 291 -7.85 -40.01 23.45
C TYR C 291 -8.06 -41.50 23.70
N ARG C 292 -7.39 -42.33 22.91
CA ARG C 292 -7.25 -43.73 23.24
C ARG C 292 -6.46 -43.79 24.53
N GLU C 293 -6.82 -44.68 25.44
CA GLU C 293 -6.22 -44.69 26.78
C GLU C 293 -4.69 -44.68 26.76
N SER C 294 -4.10 -45.33 25.77
CA SER C 294 -2.64 -45.47 25.69
C SER C 294 -1.96 -44.18 25.28
N ALA C 295 -2.74 -43.26 24.71
CA ALA C 295 -2.19 -41.99 24.25
C ALA C 295 -2.31 -40.90 25.31
N LEU C 296 -2.71 -41.29 26.51
CA LEU C 296 -2.97 -40.30 27.56
C LEU C 296 -2.50 -40.78 28.92
N LEU C 297 -2.73 -42.05 29.21
CA LEU C 297 -2.38 -42.60 30.51
C LEU C 297 -0.98 -43.19 30.53
N PHE C 298 -0.27 -42.96 31.64
CA PHE C 298 1.09 -43.47 31.77
C PHE C 298 1.34 -44.21 33.08
N ASP C 299 1.79 -45.46 32.96
CA ASP C 299 2.06 -46.30 34.12
C ASP C 299 3.55 -46.52 34.29
N ALA C 300 3.99 -46.75 35.52
CA ALA C 300 5.41 -46.99 35.80
C ALA C 300 5.90 -48.29 35.20
N GLU C 301 4.99 -49.07 34.64
CA GLU C 301 5.35 -50.21 33.79
C GLU C 301 4.90 -49.89 32.37
N LYS C 302 5.40 -48.76 31.87
CA LYS C 302 5.01 -48.20 30.58
C LYS C 302 5.08 -49.19 29.43
N SER C 303 4.23 -48.98 28.42
CA SER C 303 4.27 -49.78 27.20
C SER C 303 5.65 -49.67 26.58
N SER C 304 6.32 -48.56 26.86
CA SER C 304 7.64 -48.28 26.32
C SER C 304 8.05 -46.87 26.73
N ALA C 305 9.31 -46.53 26.52
CA ALA C 305 9.76 -45.16 26.72
C ALA C 305 9.04 -44.30 25.71
N SER C 306 8.69 -44.91 24.58
CA SER C 306 8.04 -44.21 23.48
C SER C 306 6.65 -43.71 23.86
N SER C 307 6.05 -44.33 24.87
CA SER C 307 4.71 -43.94 25.30
C SER C 307 4.68 -42.51 25.82
N LYS C 308 5.61 -42.16 26.71
CA LYS C 308 5.70 -40.79 27.22
C LYS C 308 5.85 -39.82 26.05
N LEU C 309 6.74 -40.15 25.11
CA LEU C 309 6.89 -39.35 23.91
C LEU C 309 5.59 -39.32 23.11
N ASP C 310 5.04 -40.50 22.88
CA ASP C 310 3.81 -40.66 22.10
C ASP C 310 2.64 -39.85 22.66
N ILE C 311 2.49 -39.80 23.97
CA ILE C 311 1.35 -39.10 24.56
C ILE C 311 1.59 -37.60 24.59
N THR C 312 2.84 -37.20 24.77
CA THR C 312 3.19 -35.78 24.78
C THR C 312 2.92 -35.16 23.42
N MET C 313 3.05 -35.97 22.37
CA MET C 313 2.84 -35.49 21.01
C MET C 313 1.38 -35.56 20.55
N THR C 314 0.68 -36.61 20.93
CA THR C 314 -0.75 -36.70 20.64
C THR C 314 -1.47 -35.50 21.27
N VAL C 315 -1.18 -35.26 22.55
CA VAL C 315 -1.73 -34.10 23.24
C VAL C 315 -1.41 -32.79 22.53
N ALA C 316 -0.12 -32.53 22.32
CA ALA C 316 0.31 -31.30 21.65
C ALA C 316 -0.40 -31.09 20.32
N HIS C 317 -0.65 -32.19 19.60
CA HIS C 317 -1.39 -32.15 18.35
C HIS C 317 -2.82 -31.71 18.58
N GLU C 318 -3.54 -32.47 19.40
CA GLU C 318 -4.94 -32.18 19.69
C GLU C 318 -5.15 -30.80 20.29
N LEU C 319 -4.16 -30.30 21.04
CA LEU C 319 -4.28 -28.99 21.67
C LEU C 319 -3.99 -27.84 20.69
N ALA C 320 -3.30 -28.13 19.60
CA ALA C 320 -3.01 -27.10 18.60
C ALA C 320 -4.27 -26.77 17.83
N HIS C 321 -5.16 -27.75 17.71
CA HIS C 321 -6.43 -27.59 17.02
C HIS C 321 -7.43 -26.72 17.79
N GLN C 322 -7.14 -26.46 19.07
CA GLN C 322 -8.01 -25.60 19.86
C GLN C 322 -8.03 -24.22 19.25
N TRP C 323 -6.90 -23.79 18.72
CA TRP C 323 -6.84 -22.56 17.92
C TRP C 323 -6.98 -22.89 16.44
N PHE C 324 -5.94 -23.49 15.87
CA PHE C 324 -5.89 -23.74 14.45
C PHE C 324 -6.70 -24.96 14.05
N GLY C 325 -7.96 -24.74 13.70
CA GLY C 325 -8.82 -25.82 13.25
C GLY C 325 -10.20 -25.68 13.84
N ASN C 326 -10.24 -25.26 15.09
CA ASN C 326 -11.50 -25.07 15.77
C ASN C 326 -11.90 -23.61 15.79
N LEU C 327 -10.94 -22.75 16.14
CA LEU C 327 -11.17 -21.31 16.18
C LEU C 327 -11.27 -20.77 14.75
N VAL C 328 -10.42 -21.28 13.87
CA VAL C 328 -10.54 -21.01 12.46
C VAL C 328 -10.56 -22.35 11.73
N THR C 329 -11.75 -22.78 11.34
CA THR C 329 -11.91 -24.11 10.75
C THR C 329 -12.02 -24.04 9.23
N MET C 330 -11.71 -25.14 8.57
CA MET C 330 -11.76 -25.21 7.11
C MET C 330 -13.17 -24.97 6.63
N GLU C 331 -13.31 -24.51 5.40
CA GLU C 331 -14.64 -24.31 4.83
C GLU C 331 -15.20 -25.67 4.44
N TRP C 332 -14.33 -26.53 3.96
CA TRP C 332 -14.74 -27.86 3.50
C TRP C 332 -13.58 -28.86 3.65
N TRP C 333 -13.87 -30.14 3.45
CA TRP C 333 -12.94 -31.21 3.76
C TRP C 333 -11.75 -31.32 2.79
N ASN C 334 -11.74 -30.48 1.76
CA ASN C 334 -10.63 -30.45 0.82
C ASN C 334 -9.41 -29.77 1.44
N ASP C 335 -9.60 -29.20 2.62
CA ASP C 335 -8.51 -28.47 3.29
C ASP C 335 -8.10 -29.17 4.58
N LEU C 336 -8.67 -30.34 4.83
CA LEU C 336 -8.36 -31.10 6.03
C LEU C 336 -6.86 -31.26 6.17
N TRP C 337 -6.20 -31.57 5.05
CA TRP C 337 -4.77 -31.82 5.01
C TRP C 337 -3.96 -30.68 5.69
N LEU C 338 -4.45 -29.46 5.52
CA LEU C 338 -3.78 -28.29 6.07
C LEU C 338 -4.04 -28.20 7.57
N ASN C 339 -5.28 -28.49 7.96
CA ASN C 339 -5.63 -28.57 9.37
C ASN C 339 -4.70 -29.57 10.05
N GLU C 340 -4.65 -30.77 9.51
CA GLU C 340 -3.86 -31.85 10.11
C GLU C 340 -2.36 -31.65 9.93
N GLY C 341 -1.97 -31.14 8.77
CA GLY C 341 -0.57 -30.83 8.52
C GLY C 341 -0.04 -29.81 9.50
N PHE C 342 -0.85 -28.81 9.82
CA PHE C 342 -0.43 -27.77 10.75
C PHE C 342 -0.33 -28.26 12.19
N ALA C 343 -1.22 -29.18 12.57
CA ALA C 343 -1.20 -29.71 13.91
C ALA C 343 -0.01 -30.66 14.08
N LYS C 344 0.32 -31.38 13.02
CA LYS C 344 1.52 -32.22 13.01
C LYS C 344 2.77 -31.36 13.16
N PHE C 345 2.98 -30.46 12.21
CA PHE C 345 4.08 -29.51 12.29
C PHE C 345 4.16 -28.90 13.68
N MET C 346 3.01 -28.55 14.24
CA MET C 346 2.97 -27.87 15.53
C MET C 346 3.25 -28.83 16.70
N GLU C 347 3.09 -30.13 16.47
CA GLU C 347 3.53 -31.14 17.45
C GLU C 347 4.97 -30.85 17.83
N PHE C 348 5.78 -30.51 16.83
CA PHE C 348 7.21 -30.31 17.01
C PHE C 348 7.56 -28.96 17.58
N VAL C 349 7.24 -27.90 16.84
CA VAL C 349 7.49 -26.55 17.31
C VAL C 349 7.26 -26.48 18.80
N SER C 350 6.09 -26.95 19.22
CA SER C 350 5.72 -26.93 20.63
C SER C 350 6.64 -27.79 21.49
N VAL C 351 6.64 -29.09 21.24
CA VAL C 351 7.35 -30.01 22.13
C VAL C 351 8.84 -29.72 22.21
N SER C 352 9.45 -29.40 21.07
CA SER C 352 10.88 -29.05 21.02
C SER C 352 11.22 -28.05 22.12
N VAL C 353 10.27 -27.18 22.42
CA VAL C 353 10.44 -26.15 23.45
C VAL C 353 9.95 -26.66 24.80
N THR C 354 8.83 -27.38 24.78
CA THR C 354 8.19 -27.83 26.02
C THR C 354 8.96 -28.97 26.70
N HIS C 355 9.21 -30.04 25.95
CA HIS C 355 9.91 -31.20 26.48
C HIS C 355 11.13 -31.54 25.64
N PRO C 356 12.20 -30.75 25.79
CA PRO C 356 13.45 -30.93 25.05
C PRO C 356 14.01 -32.34 25.18
N GLU C 357 13.89 -32.91 26.37
CA GLU C 357 14.43 -34.23 26.69
C GLU C 357 13.91 -35.34 25.77
N LEU C 358 12.74 -35.14 25.19
CA LEU C 358 12.11 -36.17 24.36
C LEU C 358 12.80 -36.33 23.01
N LYS C 359 13.39 -35.23 22.52
CA LYS C 359 14.12 -35.25 21.25
C LYS C 359 13.19 -35.52 20.06
N VAL C 360 12.03 -34.87 20.05
CA VAL C 360 11.05 -35.08 18.98
C VAL C 360 11.61 -34.75 17.61
N GLY C 361 12.68 -33.97 17.57
CA GLY C 361 13.28 -33.55 16.31
C GLY C 361 13.61 -34.66 15.35
N ASP C 362 14.19 -35.75 15.86
CA ASP C 362 14.60 -36.86 15.02
C ASP C 362 13.41 -37.48 14.28
N TYR C 363 12.28 -37.58 14.98
CA TYR C 363 11.11 -38.28 14.46
C TYR C 363 10.39 -37.52 13.38
N PHE C 364 10.66 -36.21 13.31
CA PHE C 364 10.10 -35.37 12.26
C PHE C 364 10.64 -35.77 10.91
N PHE C 365 11.94 -35.56 10.73
CA PHE C 365 12.58 -35.72 9.44
C PHE C 365 12.47 -37.15 8.92
N GLY C 366 12.25 -38.08 9.84
CA GLY C 366 11.92 -39.44 9.47
C GLY C 366 10.67 -39.42 8.60
N LYS C 367 9.61 -38.82 9.14
CA LYS C 367 8.34 -38.74 8.44
C LYS C 367 8.48 -37.99 7.12
N CYS C 368 9.39 -37.02 7.07
CA CYS C 368 9.63 -36.25 5.85
C CYS C 368 10.25 -37.10 4.77
N PHE C 369 11.20 -37.94 5.16
CA PHE C 369 11.77 -38.89 4.23
C PHE C 369 10.70 -39.86 3.76
N ASP C 370 9.96 -40.43 4.71
CA ASP C 370 8.87 -41.34 4.40
C ASP C 370 7.92 -40.72 3.39
N ALA C 371 7.59 -39.45 3.60
CA ALA C 371 6.69 -38.73 2.69
C ALA C 371 7.26 -38.71 1.30
N MET C 372 8.49 -38.20 1.18
CA MET C 372 9.16 -38.11 -0.10
C MET C 372 9.25 -39.46 -0.82
N GLU C 373 9.64 -40.50 -0.08
CA GLU C 373 9.73 -41.82 -0.69
C GLU C 373 8.42 -42.21 -1.35
N VAL C 374 7.32 -41.74 -0.78
CA VAL C 374 5.99 -42.04 -1.31
C VAL C 374 5.65 -41.12 -2.47
N ASP C 375 6.00 -39.85 -2.33
CA ASP C 375 5.68 -38.86 -3.33
C ASP C 375 6.45 -39.13 -4.61
N ALA C 376 7.56 -39.86 -4.48
CA ALA C 376 8.43 -40.14 -5.62
C ALA C 376 7.86 -41.21 -6.56
N LEU C 377 6.77 -41.86 -6.16
CA LEU C 377 6.16 -42.91 -6.99
C LEU C 377 5.18 -42.36 -8.01
N ASN C 378 4.76 -43.22 -8.93
CA ASN C 378 3.76 -42.87 -9.93
C ASN C 378 2.46 -42.40 -9.29
N SER C 379 2.11 -43.03 -8.17
CA SER C 379 0.84 -42.78 -7.51
C SER C 379 0.92 -41.69 -6.45
N SER C 380 0.36 -40.53 -6.78
CA SER C 380 0.28 -39.41 -5.83
C SER C 380 -0.44 -38.21 -6.46
N ASP C 398 -2.71 -40.81 3.05
CA ASP C 398 -3.50 -40.16 4.09
C ASP C 398 -2.60 -39.46 5.11
N ASP C 399 -2.39 -40.10 6.25
CA ASP C 399 -1.53 -39.56 7.29
C ASP C 399 -0.21 -39.07 6.67
N VAL C 400 0.17 -39.67 5.55
CA VAL C 400 1.40 -39.29 4.87
C VAL C 400 1.26 -37.96 4.14
N SER C 401 0.12 -37.75 3.49
CA SER C 401 -0.14 -36.47 2.85
C SER C 401 -0.11 -35.38 3.90
N TYR C 402 -0.66 -35.67 5.07
CA TYR C 402 -0.62 -34.74 6.20
C TYR C 402 0.83 -34.50 6.61
N ASP C 403 1.66 -35.54 6.48
CA ASP C 403 3.08 -35.44 6.77
C ASP C 403 3.76 -34.49 5.82
N LYS C 404 3.45 -34.62 4.53
CA LYS C 404 3.95 -33.66 3.57
C LYS C 404 3.51 -32.27 3.99
N GLY C 405 2.27 -32.17 4.43
CA GLY C 405 1.73 -30.91 4.91
C GLY C 405 2.63 -30.27 5.94
N ALA C 406 3.01 -31.05 6.95
CA ALA C 406 3.90 -30.54 8.00
C ALA C 406 5.29 -30.24 7.43
N CYS C 407 5.74 -31.08 6.51
CA CYS C 407 7.02 -30.87 5.85
C CYS C 407 7.02 -29.54 5.09
N ILE C 408 5.99 -29.32 4.29
CA ILE C 408 5.90 -28.07 3.52
C ILE C 408 5.92 -26.85 4.42
N LEU C 409 5.19 -26.92 5.53
CA LEU C 409 5.10 -25.81 6.47
C LEU C 409 6.44 -25.54 7.17
N ASN C 410 7.23 -26.59 7.38
CA ASN C 410 8.56 -26.43 7.94
C ASN C 410 9.49 -25.74 6.94
N MET C 411 9.36 -26.12 5.68
CA MET C 411 10.11 -25.48 4.61
C MET C 411 9.84 -23.98 4.63
N LEU C 412 8.57 -23.63 4.55
CA LEU C 412 8.12 -22.24 4.49
C LEU C 412 8.56 -21.43 5.72
N ARG C 413 8.47 -22.06 6.88
CA ARG C 413 8.81 -21.39 8.13
C ARG C 413 10.29 -21.09 8.22
N GLU C 414 11.10 -21.93 7.57
CA GLU C 414 12.55 -21.72 7.59
C GLU C 414 12.96 -20.68 6.56
N TYR C 415 12.25 -20.64 5.43
CA TYR C 415 12.53 -19.62 4.43
C TYR C 415 12.23 -18.24 5.01
N LEU C 416 10.96 -17.95 5.25
CA LEU C 416 10.59 -16.78 6.03
C LEU C 416 11.13 -17.05 7.42
N SER C 417 11.53 -16.02 8.15
CA SER C 417 12.03 -16.27 9.51
C SER C 417 10.96 -17.04 10.29
N ALA C 418 11.30 -17.49 11.49
CA ALA C 418 10.31 -18.16 12.32
C ALA C 418 9.30 -17.16 12.87
N ASP C 419 9.75 -15.93 13.11
CA ASP C 419 8.87 -14.88 13.61
C ASP C 419 7.92 -14.39 12.53
N ALA C 420 8.44 -14.18 11.33
CA ALA C 420 7.59 -13.84 10.19
C ALA C 420 6.48 -14.86 10.09
N PHE C 421 6.85 -16.13 10.24
CA PHE C 421 5.90 -17.22 10.20
C PHE C 421 4.91 -17.09 11.35
N LYS C 422 5.44 -17.00 12.55
CA LYS C 422 4.67 -16.83 13.76
C LYS C 422 3.60 -15.76 13.61
N SER C 423 4.01 -14.56 13.18
CA SER C 423 3.09 -13.43 13.11
C SER C 423 2.03 -13.60 12.03
N GLY C 424 2.40 -14.26 10.94
CA GLY C 424 1.47 -14.47 9.83
C GLY C 424 0.34 -15.39 10.24
N ILE C 425 0.65 -16.34 11.11
CA ILE C 425 -0.34 -17.24 11.65
C ILE C 425 -1.23 -16.50 12.64
N VAL C 426 -0.61 -15.76 13.56
CA VAL C 426 -1.34 -14.92 14.49
C VAL C 426 -2.40 -14.08 13.77
N GLN C 427 -1.98 -13.46 12.68
CA GLN C 427 -2.87 -12.60 11.89
C GLN C 427 -3.99 -13.43 11.26
N TYR C 428 -3.63 -14.58 10.71
CA TYR C 428 -4.60 -15.48 10.12
C TYR C 428 -5.71 -15.82 11.12
N LEU C 429 -5.31 -16.18 12.33
CA LEU C 429 -6.26 -16.55 13.36
C LEU C 429 -7.09 -15.36 13.83
N GLN C 430 -6.45 -14.22 14.04
CA GLN C 430 -7.15 -13.03 14.51
C GLN C 430 -8.16 -12.51 13.49
N LYS C 431 -7.84 -12.66 12.22
CA LYS C 431 -8.70 -12.17 11.15
C LYS C 431 -9.88 -13.08 10.91
N HIS C 432 -9.69 -14.38 11.14
CA HIS C 432 -10.74 -15.36 10.85
C HIS C 432 -11.30 -16.08 12.08
N SER C 433 -10.95 -15.62 13.28
CA SER C 433 -11.49 -16.21 14.50
C SER C 433 -13.00 -16.43 14.39
N TYR C 434 -13.42 -17.67 14.63
CA TYR C 434 -14.83 -18.04 14.63
C TYR C 434 -15.49 -18.04 13.24
N LYS C 435 -14.69 -18.20 12.20
CA LYS C 435 -15.21 -18.30 10.84
C LYS C 435 -14.53 -19.44 10.09
N ASN C 436 -14.75 -19.50 8.78
CA ASN C 436 -14.18 -20.57 7.96
C ASN C 436 -13.23 -20.06 6.87
N THR C 437 -12.40 -20.95 6.33
CA THR C 437 -11.23 -20.56 5.58
C THR C 437 -10.88 -21.55 4.46
N LYS C 438 -10.17 -21.05 3.44
CA LYS C 438 -9.59 -21.89 2.39
C LYS C 438 -8.06 -21.84 2.44
N ASN C 439 -7.37 -22.67 1.64
CA ASN C 439 -5.91 -22.67 1.62
C ASN C 439 -5.37 -21.26 1.49
N GLU C 440 -5.85 -20.58 0.45
CA GLU C 440 -5.36 -19.25 0.08
C GLU C 440 -5.33 -18.29 1.24
N ASP C 441 -6.28 -18.44 2.17
CA ASP C 441 -6.39 -17.49 3.28
C ASP C 441 -5.16 -17.50 4.16
N LEU C 442 -4.55 -18.68 4.34
CA LEU C 442 -3.37 -18.80 5.18
C LEU C 442 -2.20 -18.15 4.47
N TRP C 443 -2.03 -18.49 3.20
CA TRP C 443 -0.98 -17.89 2.38
C TRP C 443 -1.13 -16.37 2.36
N ASP C 444 -2.35 -15.91 2.12
CA ASP C 444 -2.65 -14.48 2.08
C ASP C 444 -2.26 -13.79 3.37
N SER C 445 -2.51 -14.45 4.49
CA SER C 445 -2.25 -13.85 5.80
C SER C 445 -0.76 -13.77 6.09
N MET C 446 0.00 -14.72 5.57
CA MET C 446 1.44 -14.75 5.79
C MET C 446 2.19 -13.91 4.76
N ALA C 447 1.64 -13.84 3.55
CA ALA C 447 2.25 -13.05 2.49
C ALA C 447 2.22 -11.56 2.81
N SER C 448 1.40 -11.18 3.79
CA SER C 448 1.22 -9.76 4.12
C SER C 448 1.95 -9.33 5.38
N ILE C 449 3.10 -9.94 5.65
CA ILE C 449 3.92 -9.56 6.80
C ILE C 449 5.24 -8.94 6.34
N VAL C 479 6.99 -11.48 -0.57
CA VAL C 479 6.98 -12.87 -1.01
C VAL C 479 5.57 -13.34 -1.37
N ASP C 480 5.37 -13.76 -2.61
CA ASP C 480 4.05 -14.22 -3.05
C ASP C 480 3.81 -15.66 -2.61
N VAL C 481 3.47 -15.82 -1.33
CA VAL C 481 3.33 -17.14 -0.71
C VAL C 481 2.21 -17.98 -1.33
N LYS C 482 1.09 -17.34 -1.65
CA LYS C 482 -0.02 -18.06 -2.26
C LYS C 482 0.44 -18.80 -3.52
N THR C 483 1.06 -18.07 -4.44
CA THR C 483 1.47 -18.65 -5.72
C THR C 483 2.55 -19.71 -5.53
N MET C 484 3.44 -19.47 -4.59
CA MET C 484 4.49 -20.44 -4.25
C MET C 484 3.89 -21.73 -3.69
N MET C 485 3.13 -21.60 -2.62
CA MET C 485 2.54 -22.76 -1.96
C MET C 485 1.67 -23.60 -2.89
N ASN C 486 1.00 -22.94 -3.83
CA ASN C 486 0.15 -23.64 -4.80
C ASN C 486 0.93 -24.62 -5.67
N THR C 487 2.21 -24.34 -5.88
CA THR C 487 3.06 -25.23 -6.66
C THR C 487 3.34 -26.51 -5.89
N TRP C 488 3.21 -26.45 -4.56
CA TRP C 488 3.47 -27.60 -3.71
C TRP C 488 2.19 -28.35 -3.36
N THR C 489 1.05 -27.67 -3.50
CA THR C 489 -0.22 -28.21 -3.06
C THR C 489 -1.03 -28.79 -4.23
N LEU C 490 -0.93 -28.15 -5.39
CA LEU C 490 -1.72 -28.56 -6.54
C LEU C 490 -0.93 -29.49 -7.47
N GLN C 491 0.30 -29.79 -7.06
CA GLN C 491 1.18 -30.65 -7.85
C GLN C 491 1.69 -31.82 -7.02
N ARG C 492 1.52 -33.02 -7.55
CA ARG C 492 2.12 -34.20 -6.96
C ARG C 492 3.63 -34.10 -7.11
N GLY C 493 4.37 -34.80 -6.27
CA GLY C 493 5.82 -34.86 -6.41
C GLY C 493 6.56 -33.69 -5.79
N PHE C 494 7.86 -33.69 -6.01
CA PHE C 494 8.74 -32.63 -5.55
C PHE C 494 9.96 -32.62 -6.47
N PRO C 495 10.74 -31.54 -6.46
CA PRO C 495 11.83 -31.40 -7.42
C PRO C 495 13.18 -31.96 -6.96
N LEU C 496 14.01 -32.29 -7.94
CA LEU C 496 15.44 -32.49 -7.72
C LEU C 496 16.16 -31.21 -8.12
N ILE C 497 16.99 -30.68 -7.23
CA ILE C 497 17.63 -29.39 -7.49
C ILE C 497 19.14 -29.51 -7.69
N THR C 498 19.56 -29.34 -8.93
CA THR C 498 20.97 -29.50 -9.33
C THR C 498 21.76 -28.21 -9.23
N ILE C 499 22.85 -28.23 -8.46
CA ILE C 499 23.68 -27.04 -8.26
C ILE C 499 24.98 -27.08 -9.05
N THR C 500 25.19 -26.08 -9.90
CA THR C 500 26.39 -26.01 -10.71
C THR C 500 27.13 -24.70 -10.48
N VAL C 501 28.34 -24.76 -9.93
CA VAL C 501 29.08 -23.52 -9.66
C VAL C 501 30.18 -23.19 -10.68
N ARG C 502 30.13 -21.96 -11.19
CA ARG C 502 31.14 -21.46 -12.12
C ARG C 502 31.71 -20.15 -11.57
N GLY C 503 32.66 -20.26 -10.65
CA GLY C 503 33.25 -19.09 -10.02
C GLY C 503 32.39 -18.61 -8.88
N ARG C 504 31.95 -17.35 -8.95
CA ARG C 504 30.98 -16.82 -7.99
C ARG C 504 29.59 -17.06 -8.52
N ASN C 505 29.51 -17.58 -9.74
CA ASN C 505 28.24 -17.82 -10.41
C ASN C 505 27.65 -19.17 -10.06
N VAL C 506 26.63 -19.14 -9.21
CA VAL C 506 25.99 -20.33 -8.69
C VAL C 506 24.70 -20.62 -9.44
N HIS C 507 24.67 -21.74 -10.15
CA HIS C 507 23.50 -22.11 -10.92
C HIS C 507 22.63 -23.12 -10.18
N MET C 508 21.34 -22.84 -10.16
CA MET C 508 20.38 -23.80 -9.65
C MET C 508 19.46 -24.23 -10.78
N LYS C 509 19.16 -25.52 -10.83
CA LYS C 509 18.24 -26.06 -11.81
C LYS C 509 17.28 -27.01 -11.10
N GLN C 510 16.02 -26.99 -11.48
CA GLN C 510 15.04 -27.88 -10.90
C GLN C 510 14.40 -28.77 -11.96
N GLU C 511 13.79 -29.85 -11.51
CA GLU C 511 13.15 -30.80 -12.40
C GLU C 511 12.42 -31.83 -11.54
N HIS C 512 11.23 -32.21 -11.98
CA HIS C 512 10.45 -33.18 -11.22
C HIS C 512 11.26 -34.43 -10.94
N TYR C 513 11.48 -34.69 -9.65
CA TYR C 513 12.17 -35.90 -9.23
C TYR C 513 11.22 -37.09 -9.24
N MET C 514 11.58 -38.12 -9.99
CA MET C 514 10.74 -39.31 -10.10
C MET C 514 11.57 -40.52 -10.53
N LYS C 515 11.21 -41.69 -10.02
CA LYS C 515 11.90 -42.93 -10.35
C LYS C 515 12.35 -42.98 -11.81
N ALA C 520 10.99 -42.60 -20.82
CA ALA C 520 9.86 -42.58 -19.90
C ALA C 520 9.78 -41.29 -19.07
N PRO C 521 10.92 -40.84 -18.51
CA PRO C 521 10.92 -39.64 -17.67
C PRO C 521 10.66 -38.37 -18.49
N ASP C 522 9.47 -37.78 -18.35
CA ASP C 522 9.12 -36.59 -19.11
C ASP C 522 7.97 -35.81 -18.48
N THR C 523 8.30 -34.95 -17.52
CA THR C 523 7.27 -34.12 -16.88
C THR C 523 7.65 -32.65 -16.91
N GLY C 524 6.64 -31.78 -16.98
CA GLY C 524 6.85 -30.35 -17.07
C GLY C 524 6.62 -29.62 -15.76
N TYR C 525 6.52 -30.38 -14.66
CA TYR C 525 6.26 -29.80 -13.35
C TYR C 525 7.28 -28.73 -12.99
N LEU C 526 6.83 -27.76 -12.19
CA LEU C 526 7.63 -26.58 -11.91
C LEU C 526 7.17 -25.96 -10.59
N TRP C 527 8.12 -25.75 -9.68
CA TRP C 527 7.80 -25.20 -8.37
C TRP C 527 8.38 -23.80 -8.16
N HIS C 528 7.93 -23.16 -7.08
CA HIS C 528 8.59 -21.98 -6.55
C HIS C 528 9.32 -22.47 -5.32
N VAL C 529 10.57 -22.89 -5.49
CA VAL C 529 11.30 -23.52 -4.40
C VAL C 529 12.11 -22.52 -3.57
N PRO C 530 11.79 -22.42 -2.27
CA PRO C 530 12.39 -21.48 -1.33
C PRO C 530 13.75 -21.97 -0.87
N LEU C 531 14.74 -21.89 -1.75
CA LEU C 531 16.05 -22.45 -1.43
C LEU C 531 16.70 -21.77 -0.23
N THR C 532 17.54 -22.53 0.47
CA THR C 532 18.43 -21.98 1.47
C THR C 532 19.80 -22.64 1.27
N PHE C 533 20.87 -21.93 1.63
CA PHE C 533 22.19 -22.50 1.50
C PHE C 533 23.19 -21.86 2.45
N ILE C 534 24.23 -22.62 2.80
CA ILE C 534 25.33 -22.10 3.58
C ILE C 534 26.62 -22.24 2.79
N THR C 535 27.59 -21.41 3.16
CA THR C 535 28.83 -21.29 2.40
C THR C 535 30.00 -21.50 3.36
N SER C 536 31.16 -21.88 2.82
CA SER C 536 32.35 -22.05 3.63
C SER C 536 32.78 -20.71 4.22
N LYS C 537 32.55 -19.65 3.46
CA LYS C 537 32.89 -18.30 3.89
C LYS C 537 31.83 -17.77 4.84
N SER C 538 30.57 -17.84 4.41
CA SER C 538 29.46 -17.34 5.22
C SER C 538 29.40 -18.02 6.58
N ASP C 539 28.80 -17.32 7.54
CA ASP C 539 28.54 -17.89 8.84
C ASP C 539 27.03 -18.00 9.04
N MET C 540 26.29 -17.44 8.08
CA MET C 540 24.83 -17.35 8.18
C MET C 540 24.12 -18.11 7.07
N VAL C 541 22.82 -18.30 7.24
CA VAL C 541 22.02 -18.99 6.23
C VAL C 541 21.45 -18.02 5.21
N HIS C 542 21.61 -18.35 3.93
CA HIS C 542 21.15 -17.53 2.83
C HIS C 542 19.87 -18.06 2.22
N ARG C 543 19.17 -17.20 1.48
CA ARG C 543 17.91 -17.57 0.85
C ARG C 543 17.89 -17.21 -0.62
N PHE C 544 17.12 -17.97 -1.39
CA PHE C 544 16.90 -17.66 -2.79
C PHE C 544 15.66 -18.36 -3.32
N LEU C 545 14.70 -17.58 -3.79
CA LEU C 545 13.46 -18.12 -4.32
C LEU C 545 13.63 -18.51 -5.79
N LEU C 546 13.47 -19.80 -6.06
CA LEU C 546 13.62 -20.35 -7.40
C LEU C 546 12.26 -20.43 -8.08
N LYS C 547 11.99 -19.50 -9.00
CA LYS C 547 10.68 -19.42 -9.65
C LYS C 547 10.64 -20.06 -11.03
N THR C 548 11.81 -20.26 -11.63
CA THR C 548 11.88 -20.72 -13.01
C THR C 548 12.73 -21.98 -13.13
N LYS C 549 12.75 -22.56 -14.32
CA LYS C 549 13.52 -23.79 -14.53
C LYS C 549 15.00 -23.64 -14.17
N THR C 550 15.54 -22.45 -14.42
CA THR C 550 16.95 -22.19 -14.12
C THR C 550 17.14 -20.75 -13.67
N ASP C 551 18.11 -20.53 -12.77
CA ASP C 551 18.47 -19.18 -12.34
C ASP C 551 19.93 -19.13 -11.91
N VAL C 552 20.48 -17.93 -11.82
CA VAL C 552 21.86 -17.75 -11.38
C VAL C 552 21.93 -16.98 -10.06
N LEU C 553 23.05 -17.13 -9.37
CA LEU C 553 23.24 -16.51 -8.09
C LEU C 553 24.67 -16.03 -8.04
N ILE C 554 24.89 -14.81 -7.55
CA ILE C 554 26.26 -14.29 -7.51
C ILE C 554 26.76 -14.08 -6.09
N LEU C 555 27.74 -14.89 -5.70
CA LEU C 555 28.40 -14.75 -4.43
C LEU C 555 29.47 -13.66 -4.55
N PRO C 556 29.87 -13.10 -3.41
CA PRO C 556 30.90 -12.06 -3.32
C PRO C 556 32.31 -12.58 -3.58
N GLU C 557 32.54 -13.84 -3.24
CA GLU C 557 33.84 -14.44 -3.50
C GLU C 557 33.67 -15.93 -3.78
N GLU C 558 34.64 -16.51 -4.49
CA GLU C 558 34.62 -17.94 -4.73
C GLU C 558 34.57 -18.66 -3.38
N VAL C 559 33.94 -19.82 -3.34
CA VAL C 559 33.81 -20.56 -2.09
C VAL C 559 34.49 -21.92 -2.15
N GLU C 560 34.92 -22.41 -0.98
CA GLU C 560 35.52 -23.74 -0.89
C GLU C 560 34.47 -24.84 -0.99
N TRP C 561 33.30 -24.58 -0.39
CA TRP C 561 32.16 -25.49 -0.53
C TRP C 561 30.85 -24.75 -0.30
N ILE C 562 29.77 -25.28 -0.85
CA ILE C 562 28.45 -24.70 -0.68
C ILE C 562 27.40 -25.80 -0.55
N LYS C 563 26.48 -25.62 0.39
CA LYS C 563 25.51 -26.66 0.74
C LYS C 563 24.07 -26.12 0.74
N PHE C 564 23.23 -26.68 -0.11
CA PHE C 564 21.84 -26.27 -0.20
C PHE C 564 20.93 -27.12 0.70
N ASN C 565 19.72 -26.62 0.93
CA ASN C 565 18.78 -27.29 1.81
C ASN C 565 19.37 -27.43 3.20
N VAL C 566 19.74 -26.30 3.79
CA VAL C 566 20.35 -26.28 5.11
C VAL C 566 19.36 -26.82 6.13
N GLY C 567 19.88 -27.51 7.15
CA GLY C 567 19.07 -28.07 8.21
C GLY C 567 18.14 -29.17 7.73
N MET C 568 18.12 -29.39 6.42
CA MET C 568 17.28 -30.41 5.81
C MET C 568 15.80 -30.04 5.93
N ASN C 569 15.51 -28.75 6.01
CA ASN C 569 14.16 -28.26 6.22
C ASN C 569 13.32 -28.08 4.96
N GLY C 570 13.93 -28.30 3.80
CA GLY C 570 13.22 -28.13 2.54
C GLY C 570 12.77 -29.44 1.92
N TYR C 571 11.61 -29.41 1.30
CA TYR C 571 11.03 -30.60 0.70
C TYR C 571 11.53 -30.82 -0.72
N TYR C 572 12.83 -31.06 -0.86
CA TYR C 572 13.46 -31.30 -2.15
C TYR C 572 14.82 -31.95 -1.93
N ILE C 573 15.34 -32.66 -2.92
CA ILE C 573 16.69 -33.19 -2.80
C ILE C 573 17.63 -32.47 -3.74
N VAL C 574 18.88 -32.33 -3.32
CA VAL C 574 19.84 -31.54 -4.09
C VAL C 574 21.03 -32.37 -4.59
N HIS C 575 21.42 -32.12 -5.83
CA HIS C 575 22.58 -32.76 -6.46
C HIS C 575 23.62 -31.70 -6.85
N TYR C 576 24.90 -32.02 -6.66
CA TYR C 576 25.96 -31.07 -6.96
C TYR C 576 26.72 -31.41 -8.22
N GLU C 577 26.60 -30.54 -9.22
CA GLU C 577 27.28 -30.67 -10.49
C GLU C 577 28.79 -30.65 -10.30
N ASP C 578 29.55 -31.00 -11.34
CA ASP C 578 30.99 -31.09 -11.25
C ASP C 578 31.33 -32.03 -10.10
N ASP C 579 32.22 -31.58 -9.22
CA ASP C 579 32.50 -32.35 -8.01
C ASP C 579 32.34 -31.52 -6.75
N GLY C 580 31.10 -31.06 -6.53
CA GLY C 580 30.74 -30.40 -5.29
C GLY C 580 30.54 -31.46 -4.23
N TRP C 581 30.18 -32.64 -4.67
CA TRP C 581 30.13 -33.79 -3.78
C TRP C 581 31.50 -33.99 -3.16
N ASP C 582 32.52 -34.02 -4.02
CA ASP C 582 33.89 -34.18 -3.58
C ASP C 582 34.24 -33.27 -2.41
N SER C 583 33.96 -31.97 -2.58
CA SER C 583 34.25 -31.02 -1.52
C SER C 583 33.44 -31.31 -0.25
N LEU C 584 32.21 -31.78 -0.43
CA LEU C 584 31.37 -32.11 0.71
C LEU C 584 31.87 -33.36 1.42
N THR C 585 32.13 -34.42 0.67
CA THR C 585 32.65 -35.65 1.25
C THR C 585 34.03 -35.37 1.83
N GLY C 586 34.75 -34.45 1.19
CA GLY C 586 36.02 -33.99 1.72
C GLY C 586 35.76 -33.17 2.96
N LEU C 587 34.72 -32.36 2.89
CA LEU C 587 34.32 -31.51 4.01
C LEU C 587 34.01 -32.36 5.22
N LEU C 588 33.22 -33.41 5.03
CA LEU C 588 32.76 -34.26 6.13
C LEU C 588 33.88 -35.10 6.74
N LYS C 589 34.77 -35.60 5.91
CA LYS C 589 35.87 -36.44 6.38
C LYS C 589 36.97 -35.63 7.08
N GLY C 590 37.12 -34.37 6.68
CA GLY C 590 38.05 -33.46 7.32
C GLY C 590 37.49 -32.89 8.61
N THR C 591 36.37 -32.18 8.50
CA THR C 591 35.74 -31.55 9.65
C THR C 591 34.22 -31.62 9.53
N HIS C 592 33.65 -32.73 9.98
CA HIS C 592 32.22 -32.99 9.77
C HIS C 592 31.29 -32.08 10.57
N THR C 593 31.82 -31.41 11.59
CA THR C 593 30.99 -30.53 12.41
C THR C 593 30.73 -29.18 11.75
N ALA C 594 31.48 -28.90 10.69
CA ALA C 594 31.32 -27.66 9.92
C ALA C 594 29.88 -27.43 9.52
N VAL C 595 29.12 -28.51 9.42
CA VAL C 595 27.71 -28.43 9.11
C VAL C 595 26.94 -29.19 10.19
N SER C 596 25.64 -28.93 10.31
CA SER C 596 24.85 -29.53 11.38
C SER C 596 24.70 -31.04 11.22
N SER C 597 24.19 -31.67 12.27
CA SER C 597 23.90 -33.10 12.23
C SER C 597 22.94 -33.41 11.08
N ASN C 598 21.85 -32.68 11.02
CA ASN C 598 20.84 -32.90 9.97
C ASN C 598 21.36 -32.59 8.57
N ASP C 599 22.27 -31.63 8.48
CA ASP C 599 22.94 -31.34 7.23
C ASP C 599 23.67 -32.59 6.73
N ARG C 600 24.40 -33.22 7.64
CA ARG C 600 25.14 -34.43 7.31
C ARG C 600 24.19 -35.55 6.90
N ALA C 601 23.08 -35.68 7.63
CA ALA C 601 22.09 -36.72 7.36
C ALA C 601 21.44 -36.57 5.99
N SER C 602 21.15 -35.34 5.59
CA SER C 602 20.56 -35.08 4.27
C SER C 602 21.56 -35.41 3.17
N LEU C 603 22.84 -35.14 3.43
CA LEU C 603 23.89 -35.44 2.47
C LEU C 603 23.97 -36.93 2.17
N ILE C 604 24.02 -37.74 3.22
CA ILE C 604 24.03 -39.19 3.09
C ILE C 604 22.77 -39.68 2.38
N ASN C 605 21.63 -39.17 2.83
CA ASN C 605 20.36 -39.53 2.22
C ASN C 605 20.35 -39.26 0.73
N ASN C 606 20.42 -37.99 0.38
CA ASN C 606 20.40 -37.57 -1.02
C ASN C 606 21.44 -38.32 -1.84
N ALA C 607 22.63 -38.49 -1.28
CA ALA C 607 23.71 -39.16 -2.00
C ALA C 607 23.25 -40.50 -2.53
N PHE C 608 22.66 -41.31 -1.66
CA PHE C 608 22.26 -42.66 -2.02
C PHE C 608 21.03 -42.69 -2.94
N GLN C 609 20.13 -41.74 -2.76
CA GLN C 609 18.99 -41.61 -3.66
C GLN C 609 19.44 -41.35 -5.09
N LEU C 610 20.27 -40.33 -5.28
CA LEU C 610 20.85 -40.01 -6.57
C LEU C 610 21.59 -41.20 -7.20
N VAL C 611 22.27 -41.98 -6.37
CA VAL C 611 22.93 -43.18 -6.85
C VAL C 611 21.92 -44.15 -7.47
N SER C 612 20.72 -44.17 -6.90
CA SER C 612 19.71 -45.15 -7.29
C SER C 612 18.87 -44.64 -8.45
N ILE C 613 19.18 -43.44 -8.93
CA ILE C 613 18.53 -42.90 -10.11
C ILE C 613 19.58 -42.61 -11.17
N GLY C 614 20.81 -43.04 -10.91
CA GLY C 614 21.87 -43.01 -11.90
C GLY C 614 22.48 -41.63 -12.14
N LYS C 615 22.44 -40.77 -11.13
CA LYS C 615 23.06 -39.46 -11.25
C LYS C 615 24.33 -39.38 -10.43
N LEU C 616 24.50 -40.36 -9.55
CA LEU C 616 25.68 -40.42 -8.71
C LEU C 616 26.17 -41.86 -8.70
N SER C 617 27.48 -42.04 -8.70
CA SER C 617 28.05 -43.37 -8.75
C SER C 617 28.08 -44.01 -7.36
N ILE C 618 27.80 -45.31 -7.30
CA ILE C 618 27.75 -46.02 -6.02
C ILE C 618 28.98 -45.77 -5.15
N GLU C 619 30.15 -45.66 -5.78
CA GLU C 619 31.38 -45.44 -5.04
C GLU C 619 31.38 -44.07 -4.36
N LYS C 620 30.94 -43.05 -5.10
CA LYS C 620 30.90 -41.68 -4.60
C LYS C 620 30.14 -41.60 -3.28
N ALA C 621 29.04 -42.33 -3.20
CA ALA C 621 28.19 -42.34 -2.02
C ALA C 621 28.79 -43.17 -0.90
N LEU C 622 29.54 -44.21 -1.28
CA LEU C 622 30.27 -45.03 -0.32
C LEU C 622 31.46 -44.25 0.22
N ASP C 623 32.20 -43.62 -0.68
CA ASP C 623 33.29 -42.72 -0.31
C ASP C 623 32.77 -41.73 0.71
N LEU C 624 31.55 -41.25 0.50
CA LEU C 624 30.93 -40.31 1.40
C LEU C 624 30.73 -40.95 2.77
N SER C 625 30.21 -42.18 2.78
CA SER C 625 29.85 -42.86 4.01
C SER C 625 31.04 -43.08 4.95
N LEU C 626 32.24 -43.18 4.37
CA LEU C 626 33.46 -43.36 5.15
C LEU C 626 33.56 -42.36 6.29
N TYR C 627 32.98 -41.17 6.09
CA TYR C 627 33.01 -40.15 7.13
C TYR C 627 32.32 -40.66 8.40
N LEU C 628 31.41 -41.61 8.25
CA LEU C 628 30.62 -42.10 9.38
C LEU C 628 31.45 -42.65 10.54
N LYS C 629 32.70 -43.00 10.26
CA LYS C 629 33.60 -43.50 11.28
C LYS C 629 33.70 -42.53 12.47
N HIS C 630 33.42 -41.25 12.22
CA HIS C 630 33.59 -40.23 13.24
C HIS C 630 32.26 -39.71 13.77
N GLU C 631 31.16 -40.21 13.21
CA GLU C 631 29.84 -39.69 13.55
C GLU C 631 29.46 -40.06 14.99
N THR C 632 28.73 -39.15 15.65
CA THR C 632 28.27 -39.37 17.01
C THR C 632 26.76 -39.19 17.12
N GLU C 633 26.16 -38.65 16.06
CA GLU C 633 24.75 -38.27 16.11
C GLU C 633 23.84 -39.32 15.48
N ILE C 634 22.67 -39.49 16.08
CA ILE C 634 21.73 -40.53 15.69
C ILE C 634 21.37 -40.43 14.22
N MET C 635 20.75 -39.31 13.85
CA MET C 635 20.17 -39.12 12.51
C MET C 635 21.06 -39.60 11.36
N PRO C 636 22.31 -39.09 11.29
CA PRO C 636 23.24 -39.49 10.23
C PRO C 636 23.48 -41.00 10.17
N VAL C 637 23.75 -41.61 11.32
CA VAL C 637 24.01 -43.05 11.37
C VAL C 637 22.82 -43.86 10.84
N PHE C 638 21.61 -43.46 11.22
CA PHE C 638 20.42 -44.18 10.77
C PHE C 638 20.24 -44.04 9.26
N GLN C 639 20.64 -42.89 8.72
CA GLN C 639 20.62 -42.71 7.27
C GLN C 639 21.58 -43.70 6.64
N GLY C 640 22.78 -43.79 7.19
CA GLY C 640 23.77 -44.74 6.70
C GLY C 640 23.24 -46.15 6.69
N LEU C 641 22.89 -46.65 7.87
CA LEU C 641 22.38 -48.01 7.99
C LEU C 641 21.21 -48.27 7.05
N ASN C 642 20.20 -47.40 7.09
CA ASN C 642 19.02 -47.56 6.25
C ASN C 642 19.32 -47.75 4.77
N GLU C 643 20.50 -47.30 4.33
CA GLU C 643 20.88 -47.40 2.93
C GLU C 643 21.90 -48.49 2.70
N LEU C 644 22.77 -48.70 3.68
CA LEU C 644 23.84 -49.68 3.57
C LEU C 644 23.38 -51.11 3.89
N ILE C 645 22.68 -51.29 5.00
CA ILE C 645 22.23 -52.61 5.44
C ILE C 645 21.58 -53.42 4.32
N PRO C 646 20.51 -52.89 3.72
CA PRO C 646 19.77 -53.63 2.69
C PRO C 646 20.65 -54.12 1.54
N MET C 647 21.79 -53.48 1.33
CA MET C 647 22.72 -53.91 0.29
C MET C 647 23.18 -55.34 0.53
N TYR C 648 23.81 -55.59 1.67
CA TYR C 648 24.36 -56.92 1.94
C TYR C 648 23.26 -57.95 2.19
N LYS C 649 22.05 -57.47 2.46
CA LYS C 649 20.91 -58.37 2.62
C LYS C 649 20.54 -59.02 1.28
N LEU C 650 20.86 -58.33 0.19
CA LEU C 650 20.66 -58.90 -1.12
C LEU C 650 21.80 -59.86 -1.42
N MET C 651 22.97 -59.55 -0.86
CA MET C 651 24.17 -60.37 -1.05
C MET C 651 24.07 -61.68 -0.29
N GLU C 652 23.43 -61.62 0.88
CA GLU C 652 23.21 -62.82 1.70
C GLU C 652 22.49 -63.90 0.94
N LYS C 653 21.69 -63.50 -0.04
CA LYS C 653 20.91 -64.44 -0.83
C LYS C 653 21.48 -64.56 -2.24
N ARG C 654 22.81 -64.51 -2.31
CA ARG C 654 23.55 -64.75 -3.52
C ARG C 654 24.66 -65.76 -3.27
N ASP C 655 25.25 -66.28 -4.34
CA ASP C 655 26.36 -67.22 -4.20
C ASP C 655 27.56 -66.52 -3.57
N MET C 656 27.96 -65.40 -4.15
CA MET C 656 29.22 -64.74 -3.79
C MET C 656 29.29 -64.27 -2.34
N ASN C 657 30.05 -65.01 -1.54
CA ASN C 657 30.24 -64.72 -0.13
C ASN C 657 31.37 -63.74 0.16
N GLU C 658 32.46 -63.85 -0.61
CA GLU C 658 33.59 -62.96 -0.47
C GLU C 658 33.18 -61.50 -0.47
N VAL C 659 32.36 -61.11 -1.45
CA VAL C 659 31.81 -59.76 -1.46
C VAL C 659 31.03 -59.51 -0.19
N GLU C 660 30.12 -60.43 0.13
CA GLU C 660 29.25 -60.28 1.30
C GLU C 660 30.01 -60.10 2.61
N THR C 661 31.05 -60.90 2.81
CA THR C 661 31.81 -60.85 4.06
C THR C 661 32.66 -59.60 4.15
N GLN C 662 33.31 -59.25 3.05
CA GLN C 662 34.13 -58.03 3.00
C GLN C 662 33.27 -56.80 3.27
N PHE C 663 32.05 -56.83 2.74
CA PHE C 663 31.12 -55.72 2.91
C PHE C 663 30.76 -55.57 4.38
N LYS C 664 30.47 -56.69 5.03
CA LYS C 664 30.11 -56.68 6.45
C LYS C 664 31.33 -56.28 7.27
N ALA C 665 32.47 -56.83 6.90
CA ALA C 665 33.75 -56.40 7.44
C ALA C 665 33.83 -54.88 7.37
N PHE C 666 33.57 -54.35 6.19
CA PHE C 666 33.60 -52.90 5.96
C PHE C 666 32.66 -52.15 6.89
N LEU C 667 31.44 -52.66 7.05
CA LEU C 667 30.46 -52.03 7.92
C LEU C 667 30.94 -51.95 9.37
N ILE C 668 31.28 -53.11 9.94
CA ILE C 668 31.67 -53.18 11.34
C ILE C 668 32.89 -52.30 11.64
N ARG C 669 33.76 -52.13 10.66
CA ARG C 669 34.93 -51.28 10.80
C ARG C 669 34.52 -49.80 10.86
N LEU C 670 33.44 -49.49 10.16
CA LEU C 670 32.91 -48.13 10.12
C LEU C 670 32.29 -47.76 11.47
N LEU C 671 31.40 -48.64 11.94
CA LEU C 671 30.62 -48.39 13.15
C LEU C 671 31.34 -48.82 14.42
N ARG C 672 32.47 -49.49 14.24
CA ARG C 672 33.30 -49.98 15.34
C ARG C 672 33.30 -49.02 16.55
N ASP C 673 33.83 -47.82 16.34
CA ASP C 673 33.96 -46.83 17.40
C ASP C 673 32.64 -46.55 18.12
N LEU C 674 31.61 -46.25 17.34
CA LEU C 674 30.29 -45.97 17.87
C LEU C 674 29.76 -47.15 18.67
N ILE C 675 30.05 -48.35 18.19
CA ILE C 675 29.61 -49.57 18.86
C ILE C 675 30.22 -49.65 20.26
N ASP C 676 31.47 -49.23 20.38
CA ASP C 676 32.17 -49.27 21.66
C ASP C 676 31.63 -48.22 22.63
N LYS C 677 31.28 -47.05 22.10
CA LYS C 677 30.73 -45.97 22.92
C LYS C 677 29.38 -46.34 23.53
N GLN C 678 28.74 -47.37 22.98
CA GLN C 678 27.44 -47.79 23.46
C GLN C 678 27.48 -48.28 24.90
N THR C 679 26.65 -47.68 25.74
CA THR C 679 26.42 -48.18 27.09
C THR C 679 25.55 -49.43 26.97
N TRP C 680 25.69 -50.35 27.91
CA TRP C 680 24.85 -51.52 27.91
C TRP C 680 23.71 -51.37 28.91
N THR C 681 22.98 -50.27 28.77
CA THR C 681 21.90 -49.93 29.70
C THR C 681 20.60 -49.63 28.96
N ASP C 682 19.59 -49.21 29.71
CA ASP C 682 18.31 -48.78 29.13
C ASP C 682 18.15 -47.27 29.23
N GLU C 683 19.25 -46.57 29.42
CA GLU C 683 19.20 -45.12 29.58
C GLU C 683 19.16 -44.41 28.23
N GLY C 684 18.74 -43.15 28.23
CA GLY C 684 18.64 -42.38 27.00
C GLY C 684 17.22 -42.22 26.51
N SER C 685 17.03 -41.43 25.46
CA SER C 685 15.71 -41.18 24.88
C SER C 685 15.33 -42.31 23.94
N VAL C 686 14.05 -42.34 23.55
CA VAL C 686 13.52 -43.38 22.69
C VAL C 686 14.45 -43.72 21.52
N SER C 687 15.03 -42.69 20.89
CA SER C 687 15.87 -42.89 19.72
C SER C 687 17.29 -43.32 20.08
N GLU C 688 17.83 -42.77 21.16
CA GLU C 688 19.15 -43.17 21.64
C GLU C 688 19.14 -44.64 22.03
N ARG C 689 18.07 -45.06 22.69
CA ARG C 689 17.90 -46.46 23.06
C ARG C 689 17.76 -47.31 21.80
N MET C 690 16.88 -46.89 20.89
CA MET C 690 16.69 -47.59 19.62
C MET C 690 18.01 -47.83 18.91
N LEU C 691 18.89 -46.84 18.98
CA LEU C 691 20.20 -46.94 18.33
C LEU C 691 21.07 -47.98 19.03
N ARG C 692 21.13 -47.88 20.36
CA ARG C 692 21.88 -48.84 21.18
C ARG C 692 21.45 -50.25 20.81
N SER C 693 20.18 -50.55 21.01
CA SER C 693 19.62 -51.83 20.60
C SER C 693 20.16 -52.28 19.24
N GLU C 694 19.89 -51.47 18.21
CA GLU C 694 20.19 -51.86 16.83
C GLU C 694 21.68 -51.98 16.52
N LEU C 695 22.51 -51.20 17.21
CA LEU C 695 23.96 -51.29 17.02
C LEU C 695 24.51 -52.58 17.61
N LEU C 696 24.16 -52.87 18.86
CA LEU C 696 24.64 -54.07 19.53
C LEU C 696 24.16 -55.32 18.81
N LEU C 697 22.86 -55.39 18.55
CA LEU C 697 22.29 -56.51 17.81
C LEU C 697 23.10 -56.79 16.56
N LEU C 698 23.35 -55.75 15.78
CA LEU C 698 24.12 -55.84 14.54
C LEU C 698 25.51 -56.40 14.79
N ALA C 699 26.26 -55.74 15.67
CA ALA C 699 27.61 -56.16 16.00
C ALA C 699 27.68 -57.64 16.39
N CYS C 700 26.78 -58.06 17.28
CA CYS C 700 26.80 -59.44 17.75
C CYS C 700 26.43 -60.43 16.65
N VAL C 701 25.49 -60.04 15.80
CA VAL C 701 25.07 -60.89 14.68
C VAL C 701 26.19 -61.09 13.68
N HIS C 702 27.10 -60.11 13.62
CA HIS C 702 28.20 -60.15 12.67
C HIS C 702 29.52 -60.53 13.37
N ASN C 703 29.39 -61.24 14.48
CA ASN C 703 30.54 -61.80 15.19
C ASN C 703 31.64 -60.78 15.50
N TYR C 704 31.26 -59.54 15.77
CA TYR C 704 32.21 -58.57 16.29
C TYR C 704 32.55 -58.97 17.71
N GLN C 705 33.71 -59.61 17.86
CA GLN C 705 34.05 -60.33 19.09
C GLN C 705 33.74 -59.60 20.40
N PRO C 706 34.29 -58.39 20.58
CA PRO C 706 34.08 -57.62 21.83
C PRO C 706 32.63 -57.61 22.30
N CYS C 707 31.70 -57.29 21.40
CA CYS C 707 30.28 -57.30 21.76
C CYS C 707 29.77 -58.72 21.98
N VAL C 708 30.11 -59.61 21.06
CA VAL C 708 29.72 -61.02 21.18
C VAL C 708 30.13 -61.56 22.55
N GLN C 709 31.43 -61.46 22.85
CA GLN C 709 31.96 -61.87 24.14
C GLN C 709 31.07 -61.39 25.28
N ARG C 710 31.00 -60.08 25.43
CA ARG C 710 30.20 -59.47 26.48
C ARG C 710 28.79 -60.08 26.49
N ALA C 711 28.18 -60.15 25.31
CA ALA C 711 26.86 -60.73 25.15
C ALA C 711 26.77 -62.14 25.73
N GLU C 712 27.76 -62.97 25.42
CA GLU C 712 27.83 -64.33 25.93
C GLU C 712 27.72 -64.36 27.45
N GLY C 713 28.60 -63.61 28.11
CA GLY C 713 28.60 -63.53 29.56
C GLY C 713 27.26 -63.15 30.14
N TYR C 714 26.70 -62.05 29.65
CA TYR C 714 25.39 -61.59 30.11
C TYR C 714 24.35 -62.70 30.00
N PHE C 715 24.40 -63.44 28.90
CA PHE C 715 23.46 -64.53 28.70
C PHE C 715 23.69 -65.70 29.67
N ARG C 716 24.96 -65.93 30.00
CA ARG C 716 25.34 -66.99 30.94
C ARG C 716 24.85 -66.69 32.34
N LYS C 717 25.01 -65.44 32.77
CA LYS C 717 24.55 -65.00 34.07
C LYS C 717 23.02 -65.05 34.13
N TRP C 718 22.37 -64.95 32.97
CA TRP C 718 20.92 -64.97 32.90
C TRP C 718 20.37 -66.38 32.76
N LYS C 719 21.19 -67.30 32.25
CA LYS C 719 20.80 -68.69 32.14
C LYS C 719 20.85 -69.35 33.50
N GLU C 720 21.99 -69.17 34.18
CA GLU C 720 22.18 -69.70 35.52
C GLU C 720 21.43 -68.83 36.52
N SER C 721 20.46 -68.05 36.03
CA SER C 721 19.82 -67.04 36.86
C SER C 721 18.71 -67.55 37.78
N ASN C 722 17.70 -68.24 37.25
CA ASN C 722 17.54 -68.47 35.82
C ASN C 722 16.43 -67.58 35.27
N GLY C 723 16.78 -66.71 34.33
CA GLY C 723 15.82 -65.73 33.83
C GLY C 723 15.30 -64.87 34.96
N ASN C 724 15.99 -64.92 36.10
CA ASN C 724 15.58 -64.19 37.29
C ASN C 724 16.09 -62.75 37.31
N LEU C 725 17.41 -62.57 37.27
CA LEU C 725 17.99 -61.24 37.26
C LEU C 725 17.54 -60.48 36.02
N SER C 726 17.18 -59.21 36.22
CA SER C 726 16.68 -58.38 35.13
C SER C 726 17.75 -58.08 34.08
N LEU C 727 17.32 -57.99 32.82
CA LEU C 727 18.20 -57.64 31.72
C LEU C 727 17.63 -56.45 30.98
N PRO C 728 18.48 -55.44 30.72
CA PRO C 728 18.10 -54.25 29.96
C PRO C 728 17.52 -54.61 28.59
N VAL C 729 16.29 -54.17 28.32
CA VAL C 729 15.61 -54.49 27.06
C VAL C 729 16.39 -54.02 25.83
N ASP C 730 17.25 -53.03 26.01
CA ASP C 730 18.05 -52.49 24.91
C ASP C 730 19.07 -53.52 24.42
N VAL C 731 19.53 -54.37 25.33
CA VAL C 731 20.57 -55.34 25.01
C VAL C 731 20.06 -56.78 24.90
N THR C 732 18.89 -57.06 25.46
CA THR C 732 18.37 -58.43 25.45
C THR C 732 18.25 -58.99 24.04
N LEU C 733 17.90 -58.13 23.09
CA LEU C 733 17.77 -58.55 21.71
C LEU C 733 19.05 -59.24 21.23
N ALA C 734 20.17 -58.55 21.36
CA ALA C 734 21.47 -59.11 20.99
C ALA C 734 21.86 -60.27 21.91
N VAL C 735 21.59 -60.12 23.20
CA VAL C 735 21.96 -61.14 24.18
C VAL C 735 21.30 -62.49 23.88
N PHE C 736 19.98 -62.49 23.72
CA PHE C 736 19.27 -63.70 23.34
C PHE C 736 19.76 -64.16 21.99
N ALA C 737 19.92 -63.22 21.06
CA ALA C 737 20.39 -63.54 19.71
C ALA C 737 21.67 -64.37 19.80
N VAL C 738 22.60 -63.91 20.62
CA VAL C 738 23.85 -64.63 20.83
C VAL C 738 23.61 -65.93 21.60
N GLY C 739 22.82 -65.84 22.66
CA GLY C 739 22.52 -66.99 23.48
C GLY C 739 21.97 -68.17 22.71
N ALA C 740 21.04 -67.89 21.79
CA ALA C 740 20.36 -68.96 21.05
C ALA C 740 21.29 -69.71 20.11
N GLN C 741 22.54 -69.29 20.03
CA GLN C 741 23.51 -69.96 19.17
C GLN C 741 23.90 -71.35 19.68
N SER C 742 24.03 -71.49 21.00
CA SER C 742 24.30 -72.78 21.60
C SER C 742 23.03 -73.63 21.61
N THR C 743 23.18 -74.93 21.35
CA THR C 743 22.02 -75.82 21.29
C THR C 743 21.35 -75.99 22.65
N GLU C 744 22.06 -75.63 23.71
CA GLU C 744 21.50 -75.70 25.05
C GLU C 744 20.82 -74.39 25.40
N GLY C 745 21.46 -73.28 25.03
CA GLY C 745 20.91 -71.96 25.26
C GLY C 745 19.65 -71.75 24.44
N TRP C 746 19.66 -72.29 23.23
CA TRP C 746 18.50 -72.24 22.36
C TRP C 746 17.30 -72.86 23.06
N ASP C 747 17.47 -74.08 23.55
CA ASP C 747 16.41 -74.80 24.26
C ASP C 747 15.97 -74.07 25.51
N PHE C 748 16.94 -73.56 26.29
CA PHE C 748 16.61 -72.78 27.47
C PHE C 748 15.63 -71.67 27.11
N LEU C 749 15.93 -70.96 26.03
CA LEU C 749 15.09 -69.86 25.56
C LEU C 749 13.70 -70.35 25.20
N TYR C 750 13.62 -71.56 24.66
CA TYR C 750 12.34 -72.09 24.22
C TYR C 750 11.42 -72.47 25.37
N SER C 751 12.00 -72.87 26.49
CA SER C 751 11.21 -73.19 27.68
C SER C 751 10.75 -71.89 28.32
N LYS C 752 11.68 -70.96 28.50
CA LYS C 752 11.38 -69.65 29.05
C LYS C 752 10.40 -68.92 28.13
N TYR C 753 10.30 -69.42 26.90
CA TYR C 753 9.47 -68.83 25.85
C TYR C 753 7.98 -68.88 26.20
N GLN C 754 7.63 -69.70 27.18
CA GLN C 754 6.24 -69.87 27.57
C GLN C 754 5.86 -68.89 28.68
N PHE C 755 6.78 -68.70 29.63
CA PHE C 755 6.56 -67.74 30.71
C PHE C 755 7.06 -66.36 30.29
N SER C 756 7.03 -66.10 28.99
CA SER C 756 7.48 -64.82 28.48
C SER C 756 6.50 -63.72 28.85
N LEU C 757 5.34 -64.11 29.36
CA LEU C 757 4.35 -63.17 29.87
C LEU C 757 3.73 -62.29 28.80
N SER C 758 3.52 -62.84 27.61
CA SER C 758 2.93 -62.08 26.52
C SER C 758 3.55 -60.70 26.48
N SER C 759 4.86 -60.64 26.70
CA SER C 759 5.57 -59.37 26.85
C SER C 759 6.21 -58.93 25.54
N THR C 760 7.00 -57.86 25.62
CA THR C 760 7.84 -57.47 24.52
C THR C 760 8.97 -58.50 24.45
N GLU C 761 9.30 -59.05 25.62
CA GLU C 761 10.36 -60.04 25.76
C GLU C 761 10.12 -61.25 24.87
N LYS C 762 8.88 -61.71 24.79
CA LYS C 762 8.56 -62.86 23.96
C LYS C 762 8.97 -62.62 22.51
N SER C 763 8.54 -61.49 21.97
CA SER C 763 8.90 -61.12 20.60
C SER C 763 10.40 -61.12 20.40
N GLN C 764 11.13 -60.67 21.42
CA GLN C 764 12.59 -60.65 21.38
C GLN C 764 13.16 -62.06 21.31
N ILE C 765 12.55 -62.98 22.06
CA ILE C 765 12.95 -64.39 22.03
C ILE C 765 12.62 -65.00 20.68
N GLU C 766 11.37 -64.85 20.27
CA GLU C 766 10.91 -65.28 18.95
C GLU C 766 11.96 -64.94 17.90
N PHE C 767 12.54 -63.76 18.01
CA PHE C 767 13.58 -63.33 17.10
C PHE C 767 14.84 -64.18 17.26
N ALA C 768 15.32 -64.29 18.49
CA ALA C 768 16.55 -64.99 18.78
C ALA C 768 16.48 -66.44 18.32
N LEU C 769 15.35 -67.09 18.58
CA LEU C 769 15.13 -68.47 18.17
C LEU C 769 15.25 -68.65 16.66
N CYS C 770 14.71 -67.71 15.90
CA CYS C 770 14.76 -67.78 14.44
C CYS C 770 16.12 -67.37 13.89
N ARG C 771 16.98 -66.87 14.76
CA ARG C 771 18.29 -66.37 14.35
C ARG C 771 19.42 -67.40 14.51
N THR C 772 19.08 -68.59 15.01
CA THR C 772 20.07 -69.63 15.22
C THR C 772 20.53 -70.21 13.88
N GLN C 773 21.72 -70.80 13.87
CA GLN C 773 22.28 -71.38 12.65
C GLN C 773 21.99 -72.88 12.56
N ASN C 774 21.38 -73.42 13.60
CA ASN C 774 20.98 -74.83 13.62
C ASN C 774 19.81 -75.08 12.69
N LYS C 775 20.08 -75.65 11.52
CA LYS C 775 19.07 -75.81 10.48
C LYS C 775 17.90 -76.70 10.88
N GLU C 776 18.16 -77.78 11.61
CA GLU C 776 17.06 -78.67 12.01
C GLU C 776 16.27 -78.05 13.15
N LYS C 777 16.91 -77.16 13.92
CA LYS C 777 16.22 -76.43 14.97
C LYS C 777 15.37 -75.32 14.37
N LEU C 778 15.68 -74.95 13.13
CA LEU C 778 14.91 -73.95 12.39
C LEU C 778 13.75 -74.61 11.68
N GLN C 779 14.05 -75.65 10.91
CA GLN C 779 13.03 -76.43 10.25
C GLN C 779 12.03 -76.92 11.29
N TRP C 780 12.53 -77.18 12.49
CA TRP C 780 11.71 -77.64 13.59
C TRP C 780 10.69 -76.59 13.99
N LEU C 781 11.17 -75.38 14.23
CA LEU C 781 10.27 -74.26 14.57
C LEU C 781 9.16 -74.12 13.54
N LEU C 782 9.50 -74.37 12.27
CA LEU C 782 8.55 -74.20 11.18
C LEU C 782 7.36 -75.14 11.30
N ASP C 783 7.63 -76.43 11.46
CA ASP C 783 6.58 -77.45 11.56
C ASP C 783 5.70 -77.23 12.79
N GLU C 784 6.34 -77.14 13.95
CA GLU C 784 5.62 -77.06 15.22
C GLU C 784 4.69 -75.85 15.29
N SER C 785 5.12 -74.73 14.71
CA SER C 785 4.30 -73.53 14.68
C SER C 785 3.21 -73.69 13.63
N PHE C 786 3.23 -74.81 12.94
CA PHE C 786 2.18 -75.15 11.98
C PHE C 786 1.22 -76.11 12.68
N LYS C 787 1.74 -76.81 13.69
CA LYS C 787 0.93 -77.73 14.49
C LYS C 787 0.01 -76.96 15.41
N GLY C 788 -1.02 -77.64 15.92
CA GLY C 788 -1.96 -77.05 16.84
C GLY C 788 -1.45 -76.99 18.26
N ASP C 789 -0.74 -78.04 18.67
CA ASP C 789 -0.30 -78.21 20.04
C ASP C 789 0.45 -77.02 20.60
N LYS C 790 1.55 -76.66 19.96
CA LYS C 790 2.50 -75.70 20.53
C LYS C 790 2.20 -74.24 20.16
N ILE C 791 1.79 -74.02 18.91
CA ILE C 791 1.36 -72.70 18.46
C ILE C 791 0.89 -72.79 17.02
N LYS C 792 -0.07 -71.95 16.63
CA LYS C 792 -0.75 -72.15 15.36
C LYS C 792 -0.80 -70.95 14.44
N THR C 793 -1.93 -70.27 14.45
CA THR C 793 -2.23 -69.21 13.49
C THR C 793 -1.66 -67.88 13.93
N GLN C 794 -1.61 -67.66 15.24
CA GLN C 794 -1.28 -66.36 15.79
C GLN C 794 0.17 -65.94 15.58
N GLU C 795 1.04 -66.88 15.24
CA GLU C 795 2.46 -66.56 15.16
C GLU C 795 3.22 -67.09 13.94
N PHE C 796 2.82 -68.25 13.42
CA PHE C 796 3.54 -68.86 12.32
C PHE C 796 4.00 -67.87 11.23
N PRO C 797 3.07 -67.05 10.72
CA PRO C 797 3.41 -66.10 9.66
C PRO C 797 4.71 -65.37 9.92
N GLN C 798 4.92 -64.97 11.18
CA GLN C 798 6.04 -64.10 11.54
C GLN C 798 7.34 -64.87 11.77
N ILE C 799 7.21 -66.13 12.12
CA ILE C 799 8.38 -67.00 12.27
C ILE C 799 8.95 -67.27 10.89
N LEU C 800 8.05 -67.57 9.96
CA LEU C 800 8.42 -67.88 8.58
C LEU C 800 9.35 -66.82 8.01
N THR C 801 8.88 -65.57 8.02
CA THR C 801 9.65 -64.46 7.48
C THR C 801 10.98 -64.29 8.21
N LEU C 802 10.94 -64.33 9.54
CA LEU C 802 12.16 -64.20 10.34
C LEU C 802 13.24 -65.18 9.94
N ILE C 803 12.84 -66.41 9.64
CA ILE C 803 13.76 -67.45 9.20
C ILE C 803 14.14 -67.19 7.73
N GLY C 804 13.22 -66.57 7.00
CA GLY C 804 13.48 -66.15 5.64
C GLY C 804 14.45 -64.98 5.58
N ARG C 805 14.88 -64.52 6.76
CA ARG C 805 15.87 -63.45 6.84
C ARG C 805 17.16 -63.92 7.47
N ASN C 806 17.13 -65.14 8.01
CA ASN C 806 18.34 -65.82 8.46
C ASN C 806 19.10 -66.29 7.23
N PRO C 807 20.37 -65.87 7.09
CA PRO C 807 21.18 -66.18 5.91
C PRO C 807 21.31 -67.68 5.64
N VAL C 808 20.97 -68.50 6.63
CA VAL C 808 21.12 -69.95 6.50
C VAL C 808 19.76 -70.63 6.54
N GLY C 809 18.72 -69.85 6.83
CA GLY C 809 17.37 -70.40 6.92
C GLY C 809 16.45 -69.97 5.80
N TYR C 810 16.86 -68.98 5.02
CA TYR C 810 16.03 -68.48 3.93
C TYR C 810 15.65 -69.56 2.92
N PRO C 811 16.55 -70.52 2.66
CA PRO C 811 16.19 -71.64 1.77
C PRO C 811 15.10 -72.51 2.37
N LEU C 812 15.16 -72.74 3.68
CA LEU C 812 14.18 -73.58 4.36
C LEU C 812 12.78 -72.99 4.27
N ALA C 813 12.65 -71.72 4.67
CA ALA C 813 11.36 -71.04 4.62
C ALA C 813 10.80 -71.02 3.20
N TRP C 814 11.69 -71.13 2.22
CA TRP C 814 11.30 -71.16 0.82
C TRP C 814 10.86 -72.57 0.43
N GLN C 815 11.73 -73.55 0.69
CA GLN C 815 11.42 -74.96 0.42
C GLN C 815 10.23 -75.42 1.25
N PHE C 816 9.76 -74.57 2.16
CA PHE C 816 8.64 -74.89 3.02
C PHE C 816 7.35 -74.30 2.48
N LEU C 817 7.43 -73.03 2.07
CA LEU C 817 6.28 -72.38 1.45
C LEU C 817 5.86 -73.16 0.20
N ARG C 818 6.82 -73.77 -0.46
CA ARG C 818 6.55 -74.54 -1.66
C ARG C 818 5.87 -75.86 -1.31
N LYS C 819 6.53 -76.66 -0.48
CA LYS C 819 5.96 -77.93 -0.04
C LYS C 819 4.57 -77.74 0.52
N ASN C 820 4.52 -77.12 1.70
CA ASN C 820 3.29 -77.00 2.46
C ASN C 820 2.31 -75.99 1.92
N TRP C 821 2.54 -75.55 0.69
CA TRP C 821 1.70 -74.52 0.06
C TRP C 821 0.21 -74.85 0.09
N ASN C 822 -0.13 -76.05 -0.39
CA ASN C 822 -1.52 -76.48 -0.46
C ASN C 822 -2.25 -76.41 0.87
N LYS C 823 -1.73 -77.10 1.89
CA LYS C 823 -2.35 -77.10 3.20
C LYS C 823 -2.14 -75.76 3.90
N LEU C 824 -1.25 -74.94 3.34
CA LEU C 824 -0.90 -73.66 3.94
C LEU C 824 -1.93 -72.58 3.60
N VAL C 825 -2.25 -72.47 2.31
CA VAL C 825 -3.27 -71.53 1.87
C VAL C 825 -4.56 -71.78 2.63
N GLN C 826 -4.68 -72.99 3.16
CA GLN C 826 -5.84 -73.38 3.96
C GLN C 826 -6.13 -72.35 5.04
N LYS C 827 -5.11 -71.56 5.37
CA LYS C 827 -5.26 -70.49 6.37
C LYS C 827 -4.54 -69.21 5.95
N SER C 832 -6.29 -64.41 2.93
CA SER C 832 -5.45 -64.17 1.76
C SER C 832 -5.03 -62.72 1.63
N SER C 833 -5.25 -61.94 2.69
CA SER C 833 -4.90 -60.53 2.69
C SER C 833 -3.74 -60.23 3.64
N SER C 834 -3.56 -61.10 4.63
CA SER C 834 -2.49 -60.93 5.60
C SER C 834 -1.39 -61.95 5.39
N ILE C 835 -1.65 -62.92 4.52
CA ILE C 835 -0.67 -63.95 4.24
C ILE C 835 0.32 -63.50 3.17
N ALA C 836 0.01 -62.37 2.54
CA ALA C 836 0.90 -61.78 1.55
C ALA C 836 2.25 -61.48 2.19
N HIS C 837 2.21 -61.03 3.44
CA HIS C 837 3.43 -60.73 4.19
C HIS C 837 4.38 -61.92 4.20
N MET C 838 3.81 -63.12 4.17
CA MET C 838 4.61 -64.34 4.16
C MET C 838 5.28 -64.56 2.81
N VAL C 839 4.58 -64.16 1.75
CA VAL C 839 5.08 -64.36 0.40
C VAL C 839 6.18 -63.37 0.04
N MET C 840 6.03 -62.13 0.51
CA MET C 840 7.10 -61.15 0.37
C MET C 840 8.27 -61.57 1.23
N GLY C 841 8.04 -61.74 2.52
CA GLY C 841 9.09 -62.07 3.47
C GLY C 841 9.95 -63.26 3.10
N THR C 842 9.51 -64.04 2.10
CA THR C 842 10.21 -65.26 1.73
C THR C 842 10.98 -65.14 0.42
N THR C 843 10.62 -64.13 -0.39
CA THR C 843 11.22 -63.98 -1.71
C THR C 843 11.68 -62.54 -1.96
N ASN C 844 11.26 -61.65 -1.08
CA ASN C 844 11.50 -60.20 -1.21
C ASN C 844 12.94 -59.78 -1.48
N GLN C 845 13.90 -60.64 -1.14
CA GLN C 845 15.31 -60.26 -1.22
C GLN C 845 16.18 -61.17 -2.09
N PHE C 846 15.60 -61.71 -3.15
CA PHE C 846 16.38 -62.45 -4.14
C PHE C 846 16.91 -61.48 -5.19
N SER C 847 18.04 -61.81 -5.80
CA SER C 847 18.69 -60.92 -6.76
C SER C 847 19.19 -61.65 -8.01
N THR C 848 19.04 -62.97 -8.02
CA THR C 848 19.50 -63.79 -9.14
C THR C 848 18.43 -63.92 -10.22
N ARG C 849 18.87 -64.13 -11.46
CA ARG C 849 17.94 -64.34 -12.55
C ARG C 849 17.30 -65.71 -12.43
N THR C 850 18.10 -66.70 -12.03
CA THR C 850 17.64 -68.07 -11.88
C THR C 850 16.64 -68.17 -10.73
N ARG C 851 16.80 -67.30 -9.73
CA ARG C 851 15.88 -67.26 -8.60
C ARG C 851 14.50 -66.79 -9.03
N LEU C 852 14.40 -66.24 -10.24
CA LEU C 852 13.11 -65.84 -10.79
C LEU C 852 12.40 -67.03 -11.42
N GLU C 853 13.16 -67.83 -12.17
CA GLU C 853 12.61 -69.00 -12.83
C GLU C 853 11.82 -69.87 -11.86
N GLU C 854 12.21 -69.81 -10.59
CA GLU C 854 11.52 -70.54 -9.54
C GLU C 854 10.16 -69.94 -9.22
N VAL C 855 10.18 -68.75 -8.62
CA VAL C 855 8.96 -68.04 -8.25
C VAL C 855 7.95 -68.12 -9.39
N LYS C 856 8.46 -68.16 -10.62
CA LYS C 856 7.62 -68.30 -11.80
C LYS C 856 6.97 -69.69 -11.85
N CYS C 871 -2.26 -60.62 -6.04
CA CYS C 871 -2.01 -60.02 -4.74
C CYS C 871 -0.52 -59.76 -4.55
N VAL C 872 0.23 -60.84 -4.38
CA VAL C 872 1.68 -60.77 -4.27
C VAL C 872 2.29 -60.43 -5.64
N GLN C 873 1.59 -59.57 -6.36
CA GLN C 873 2.08 -59.12 -7.66
C GLN C 873 3.28 -58.19 -7.46
N GLN C 874 3.32 -57.51 -6.32
CA GLN C 874 4.40 -56.59 -6.01
C GLN C 874 5.74 -57.30 -5.83
N THR C 875 5.70 -58.45 -5.16
CA THR C 875 6.91 -59.22 -4.90
C THR C 875 7.61 -59.57 -6.20
N ILE C 876 6.83 -59.76 -7.26
CA ILE C 876 7.39 -60.07 -8.57
C ILE C 876 8.23 -58.93 -9.09
N GLU C 877 7.71 -57.71 -9.00
CA GLU C 877 8.44 -56.52 -9.39
C GLU C 877 9.73 -56.37 -8.60
N THR C 878 9.60 -56.35 -7.28
CA THR C 878 10.72 -56.03 -6.39
C THR C 878 11.97 -56.90 -6.64
N ILE C 879 11.77 -58.17 -6.95
CA ILE C 879 12.90 -59.01 -7.27
C ILE C 879 13.57 -58.54 -8.56
N GLU C 880 12.75 -58.24 -9.58
CA GLU C 880 13.24 -57.68 -10.83
C GLU C 880 14.17 -56.50 -10.52
N GLU C 881 13.74 -55.63 -9.61
CA GLU C 881 14.53 -54.47 -9.23
C GLU C 881 15.83 -54.89 -8.53
N ASN C 882 15.74 -55.87 -7.63
CA ASN C 882 16.92 -56.40 -6.97
C ASN C 882 17.99 -56.80 -7.99
N ILE C 883 17.58 -57.61 -8.96
CA ILE C 883 18.47 -58.07 -10.01
C ILE C 883 19.09 -56.89 -10.76
N GLY C 884 18.25 -55.91 -11.10
CA GLY C 884 18.72 -54.72 -11.80
C GLY C 884 19.80 -54.02 -11.00
N TRP C 885 19.47 -53.64 -9.77
CA TRP C 885 20.42 -53.02 -8.87
C TRP C 885 21.72 -53.82 -8.79
N MET C 886 21.61 -55.14 -8.83
CA MET C 886 22.76 -56.03 -8.74
C MET C 886 23.60 -56.07 -10.01
N ASP C 887 22.95 -56.33 -11.14
CA ASP C 887 23.63 -56.41 -12.42
C ASP C 887 24.39 -55.12 -12.70
N LYS C 888 24.09 -54.10 -11.90
CA LYS C 888 24.67 -52.77 -12.10
C LYS C 888 25.70 -52.40 -11.04
N ASN C 889 25.41 -52.73 -9.78
CA ASN C 889 26.24 -52.26 -8.67
C ASN C 889 27.21 -53.30 -8.06
N PHE C 890 26.85 -54.58 -8.16
CA PHE C 890 27.67 -55.63 -7.55
C PHE C 890 29.14 -55.53 -7.95
N ASP C 891 29.39 -55.47 -9.25
CA ASP C 891 30.75 -55.43 -9.76
C ASP C 891 31.51 -54.23 -9.20
N LYS C 892 30.84 -53.08 -9.19
CA LYS C 892 31.46 -51.86 -8.67
C LYS C 892 31.76 -51.97 -7.18
N ILE C 893 30.83 -52.55 -6.42
CA ILE C 893 31.02 -52.74 -4.99
C ILE C 893 32.16 -53.73 -4.73
N ARG C 894 32.26 -54.74 -5.59
CA ARG C 894 33.34 -55.71 -5.47
C ARG C 894 34.71 -55.03 -5.55
N VAL C 895 34.87 -54.15 -6.53
CA VAL C 895 36.12 -53.42 -6.72
C VAL C 895 36.34 -52.36 -5.65
N TRP C 896 35.28 -51.65 -5.31
CA TRP C 896 35.32 -50.63 -4.27
C TRP C 896 35.90 -51.21 -2.98
N LEU C 897 35.44 -52.41 -2.64
CA LEU C 897 35.82 -53.06 -1.39
C LEU C 897 37.31 -53.44 -1.31
N GLN C 898 38.04 -53.19 -2.39
CA GLN C 898 39.48 -53.45 -2.39
C GLN C 898 40.27 -52.20 -2.80
C1 NAG D . 53.44 -15.58 -34.11
C2 NAG D . 54.04 -16.22 -32.86
C3 NAG D . 55.54 -16.39 -33.00
C4 NAG D . 55.94 -17.18 -34.18
C5 NAG D . 55.39 -16.40 -35.36
C6 NAG D . 55.83 -16.85 -36.76
C7 NAG D . 52.74 -15.20 -31.05
C8 NAG D . 52.77 -14.32 -29.80
N2 NAG D . 53.90 -15.40 -31.65
O3 NAG D . 55.86 -17.27 -31.92
O4 NAG D . 57.33 -17.00 -34.23
O5 NAG D . 53.93 -16.26 -35.29
O6 NAG D . 55.22 -15.97 -37.69
O7 NAG D . 51.70 -15.74 -31.40
C1 NAG D . 58.12 -18.24 -34.23
C2 NAG D . 59.45 -17.79 -34.81
C3 NAG D . 60.35 -18.98 -34.77
C4 NAG D . 60.45 -19.42 -33.32
C5 NAG D . 59.07 -19.80 -32.76
C6 NAG D . 58.81 -19.98 -31.26
C7 NAG D . 60.07 -16.38 -36.72
C8 NAG D . 59.71 -15.98 -38.16
N2 NAG D . 59.26 -17.28 -36.18
O3 NAG D . 61.63 -18.60 -35.27
O4 NAG D . 61.22 -20.62 -33.29
O5 NAG D . 58.24 -18.64 -32.87
O6 NAG D . 59.05 -18.77 -30.55
O7 NAG D . 61.05 -15.89 -36.15
C1 BMA D . 62.63 -20.50 -33.24
C2 BMA D . 62.83 -21.53 -32.14
C3 BMA D . 64.33 -21.74 -31.89
C4 BMA D . 65.05 -21.98 -33.20
C5 BMA D . 64.73 -20.89 -34.20
C6 BMA D . 65.46 -21.11 -35.51
O2 BMA D . 62.23 -22.77 -32.54
O3 BMA D . 64.55 -22.86 -31.02
O4 BMA D . 66.46 -22.04 -32.97
O5 BMA D . 63.32 -20.90 -34.42
O6 BMA D . 65.21 -19.99 -36.40
C1 MAN D . 63.56 -22.90 -30.07
C2 MAN D . 64.04 -22.47 -28.69
C3 MAN D . 65.24 -23.32 -28.32
C4 MAN D . 64.79 -24.78 -28.30
C5 MAN D . 64.28 -25.17 -29.70
C6 MAN D . 63.83 -26.63 -29.71
O2 MAN D . 63.00 -22.57 -27.72
O3 MAN D . 65.68 -22.96 -27.01
O4 MAN D . 65.91 -25.60 -27.94
O5 MAN D . 63.17 -24.31 -30.07
O6 MAN D . 62.78 -26.85 -28.78
C1 MAN D . 64.33 -20.60 -37.42
C2 MAN D . 65.22 -20.78 -38.66
C3 MAN D . 66.04 -19.53 -38.85
C4 MAN D . 65.13 -18.33 -39.05
C5 MAN D . 64.22 -18.21 -37.86
C6 MAN D . 63.36 -16.99 -38.13
O2 MAN D . 64.46 -21.09 -39.82
O3 MAN D . 66.73 -19.68 -40.08
O4 MAN D . 65.96 -17.18 -39.23
O5 MAN D . 63.45 -19.46 -37.65
O6 MAN D . 62.67 -17.15 -39.37
C1 NAG E . -26.90 60.17 -4.87
C2 NAG E . -25.59 60.85 -5.28
C3 NAG E . -25.57 62.32 -4.90
C4 NAG E . -26.76 63.03 -5.50
C5 NAG E . -28.03 62.38 -4.95
C6 NAG E . -29.35 63.04 -5.36
C7 NAG E . -23.84 59.16 -5.19
C8 NAG E . -22.63 58.63 -4.43
N2 NAG E . -24.41 60.23 -4.66
O3 NAG E . -24.38 62.93 -5.40
O4 NAG E . -26.67 64.41 -5.14
O5 NAG E . -28.01 60.96 -5.34
O6 NAG E . -30.44 62.32 -4.76
O7 NAG E . -24.25 58.61 -6.20
C1 NAG E . -26.89 65.53 -4.24
C2 NAG E . -27.07 66.28 -2.94
C3 NAG E . -27.41 67.71 -3.30
C4 NAG E . -26.21 68.21 -4.10
C5 NAG E . -25.99 67.37 -5.38
C6 NAG E . -24.71 67.45 -6.23
C7 NAG E . -28.19 65.70 -0.83
C8 NAG E . -29.36 64.92 -0.21
N2 NAG E . -28.12 65.62 -2.16
O3 NAG E . -27.57 68.48 -2.11
O4 NAG E . -26.52 69.55 -4.51
O5 NAG E . -25.77 66.02 -4.96
O6 NAG E . -23.55 67.06 -5.48
O7 NAG E . -27.42 66.35 -0.13
C1 NAG F . -32.93 -45.92 32.60
C2 NAG F . -33.31 -44.75 33.48
C3 NAG F . -33.18 -45.13 34.94
C4 NAG F . -34.04 -46.27 35.28
C5 NAG F . -33.57 -47.40 34.39
C6 NAG F . -34.34 -48.67 34.73
C7 NAG F . -32.24 -42.82 32.39
C8 NAG F . -31.20 -41.73 32.63
N2 NAG F . -32.39 -43.63 33.42
O3 NAG F . -33.73 -44.01 35.66
O4 NAG F . -33.55 -46.59 36.52
O5 NAG F . -33.70 -47.11 32.99
O6 NAG F . -33.85 -49.70 33.87
O7 NAG F . -32.92 -42.86 31.38
C1 NAG F . -34.03 -47.17 37.80
C2 NAG F . -32.92 -47.66 38.68
C3 NAG F . -33.63 -48.09 39.94
C4 NAG F . -34.32 -46.85 40.48
C5 NAG F . -35.34 -46.28 39.47
C6 NAG F . -35.92 -44.87 39.58
C7 NAG F . -30.96 -49.11 38.36
C8 NAG F . -30.39 -50.28 37.57
N2 NAG F . -32.20 -48.77 38.04
O3 NAG F . -32.67 -48.58 40.88
O4 NAG F . -35.08 -47.28 41.59
O5 NAG F . -34.62 -45.96 38.28
O6 NAG F . -34.88 -43.90 39.48
O7 NAG F . -30.30 -48.55 39.24
C1 BMA F . -34.39 -47.26 42.84
C2 BMA F . -35.48 -46.52 43.60
C3 BMA F . -35.18 -46.56 45.10
C4 BMA F . -34.87 -47.99 45.54
C5 BMA F . -33.77 -48.58 44.67
C6 BMA F . -33.41 -49.99 45.15
O2 BMA F . -36.75 -47.13 43.32
O3 BMA F . -36.32 -46.08 45.83
O4 BMA F . -34.46 -48.01 46.92
O5 BMA F . -34.23 -48.60 43.32
O6 BMA F . -32.30 -50.48 44.38
C1 MAN F . -37.03 -45.12 45.14
C2 MAN F . -36.82 -43.76 45.78
C3 MAN F . -37.19 -43.82 47.24
C4 MAN F . -38.65 -44.22 47.33
C5 MAN F . -38.83 -45.60 46.66
C6 MAN F . -40.28 -46.01 46.72
O2 MAN F . -37.63 -42.78 45.11
O3 MAN F . -37.01 -42.54 47.84
O4 MAN F . -39.07 -44.30 48.70
O5 MAN F . -38.43 -45.52 45.27
O6 MAN F . -41.08 -45.05 46.03
C1 MAN F . -32.86 -51.56 43.55
C2 MAN F . -32.36 -52.86 44.18
C3 MAN F . -30.86 -52.70 44.46
C4 MAN F . -30.14 -52.45 43.15
C5 MAN F . -30.71 -51.18 42.49
C6 MAN F . -29.93 -50.94 41.19
O2 MAN F . -32.62 -54.00 43.35
O3 MAN F . -30.36 -53.91 45.02
O4 MAN F . -28.75 -52.30 43.45
O5 MAN F . -32.15 -51.33 42.30
O6 MAN F . -30.03 -52.07 40.31
ZN ZN G . 29.49 6.07 -20.43
N2 BES H . 31.54 3.92 -23.26
C1 BES H . 31.41 5.38 -23.39
C6 BES H . 32.02 5.84 -24.72
C7 BES H . 31.35 5.10 -25.86
C8 BES H . 32.12 4.29 -26.69
C12 BES H . 29.99 5.22 -26.06
C9 BES H . 31.51 3.59 -27.73
C11 BES H . 29.38 4.53 -27.10
C10 BES H . 30.14 3.72 -27.94
C2 BES H . 32.09 6.06 -22.22
O2 BES H . 31.55 5.55 -21.00
C3 BES H . 31.94 7.59 -22.24
O3 BES H . 30.85 8.12 -22.06
N1 BES H . 33.07 8.27 -22.47
C4 BES H . 33.06 9.74 -22.52
C13 BES H . 33.33 10.24 -21.11
C14 BES H . 33.32 11.77 -21.03
C15 BES H . 31.96 12.32 -21.45
C16 BES H . 33.69 12.27 -19.64
C5 BES H . 34.17 10.22 -23.47
O1 BES H . 35.05 9.39 -23.77
O4 BES H . 34.11 11.40 -23.87
C1 NAG I . 43.20 -12.02 -43.72
C2 NAG I . 42.44 -13.26 -44.21
C3 NAG I . 43.09 -13.94 -45.42
C4 NAG I . 43.20 -12.92 -46.55
C5 NAG I . 44.07 -11.76 -46.05
C6 NAG I . 44.26 -10.75 -47.19
C7 NAG I . 41.12 -14.63 -42.65
C8 NAG I . 39.94 -14.03 -43.39
N2 NAG I . 42.32 -14.22 -43.09
O3 NAG I . 42.30 -15.04 -45.87
O4 NAG I . 43.77 -13.53 -47.73
O5 NAG I . 43.43 -11.15 -44.89
O6 NAG I . 45.08 -9.67 -46.73
O7 NAG I . 40.96 -15.40 -41.71
C1 NAG J . 66.38 32.08 -23.81
C2 NAG J . 67.61 31.23 -23.36
C3 NAG J . 67.42 29.73 -23.66
C4 NAG J . 66.18 29.28 -22.94
C5 NAG J . 64.99 30.06 -23.41
C6 NAG J . 63.78 29.53 -22.63
C7 NAG J . 69.92 32.02 -23.39
C8 NAG J . 69.81 31.88 -21.87
N2 NAG J . 68.82 31.68 -24.05
O3 NAG J . 68.55 28.97 -23.26
O4 NAG J . 65.98 27.87 -23.20
O5 NAG J . 65.20 31.47 -23.16
O6 NAG J . 62.60 30.22 -23.01
O7 NAG J . 70.96 32.38 -23.93
ZN ZN K . -24.00 27.51 6.36
N2 BES L . -25.09 31.23 3.81
C1 BES L . -26.13 30.53 4.56
C6 BES L . -27.40 31.36 4.66
C7 BES L . -27.94 31.77 3.30
C8 BES L . -28.22 33.11 3.10
C12 BES L . -28.15 30.85 2.29
C9 BES L . -28.71 33.55 1.88
C11 BES L . -28.65 31.28 1.07
C10 BES L . -28.94 32.63 0.86
C2 BES L . -25.63 30.24 5.97
O2 BES L . -24.41 29.51 5.91
C3 BES L . -26.68 29.47 6.75
O3 BES L . -26.97 28.31 6.46
N1 BES L . -27.26 30.15 7.74
C4 BES L . -28.29 29.51 8.56
C13 BES L . -27.56 28.67 9.62
C14 BES L . -28.57 27.92 10.47
C15 BES L . -29.42 26.99 9.59
C16 BES L . -27.88 27.15 11.59
C5 BES L . -29.14 30.59 9.23
O1 BES L . -28.64 31.74 9.30
O4 BES L . -30.25 30.25 9.69
C1 NAG M . -35.49 50.29 -13.02
C2 NAG M . -36.74 51.06 -13.49
C3 NAG M . -36.97 50.88 -14.99
C4 NAG M . -35.73 51.32 -15.75
C5 NAG M . -34.57 50.46 -15.27
C6 NAG M . -33.21 50.78 -15.92
C7 NAG M . -38.75 51.44 -12.10
C8 NAG M . -38.27 52.88 -12.05
N2 NAG M . -37.96 50.61 -12.81
O3 NAG M . -38.08 51.65 -15.41
O4 NAG M . -35.96 51.16 -17.16
O5 NAG M . -34.35 50.64 -13.86
O6 NAG M . -32.23 49.90 -15.37
O7 NAG M . -39.80 51.08 -11.55
ZN ZN N . -5.58 -33.37 14.27
N2 BES O . -9.71 -35.77 14.48
C1 BES O . -8.48 -36.52 14.22
C6 BES O . -8.76 -38.03 14.20
C7 BES O . -9.84 -38.33 13.16
C8 BES O . -11.04 -38.93 13.56
C12 BES O . -9.66 -38.01 11.82
C9 BES O . -12.03 -39.20 12.64
C11 BES O . -10.65 -38.28 10.89
C10 BES O . -11.83 -38.89 11.30
C2 BES O . -7.44 -36.12 15.26
O2 BES O . -7.31 -34.69 15.27
C3 BES O . -6.07 -36.74 15.00
O3 BES O . -5.33 -36.26 14.16
N1 BES O . -5.76 -37.83 15.72
C4 BES O . -4.47 -38.46 15.50
C13 BES O . -3.46 -37.68 16.34
C14 BES O . -2.04 -38.22 16.18
C15 BES O . -1.60 -38.14 14.72
C16 BES O . -1.07 -37.48 17.10
C5 BES O . -4.49 -39.93 15.95
O1 BES O . -5.36 -40.26 16.79
O4 BES O . -3.64 -40.69 15.44
#